data_9E6B
#
_entry.id   9E6B
#
_cell.length_a   1.00
_cell.length_b   1.00
_cell.length_c   1.00
_cell.angle_alpha   90.00
_cell.angle_beta   90.00
_cell.angle_gamma   90.00
#
_symmetry.space_group_name_H-M   'P 1'
#
loop_
_entity.id
_entity.type
_entity.pdbx_description
1 polymer 'Chemotactile receptor CRT1'
2 non-polymer 2-acetamido-2-deoxy-beta-D-glucopyranose
3 non-polymer Norharmane
#
_entity_poly.entity_id   1
_entity_poly.type   'polypeptide(L)'
_entity_poly.pdbx_seq_one_letter_code
;MIFVIYLVFILISSIPIVKSTPTYGDERLLREKLLTNYSKSIRPVINLTKVVDVTALLYLQTLYDLDFVNNFIMARYYLG
LIWIDEKLTWNPLDYNNITSIYLPKDKIWTPPIKMCNSMDKSEENDGVGELMLTYTGWINMWSFRLLHTYCQINAYTYPF
DEHTCEIYLCVALHTINHTRIKELIYEDSKFTQNYKWDINVSGKVNGTDELFSYAFAPMYLRRKLTVGIIAMLIPTVMMT
ILTIFVFLLPPESGEKVSLATTIFLSNVLYLVQIDKTTPTNTKYPSLLMLYLMLLSMLSGIATLGSVVISKLYVIQSPSL
RKSNPSDQNMNKSHTNKVADISTISKVQSDLPIREKPNEKRIYCISDYIRLDDIFLKLSIATSVIISMIFTCLLFIPLES
SAWSHPQFEK
;
_entity_poly.pdbx_strand_id   A,B,C,D,E
#
loop_
_chem_comp.id
_chem_comp.type
_chem_comp.name
_chem_comp.formula
NAG D-saccharide, beta linking 2-acetamido-2-deoxy-beta-D-glucopyranose 'C8 H15 N O6'
NRH non-polymer Norharmane 'C11 H8 N2'
#
# COMPACT_ATOMS: atom_id res chain seq x y z
N THR A 21 -10.14 44.01 -28.76
CA THR A 21 -10.10 42.59 -28.28
C THR A 21 -9.76 42.57 -26.79
N PRO A 22 -10.21 41.54 -26.07
CA PRO A 22 -9.90 41.49 -24.63
C PRO A 22 -8.42 41.27 -24.41
N THR A 23 -7.91 41.85 -23.31
CA THR A 23 -6.48 41.82 -23.00
C THR A 23 -6.25 41.31 -21.59
N TYR A 24 -4.97 41.11 -21.29
CA TYR A 24 -4.57 40.64 -19.96
C TYR A 24 -4.96 41.65 -18.91
N GLY A 25 -4.78 42.93 -19.18
CA GLY A 25 -5.20 43.94 -18.22
C GLY A 25 -6.70 43.95 -18.02
N ASP A 26 -7.45 43.70 -19.08
CA ASP A 26 -8.90 43.63 -18.95
C ASP A 26 -9.32 42.49 -18.04
N GLU A 27 -8.72 41.31 -18.23
CA GLU A 27 -9.08 40.20 -17.36
C GLU A 27 -8.61 40.45 -15.93
N ARG A 28 -7.47 41.11 -15.75
CA ARG A 28 -7.01 41.44 -14.41
C ARG A 28 -7.99 42.38 -13.71
N LEU A 29 -8.47 43.40 -14.43
CA LEU A 29 -9.46 44.29 -13.85
C LEU A 29 -10.73 43.54 -13.50
N LEU A 30 -11.16 42.64 -14.38
CA LEU A 30 -12.39 41.90 -14.14
C LEU A 30 -12.25 41.06 -12.88
N ARG A 31 -11.15 40.32 -12.75
CA ARG A 31 -10.99 39.47 -11.58
C ARG A 31 -10.88 40.31 -10.30
N GLU A 32 -10.18 41.44 -10.38
CA GLU A 32 -10.01 42.29 -9.19
C GLU A 32 -11.35 42.82 -8.72
N LYS A 33 -12.22 43.24 -9.64
CA LYS A 33 -13.54 43.68 -9.20
C LYS A 33 -14.40 42.50 -8.78
N LEU A 34 -14.22 41.36 -9.43
CA LEU A 34 -15.08 40.21 -9.18
C LEU A 34 -14.90 39.67 -7.76
N LEU A 35 -13.65 39.59 -7.29
CA LEU A 35 -13.35 38.98 -6.00
C LEU A 35 -13.31 39.99 -4.87
N THR A 36 -13.82 41.20 -5.08
CA THR A 36 -13.64 42.28 -4.10
C THR A 36 -14.22 41.91 -2.73
N ASN A 37 -15.48 41.51 -2.67
CA ASN A 37 -16.18 41.23 -1.42
C ASN A 37 -16.69 39.80 -1.38
N TYR A 38 -15.98 38.88 -2.04
CA TYR A 38 -16.40 37.49 -2.10
C TYR A 38 -15.88 36.75 -0.87
N SER A 39 -16.79 36.08 -0.16
CA SER A 39 -16.43 35.21 0.94
C SER A 39 -16.56 33.78 0.48
N LYS A 40 -15.47 33.02 0.54
CA LYS A 40 -15.50 31.65 0.05
C LYS A 40 -16.45 30.79 0.84
N SER A 41 -16.73 31.15 2.09
CA SER A 41 -17.51 30.30 2.99
C SER A 41 -18.97 30.69 3.09
N ILE A 42 -19.38 31.80 2.48
CA ILE A 42 -20.77 32.24 2.46
C ILE A 42 -21.38 31.72 1.18
N ARG A 43 -22.53 31.04 1.28
CA ARG A 43 -23.12 30.42 0.11
C ARG A 43 -23.40 31.48 -0.95
N PRO A 44 -23.26 31.14 -2.24
CA PRO A 44 -23.36 32.18 -3.28
C PRO A 44 -24.80 32.47 -3.71
N VAL A 45 -25.55 33.15 -2.86
CA VAL A 45 -26.92 33.51 -3.17
C VAL A 45 -27.17 34.89 -2.60
N ILE A 46 -27.81 35.75 -3.40
CA ILE A 46 -28.17 37.08 -2.92
C ILE A 46 -29.08 36.97 -1.70
N ASN A 47 -30.14 36.17 -1.79
CA ASN A 47 -31.05 35.91 -0.69
C ASN A 47 -30.73 34.53 -0.13
N LEU A 48 -30.35 34.47 1.14
CA LEU A 48 -29.91 33.19 1.71
C LEU A 48 -31.04 32.18 1.85
N THR A 49 -32.29 32.58 1.66
CA THR A 49 -33.41 31.65 1.79
C THR A 49 -33.54 30.71 0.60
N LYS A 50 -32.92 31.04 -0.53
CA LYS A 50 -32.98 30.20 -1.72
C LYS A 50 -31.85 29.19 -1.69
N VAL A 51 -32.09 28.03 -2.30
CA VAL A 51 -31.12 26.95 -2.36
C VAL A 51 -30.28 27.12 -3.61
N VAL A 52 -29.09 26.52 -3.59
CA VAL A 52 -28.23 26.41 -4.77
C VAL A 52 -28.44 25.03 -5.37
N ASP A 53 -28.94 24.99 -6.60
CA ASP A 53 -29.22 23.73 -7.27
C ASP A 53 -27.97 23.28 -8.02
N VAL A 54 -27.43 22.15 -7.61
CA VAL A 54 -26.23 21.57 -8.21
C VAL A 54 -26.66 20.39 -9.05
N THR A 55 -26.24 20.39 -10.31
CA THR A 55 -26.42 19.24 -11.21
C THR A 55 -25.06 18.63 -11.46
N ALA A 56 -24.95 17.33 -11.19
CA ALA A 56 -23.70 16.60 -11.28
C ALA A 56 -23.67 15.77 -12.54
N LEU A 57 -22.49 15.69 -13.16
CA LEU A 57 -22.26 14.93 -14.38
C LEU A 57 -21.13 13.93 -14.12
N LEU A 58 -21.46 12.65 -14.10
CA LEU A 58 -20.51 11.58 -13.80
C LEU A 58 -20.32 10.71 -15.04
N TYR A 59 -19.35 11.07 -15.86
CA TYR A 59 -19.00 10.29 -17.05
C TYR A 59 -17.93 9.26 -16.67
N LEU A 60 -18.26 7.98 -16.80
CA LEU A 60 -17.27 6.95 -16.55
C LEU A 60 -16.25 6.95 -17.68
N GLN A 61 -15.01 6.59 -17.34
CA GLN A 61 -13.93 6.49 -18.32
C GLN A 61 -13.48 5.04 -18.52
N THR A 62 -13.02 4.38 -17.47
CA THR A 62 -12.57 3.00 -17.55
C THR A 62 -12.97 2.26 -16.28
N LEU A 63 -13.31 0.99 -16.43
CA LEU A 63 -13.61 0.11 -15.31
C LEU A 63 -12.38 -0.79 -15.14
N TYR A 64 -11.43 -0.32 -14.32
CA TYR A 64 -10.15 -1.01 -14.18
C TYR A 64 -10.33 -2.47 -13.80
N ASP A 65 -11.12 -2.74 -12.76
CA ASP A 65 -11.26 -4.09 -12.26
C ASP A 65 -12.49 -4.16 -11.38
N LEU A 66 -12.94 -5.38 -11.13
CA LEU A 66 -14.01 -5.66 -10.19
C LEU A 66 -13.44 -6.67 -9.19
N ASP A 67 -13.00 -6.18 -8.03
CA ASP A 67 -12.37 -7.03 -7.03
C ASP A 67 -13.46 -7.76 -6.25
N PHE A 68 -13.56 -9.08 -6.45
CA PHE A 68 -14.63 -9.83 -5.81
C PHE A 68 -14.38 -10.03 -4.33
N VAL A 69 -13.13 -10.29 -3.94
CA VAL A 69 -12.87 -10.64 -2.54
C VAL A 69 -13.08 -9.43 -1.64
N ASN A 70 -12.72 -8.24 -2.11
CA ASN A 70 -12.87 -7.02 -1.32
C ASN A 70 -14.19 -6.30 -1.55
N ASN A 71 -15.04 -6.78 -2.46
CA ASN A 71 -16.36 -6.20 -2.71
C ASN A 71 -16.28 -4.77 -3.22
N PHE A 72 -15.25 -4.45 -4.01
CA PHE A 72 -15.05 -3.11 -4.55
C PHE A 72 -15.05 -3.16 -6.06
N ILE A 73 -15.25 -1.99 -6.68
CA ILE A 73 -15.07 -1.81 -8.12
C ILE A 73 -14.15 -0.60 -8.30
N MET A 74 -13.10 -0.76 -9.10
CA MET A 74 -12.13 0.30 -9.34
C MET A 74 -12.40 0.91 -10.70
N ALA A 75 -12.63 2.23 -10.72
CA ALA A 75 -12.89 2.93 -11.97
C ALA A 75 -12.39 4.37 -11.85
N ARG A 76 -12.30 5.03 -13.01
CA ARG A 76 -11.91 6.42 -13.11
C ARG A 76 -13.02 7.18 -13.82
N TYR A 77 -13.54 8.23 -13.19
CA TYR A 77 -14.68 8.98 -13.70
C TYR A 77 -14.28 10.42 -13.96
N TYR A 78 -15.12 11.12 -14.72
CA TYR A 78 -14.94 12.54 -14.99
C TYR A 78 -16.00 13.34 -14.25
N LEU A 79 -16.03 13.25 -12.92
CA LEU A 79 -17.05 13.93 -12.13
C LEU A 79 -17.11 15.40 -12.47
N GLY A 80 -18.28 15.86 -12.87
CA GLY A 80 -18.53 17.27 -13.14
C GLY A 80 -19.58 17.81 -12.20
N LEU A 81 -19.45 19.07 -11.84
CA LEU A 81 -20.39 19.75 -10.97
C LEU A 81 -20.72 21.10 -11.58
N ILE A 82 -22.01 21.37 -11.74
CA ILE A 82 -22.48 22.63 -12.31
C ILE A 82 -23.49 23.24 -11.37
N TRP A 83 -23.34 24.52 -11.09
CA TRP A 83 -24.29 25.28 -10.32
C TRP A 83 -24.24 26.72 -10.82
N ILE A 84 -24.98 27.59 -10.15
CA ILE A 84 -25.10 28.99 -10.55
C ILE A 84 -24.71 29.86 -9.38
N ASP A 85 -23.80 30.80 -9.63
CA ASP A 85 -23.37 31.79 -8.65
C ASP A 85 -24.04 33.12 -8.98
N GLU A 86 -24.69 33.72 -7.99
CA GLU A 86 -25.38 34.97 -8.19
C GLU A 86 -24.52 36.19 -7.87
N LYS A 87 -23.38 36.01 -7.21
CA LYS A 87 -22.48 37.13 -6.91
C LYS A 87 -21.44 37.33 -8.00
N LEU A 88 -21.11 36.27 -8.75
CA LEU A 88 -20.05 36.31 -9.74
C LEU A 88 -20.67 36.49 -11.13
N THR A 89 -21.00 37.74 -11.45
CA THR A 89 -21.59 38.08 -12.73
C THR A 89 -20.99 39.39 -13.23
N TRP A 90 -21.14 39.64 -14.52
CA TRP A 90 -20.59 40.85 -15.13
C TRP A 90 -21.26 41.05 -16.49
N ASN A 91 -21.34 42.31 -16.89
CA ASN A 91 -21.75 42.62 -18.25
C ASN A 91 -20.54 42.49 -19.15
N PRO A 92 -20.46 41.51 -20.06
CA PRO A 92 -19.22 41.32 -20.83
C PRO A 92 -18.87 42.49 -21.73
N LEU A 93 -19.85 43.31 -22.12
CA LEU A 93 -19.54 44.48 -22.93
C LEU A 93 -18.75 45.53 -22.14
N ASP A 94 -18.78 45.46 -20.82
CA ASP A 94 -18.04 46.39 -19.98
C ASP A 94 -16.58 45.98 -19.79
N TYR A 95 -16.16 44.82 -20.30
CA TYR A 95 -14.80 44.31 -20.14
C TYR A 95 -14.27 43.76 -21.46
N ASN A 96 -14.55 44.46 -22.55
CA ASN A 96 -14.04 44.09 -23.88
C ASN A 96 -14.42 42.66 -24.25
N ASN A 97 -15.64 42.26 -23.90
CA ASN A 97 -16.23 41.01 -24.36
C ASN A 97 -15.59 39.78 -23.73
N ILE A 98 -15.02 39.91 -22.54
CA ILE A 98 -14.54 38.74 -21.82
C ILE A 98 -15.77 37.94 -21.37
N THR A 99 -15.95 36.75 -21.94
CA THR A 99 -17.13 35.93 -21.65
C THR A 99 -16.88 34.84 -20.62
N SER A 100 -15.63 34.52 -20.32
CA SER A 100 -15.36 33.48 -19.33
C SER A 100 -13.94 33.62 -18.84
N ILE A 101 -13.73 33.26 -17.57
CA ILE A 101 -12.42 33.25 -16.95
C ILE A 101 -12.22 31.92 -16.24
N TYR A 102 -10.99 31.69 -15.78
CA TYR A 102 -10.62 30.50 -15.04
C TYR A 102 -10.11 30.95 -13.68
N LEU A 103 -10.72 30.42 -12.62
CA LEU A 103 -10.38 30.78 -11.25
C LEU A 103 -9.76 29.59 -10.54
N PRO A 104 -8.85 29.79 -9.58
CA PRO A 104 -8.37 28.66 -8.79
C PRO A 104 -9.49 28.09 -7.94
N LYS A 105 -9.54 26.76 -7.87
CA LYS A 105 -10.67 26.08 -7.25
C LYS A 105 -10.82 26.43 -5.78
N ASP A 106 -9.75 26.84 -5.10
CA ASP A 106 -9.80 27.11 -3.67
C ASP A 106 -10.08 28.56 -3.32
N LYS A 107 -10.33 29.42 -4.31
CA LYS A 107 -10.70 30.81 -4.06
C LYS A 107 -12.19 31.04 -4.10
N ILE A 108 -12.99 30.06 -4.55
CA ILE A 108 -14.41 30.25 -4.81
C ILE A 108 -15.17 29.20 -4.00
N TRP A 109 -16.42 29.52 -3.68
CA TRP A 109 -17.26 28.55 -3.01
C TRP A 109 -17.51 27.36 -3.92
N THR A 110 -17.40 26.16 -3.35
CA THR A 110 -17.55 24.91 -4.06
C THR A 110 -18.48 24.03 -3.26
N PRO A 111 -19.53 23.45 -3.85
CA PRO A 111 -20.45 22.63 -3.07
C PRO A 111 -19.72 21.46 -2.44
N PRO A 112 -20.08 21.06 -1.22
CA PRO A 112 -19.29 20.03 -0.54
C PRO A 112 -19.70 18.61 -0.93
N ILE A 113 -19.59 18.31 -2.22
CA ILE A 113 -20.00 17.01 -2.72
C ILE A 113 -18.89 16.01 -2.43
N LYS A 114 -19.26 14.85 -1.93
CA LYS A 114 -18.34 13.78 -1.59
C LYS A 114 -18.80 12.49 -2.25
N MET A 115 -17.83 11.63 -2.59
CA MET A 115 -18.13 10.29 -3.08
C MET A 115 -18.51 9.41 -1.90
N CYS A 116 -19.71 9.68 -1.39
CA CYS A 116 -20.26 9.18 -0.14
C CYS A 116 -20.01 7.69 0.08
N ASN A 117 -20.17 6.90 -0.98
CA ASN A 117 -20.07 5.45 -0.92
C ASN A 117 -18.74 4.95 -1.51
N SER A 118 -17.67 5.75 -1.39
CA SER A 118 -16.44 5.45 -2.09
C SER A 118 -15.23 5.86 -1.27
N MET A 119 -14.14 5.15 -1.49
CA MET A 119 -12.82 5.57 -1.03
C MET A 119 -12.17 6.31 -2.18
N ASP A 120 -12.06 7.62 -2.06
CA ASP A 120 -11.46 8.43 -3.11
C ASP A 120 -9.95 8.23 -3.05
N LYS A 121 -9.44 7.34 -3.89
CA LYS A 121 -8.01 7.08 -3.98
C LYS A 121 -7.31 7.99 -4.98
N SER A 122 -7.95 9.08 -5.38
CA SER A 122 -7.37 10.05 -6.30
C SER A 122 -6.01 10.53 -5.80
N GLU A 123 -5.18 11.02 -6.71
CA GLU A 123 -3.83 11.46 -6.37
C GLU A 123 -3.71 12.97 -6.20
N GLU A 124 -4.62 13.75 -6.77
CA GLU A 124 -4.70 15.18 -6.53
C GLU A 124 -5.77 15.47 -5.48
N ASN A 125 -5.54 16.53 -4.72
CA ASN A 125 -6.51 16.94 -3.71
C ASN A 125 -7.72 17.56 -4.41
N ASP A 126 -8.82 17.65 -3.68
CA ASP A 126 -10.06 18.23 -4.20
C ASP A 126 -10.14 19.73 -3.96
N GLY A 127 -9.03 20.37 -3.61
CA GLY A 127 -8.96 21.81 -3.45
C GLY A 127 -7.81 22.43 -4.23
N VAL A 128 -7.28 21.71 -5.21
CA VAL A 128 -6.19 22.20 -6.05
C VAL A 128 -6.60 21.95 -7.51
N GLY A 129 -6.82 23.02 -8.25
CA GLY A 129 -7.22 22.92 -9.63
C GLY A 129 -7.72 24.23 -10.18
N GLU A 130 -8.78 24.16 -10.97
CA GLU A 130 -9.31 25.32 -11.69
C GLU A 130 -10.72 25.00 -12.14
N LEU A 131 -11.53 26.04 -12.26
CA LEU A 131 -12.91 25.91 -12.69
C LEU A 131 -13.21 26.97 -13.73
N MET A 132 -14.22 26.71 -14.55
CA MET A 132 -14.62 27.60 -15.63
C MET A 132 -15.88 28.34 -15.18
N LEU A 133 -15.83 29.66 -15.21
CA LEU A 133 -16.95 30.49 -14.80
C LEU A 133 -17.39 31.35 -15.97
N THR A 134 -18.70 31.42 -16.19
CA THR A 134 -19.30 32.13 -17.30
C THR A 134 -19.95 33.41 -16.79
N TYR A 135 -20.11 34.38 -17.69
CA TYR A 135 -20.57 35.70 -17.28
C TYR A 135 -21.96 35.69 -16.69
N THR A 136 -22.75 34.64 -16.93
CA THR A 136 -24.06 34.54 -16.32
C THR A 136 -24.02 33.95 -14.92
N GLY A 137 -22.84 33.55 -14.43
CA GLY A 137 -22.70 32.93 -13.13
C GLY A 137 -22.53 31.43 -13.15
N TRP A 138 -22.67 30.79 -14.31
CA TRP A 138 -22.63 29.34 -14.38
C TRP A 138 -21.18 28.87 -14.23
N ILE A 139 -20.96 27.92 -13.32
CA ILE A 139 -19.64 27.39 -13.02
C ILE A 139 -19.59 25.94 -13.48
N ASN A 140 -18.53 25.60 -14.22
CA ASN A 140 -18.20 24.22 -14.56
C ASN A 140 -16.94 23.85 -13.78
N MET A 141 -16.97 22.70 -13.10
CA MET A 141 -15.86 22.27 -12.24
C MET A 141 -15.50 20.81 -12.50
N TRP A 142 -15.20 20.50 -13.75
CA TRP A 142 -14.81 19.14 -14.11
C TRP A 142 -13.61 18.69 -13.28
N SER A 143 -13.68 17.47 -12.78
CA SER A 143 -12.60 16.90 -11.96
C SER A 143 -12.50 15.40 -12.17
N PHE A 144 -11.27 14.92 -12.32
CA PHE A 144 -11.01 13.49 -12.49
C PHE A 144 -11.08 12.84 -11.12
N ARG A 145 -11.49 11.58 -11.08
CA ARG A 145 -11.66 10.90 -9.79
C ARG A 145 -11.55 9.39 -9.96
N LEU A 146 -10.55 8.80 -9.32
CA LEU A 146 -10.35 7.35 -9.31
C LEU A 146 -10.94 6.84 -8.02
N LEU A 147 -11.93 5.95 -8.10
CA LEU A 147 -12.72 5.55 -6.95
C LEU A 147 -12.62 4.05 -6.69
N HIS A 148 -12.48 3.71 -5.42
CA HIS A 148 -12.62 2.35 -4.91
C HIS A 148 -13.93 2.35 -4.14
N THR A 149 -15.02 2.00 -4.82
CA THR A 149 -16.36 2.17 -4.30
C THR A 149 -16.99 0.82 -3.97
N TYR A 150 -17.64 0.78 -2.81
CA TYR A 150 -18.18 -0.46 -2.27
C TYR A 150 -19.37 -0.93 -3.09
N CYS A 151 -19.36 -2.22 -3.43
CA CYS A 151 -20.46 -2.87 -4.13
C CYS A 151 -20.71 -4.23 -3.49
N GLN A 152 -21.98 -4.58 -3.32
CA GLN A 152 -22.35 -5.89 -2.79
C GLN A 152 -22.36 -6.88 -3.95
N ILE A 153 -21.30 -7.67 -4.05
CA ILE A 153 -21.05 -8.51 -5.20
C ILE A 153 -21.52 -9.92 -4.89
N ASN A 154 -22.56 -10.35 -5.61
CA ASN A 154 -23.14 -11.69 -5.46
C ASN A 154 -22.70 -12.54 -6.64
N ALA A 155 -21.89 -13.56 -6.35
CA ALA A 155 -21.35 -14.46 -7.37
C ALA A 155 -22.22 -15.70 -7.52
N TYR A 156 -23.53 -15.52 -7.40
CA TYR A 156 -24.51 -16.59 -7.50
C TYR A 156 -24.46 -17.26 -8.86
N THR A 157 -24.83 -16.52 -9.91
CA THR A 157 -24.95 -17.08 -11.25
C THR A 157 -23.62 -17.11 -12.01
N TYR A 158 -22.51 -17.27 -11.30
CA TYR A 158 -21.22 -17.29 -11.96
C TYR A 158 -21.15 -18.46 -12.95
N PRO A 159 -20.52 -18.28 -14.13
CA PRO A 159 -19.89 -17.09 -14.71
C PRO A 159 -20.82 -16.27 -15.59
N PHE A 160 -22.12 -16.59 -15.61
CA PHE A 160 -23.12 -15.77 -16.30
C PHE A 160 -23.78 -14.81 -15.32
N ASP A 161 -22.94 -14.07 -14.61
CA ASP A 161 -23.37 -13.28 -13.46
C ASP A 161 -23.51 -11.81 -13.84
N GLU A 162 -24.45 -11.15 -13.17
CA GLU A 162 -24.67 -9.72 -13.32
C GLU A 162 -24.55 -9.07 -11.96
N HIS A 163 -24.39 -7.75 -11.95
CA HIS A 163 -24.21 -7.00 -10.71
C HIS A 163 -24.77 -5.60 -10.91
N THR A 164 -25.16 -4.98 -9.79
CA THR A 164 -25.63 -3.60 -9.78
C THR A 164 -24.84 -2.84 -8.72
N CYS A 165 -24.07 -1.86 -9.14
CA CYS A 165 -23.28 -1.01 -8.25
C CYS A 165 -23.79 0.41 -8.34
N GLU A 166 -24.13 0.98 -7.20
CA GLU A 166 -24.64 2.34 -7.11
C GLU A 166 -23.54 3.28 -6.64
N ILE A 167 -23.23 4.29 -7.46
CA ILE A 167 -22.22 5.28 -7.14
C ILE A 167 -22.96 6.47 -6.52
N TYR A 168 -22.67 6.76 -5.27
CA TYR A 168 -23.44 7.73 -4.50
C TYR A 168 -22.75 9.09 -4.49
N LEU A 169 -23.56 10.14 -4.65
CA LEU A 169 -23.15 11.51 -4.38
C LEU A 169 -24.06 12.06 -3.30
N CYS A 170 -23.48 12.77 -2.33
CA CYS A 170 -24.30 13.43 -1.32
C CYS A 170 -23.55 14.62 -0.77
N VAL A 171 -24.31 15.68 -0.46
CA VAL A 171 -23.70 16.84 0.16
C VAL A 171 -23.17 16.45 1.54
N ALA A 172 -22.08 17.09 1.95
CA ALA A 172 -21.39 16.67 3.16
C ALA A 172 -22.15 17.07 4.41
N LEU A 173 -22.48 18.36 4.54
CA LEU A 173 -23.07 18.89 5.77
C LEU A 173 -24.22 19.85 5.55
N HIS A 174 -24.50 20.28 4.33
CA HIS A 174 -25.52 21.28 4.12
C HIS A 174 -26.90 20.65 4.09
N THR A 175 -27.88 21.37 4.61
CA THR A 175 -29.25 20.89 4.63
C THR A 175 -29.91 21.15 3.28
N ILE A 176 -31.02 20.44 3.06
CA ILE A 176 -31.74 20.56 1.79
C ILE A 176 -32.32 21.94 1.57
N ASN A 177 -32.50 22.72 2.63
CA ASN A 177 -32.91 24.10 2.46
C ASN A 177 -31.74 25.03 2.15
N HIS A 178 -30.51 24.50 2.11
CA HIS A 178 -29.34 25.27 1.71
C HIS A 178 -28.75 24.79 0.38
N THR A 179 -28.43 23.50 0.24
CA THR A 179 -27.86 22.96 -0.98
C THR A 179 -28.53 21.65 -1.35
N ARG A 180 -28.80 21.49 -2.65
CA ARG A 180 -29.48 20.30 -3.17
C ARG A 180 -28.78 19.83 -4.44
N ILE A 181 -28.82 18.52 -4.67
CA ILE A 181 -28.37 17.93 -5.93
C ILE A 181 -29.59 17.90 -6.86
N LYS A 182 -29.63 18.84 -7.80
CA LYS A 182 -30.78 18.94 -8.70
C LYS A 182 -30.96 17.67 -9.51
N GLU A 183 -29.88 17.16 -10.08
CA GLU A 183 -29.94 16.03 -11.02
C GLU A 183 -28.57 15.37 -11.08
N LEU A 184 -28.56 14.15 -11.57
CA LEU A 184 -27.35 13.39 -11.81
C LEU A 184 -27.43 12.81 -13.21
N ILE A 185 -26.54 13.25 -14.08
CA ILE A 185 -26.47 12.77 -15.46
C ILE A 185 -25.23 11.90 -15.54
N TYR A 186 -25.44 10.60 -15.73
CA TYR A 186 -24.36 9.63 -15.80
C TYR A 186 -24.37 9.00 -17.19
N GLU A 187 -23.19 8.88 -17.77
CA GLU A 187 -23.01 8.27 -19.09
C GLU A 187 -21.73 7.48 -19.06
N ASP A 188 -21.32 7.00 -20.23
CA ASP A 188 -20.06 6.29 -20.40
C ASP A 188 -19.33 6.97 -21.55
N SER A 189 -18.03 7.23 -21.34
CA SER A 189 -17.25 7.95 -22.34
C SER A 189 -16.74 7.06 -23.46
N LYS A 190 -16.62 5.75 -23.20
CA LYS A 190 -16.17 4.76 -24.18
C LYS A 190 -14.70 4.90 -24.50
N PHE A 191 -13.95 5.62 -23.65
CA PHE A 191 -12.50 5.74 -23.79
C PHE A 191 -11.83 4.43 -24.16
N THR A 192 -12.22 3.35 -23.50
CA THR A 192 -11.62 2.04 -23.71
C THR A 192 -12.72 0.99 -23.70
N GLN A 193 -12.48 -0.12 -24.39
CA GLN A 193 -13.35 -1.28 -24.34
C GLN A 193 -12.79 -2.24 -23.31
N ASN A 194 -13.68 -2.91 -22.58
CA ASN A 194 -13.24 -3.72 -21.45
C ASN A 194 -12.80 -5.11 -21.91
N TYR A 195 -13.69 -5.83 -22.58
CA TYR A 195 -13.55 -7.22 -23.01
C TYR A 195 -13.79 -8.19 -21.87
N LYS A 196 -14.15 -7.72 -20.67
CA LYS A 196 -14.42 -8.60 -19.53
C LYS A 196 -15.78 -8.30 -18.92
N TRP A 197 -16.19 -7.02 -18.93
CA TRP A 197 -17.48 -6.61 -18.40
C TRP A 197 -18.21 -5.75 -19.42
N ASP A 198 -19.51 -6.02 -19.58
CA ASP A 198 -20.40 -5.17 -20.36
C ASP A 198 -20.99 -4.12 -19.42
N ILE A 199 -20.58 -2.87 -19.60
CA ILE A 199 -20.98 -1.78 -18.72
C ILE A 199 -22.18 -1.08 -19.34
N ASN A 200 -23.16 -0.72 -18.49
CA ASN A 200 -24.38 -0.04 -18.90
C ASN A 200 -24.66 1.05 -17.86
N VAL A 201 -24.03 2.21 -18.04
CA VAL A 201 -24.17 3.35 -17.14
C VAL A 201 -24.76 4.48 -17.98
N SER A 202 -26.09 4.57 -18.03
CA SER A 202 -26.74 5.66 -18.74
C SER A 202 -28.05 5.98 -18.05
N GLY A 203 -28.41 7.26 -18.06
CA GLY A 203 -29.65 7.72 -17.48
C GLY A 203 -29.54 8.98 -16.64
N LYS A 204 -30.70 9.57 -16.36
CA LYS A 204 -30.82 10.78 -15.55
C LYS A 204 -31.73 10.50 -14.37
N VAL A 205 -31.34 10.96 -13.18
CA VAL A 205 -32.13 10.77 -11.97
C VAL A 205 -32.09 12.06 -11.14
N ASN A 206 -33.26 12.45 -10.62
CA ASN A 206 -33.34 13.55 -9.68
C ASN A 206 -32.71 13.16 -8.34
N GLY A 207 -32.31 14.18 -7.58
CA GLY A 207 -31.75 13.94 -6.28
C GLY A 207 -32.81 13.55 -5.27
N THR A 208 -32.38 12.78 -4.27
CA THR A 208 -33.24 12.31 -3.19
C THR A 208 -33.01 13.15 -1.95
N ASP A 209 -34.08 13.68 -1.38
CA ASP A 209 -34.01 14.59 -0.25
C ASP A 209 -34.40 13.88 1.04
N GLU A 210 -33.40 13.56 1.89
CA GLU A 210 -33.64 12.98 3.21
C GLU A 210 -32.65 13.63 4.20
N LEU A 211 -32.95 14.87 4.57
CA LEU A 211 -32.15 15.73 5.45
C LEU A 211 -30.86 16.25 4.80
N PHE A 212 -30.22 15.42 3.98
CA PHE A 212 -29.07 15.80 3.17
C PHE A 212 -29.34 15.29 1.76
N SER A 213 -29.31 16.17 0.77
CA SER A 213 -29.57 15.73 -0.60
C SER A 213 -28.56 14.67 -1.01
N TYR A 214 -28.98 13.79 -1.92
CA TYR A 214 -28.08 12.76 -2.42
C TYR A 214 -28.74 12.05 -3.58
N ALA A 215 -27.91 11.51 -4.47
CA ALA A 215 -28.35 10.79 -5.64
C ALA A 215 -27.38 9.63 -5.86
N PHE A 216 -27.77 8.70 -6.72
CA PHE A 216 -26.86 7.62 -7.06
C PHE A 216 -27.08 7.17 -8.49
N ALA A 217 -25.99 6.80 -9.16
CA ALA A 217 -26.02 6.28 -10.52
C ALA A 217 -26.00 4.76 -10.48
N PRO A 218 -26.95 4.04 -11.06
CA PRO A 218 -26.86 2.57 -11.06
C PRO A 218 -25.95 2.09 -12.19
N MET A 219 -24.93 1.32 -11.83
CA MET A 219 -24.02 0.71 -12.79
C MET A 219 -24.30 -0.78 -12.87
N TYR A 220 -24.72 -1.24 -14.04
CA TYR A 220 -24.97 -2.64 -14.31
C TYR A 220 -23.76 -3.25 -15.02
N LEU A 221 -23.29 -4.40 -14.52
CA LEU A 221 -22.09 -5.04 -15.01
C LEU A 221 -22.41 -6.50 -15.30
N ARG A 222 -22.27 -6.90 -16.56
CA ARG A 222 -22.49 -8.28 -17.00
C ARG A 222 -21.17 -8.83 -17.51
N ARG A 223 -20.74 -9.95 -16.95
CA ARG A 223 -19.52 -10.59 -17.40
C ARG A 223 -19.69 -11.09 -18.83
N LYS A 224 -18.75 -10.71 -19.70
CA LYS A 224 -18.80 -11.12 -21.09
C LYS A 224 -18.28 -12.55 -21.21
N LEU A 225 -18.99 -13.38 -21.95
CA LEU A 225 -18.64 -14.80 -22.08
C LEU A 225 -17.46 -14.90 -23.03
N THR A 226 -16.28 -15.13 -22.46
CA THR A 226 -15.05 -15.31 -23.22
C THR A 226 -14.74 -16.79 -23.41
N VAL A 227 -14.10 -17.10 -24.54
CA VAL A 227 -13.76 -18.49 -24.80
C VAL A 227 -12.64 -18.94 -23.89
N GLY A 228 -11.89 -18.03 -23.28
CA GLY A 228 -11.00 -18.43 -22.20
C GLY A 228 -11.79 -18.95 -21.01
N ILE A 229 -12.92 -18.31 -20.71
CA ILE A 229 -13.75 -18.77 -19.60
C ILE A 229 -14.39 -20.11 -19.94
N ILE A 230 -14.90 -20.26 -21.16
CA ILE A 230 -15.53 -21.53 -21.52
C ILE A 230 -14.50 -22.66 -21.48
N ALA A 231 -13.28 -22.38 -21.96
CA ALA A 231 -12.22 -23.38 -21.87
C ALA A 231 -11.88 -23.71 -20.42
N MET A 232 -11.87 -22.70 -19.54
CA MET A 232 -11.64 -22.96 -18.13
C MET A 232 -12.73 -23.84 -17.54
N LEU A 233 -13.97 -23.69 -18.04
CA LEU A 233 -15.06 -24.55 -17.58
C LEU A 233 -14.90 -25.99 -18.06
N ILE A 234 -14.42 -26.19 -19.31
CA ILE A 234 -14.34 -27.54 -19.90
C ILE A 234 -13.78 -28.60 -18.96
N PRO A 235 -12.66 -28.37 -18.24
CA PRO A 235 -12.18 -29.37 -17.28
C PRO A 235 -13.23 -29.79 -16.27
N THR A 236 -14.03 -28.85 -15.76
CA THR A 236 -15.06 -29.22 -14.80
C THR A 236 -16.06 -30.19 -15.41
N VAL A 237 -16.48 -29.92 -16.65
CA VAL A 237 -17.48 -30.76 -17.30
C VAL A 237 -16.92 -32.16 -17.51
N MET A 238 -15.68 -32.26 -18.01
CA MET A 238 -15.14 -33.60 -18.26
C MET A 238 -14.89 -34.35 -16.95
N MET A 239 -14.54 -33.64 -15.87
CA MET A 239 -14.45 -34.32 -14.58
C MET A 239 -15.80 -34.82 -14.12
N THR A 240 -16.89 -34.08 -14.38
CA THR A 240 -18.20 -34.58 -14.02
C THR A 240 -18.53 -35.85 -14.79
N ILE A 241 -18.26 -35.85 -16.10
CA ILE A 241 -18.50 -37.06 -16.90
C ILE A 241 -17.67 -38.21 -16.38
N LEU A 242 -16.40 -37.97 -16.06
CA LEU A 242 -15.51 -39.03 -15.62
C LEU A 242 -15.95 -39.58 -14.26
N THR A 243 -16.38 -38.71 -13.35
CA THR A 243 -16.90 -39.16 -12.06
C THR A 243 -18.14 -40.02 -12.24
N ILE A 244 -19.04 -39.62 -13.15
CA ILE A 244 -20.21 -40.44 -13.42
C ILE A 244 -19.78 -41.80 -13.95
N PHE A 245 -18.78 -41.81 -14.84
CA PHE A 245 -18.32 -43.07 -15.42
C PHE A 245 -17.75 -44.00 -14.36
N VAL A 246 -16.87 -43.47 -13.50
CA VAL A 246 -16.26 -44.33 -12.48
C VAL A 246 -17.31 -44.77 -11.46
N PHE A 247 -18.28 -43.91 -11.15
CA PHE A 247 -19.36 -44.33 -10.26
C PHE A 247 -20.18 -45.45 -10.88
N LEU A 248 -20.30 -45.45 -12.21
CA LEU A 248 -21.02 -46.52 -12.90
C LEU A 248 -20.13 -47.74 -13.14
N LEU A 249 -18.82 -47.62 -12.92
CA LEU A 249 -17.90 -48.71 -13.17
C LEU A 249 -18.27 -49.95 -12.33
N PRO A 250 -18.05 -51.17 -12.84
CA PRO A 250 -18.35 -52.38 -12.05
C PRO A 250 -17.60 -52.40 -10.72
N PRO A 251 -18.28 -52.68 -9.60
CA PRO A 251 -17.56 -52.88 -8.33
C PRO A 251 -16.37 -53.84 -8.41
N GLU A 252 -16.42 -54.84 -9.27
CA GLU A 252 -15.38 -55.86 -9.38
C GLU A 252 -14.44 -55.61 -10.54
N SER A 253 -14.47 -54.40 -11.13
CA SER A 253 -13.54 -54.08 -12.21
C SER A 253 -12.10 -54.11 -11.71
N GLY A 254 -11.86 -53.62 -10.50
CA GLY A 254 -10.54 -53.56 -9.89
C GLY A 254 -9.95 -52.16 -9.83
N GLU A 255 -10.45 -51.24 -10.65
CA GLU A 255 -9.99 -49.87 -10.68
C GLU A 255 -10.86 -48.92 -9.85
N LYS A 256 -11.91 -49.44 -9.23
CA LYS A 256 -12.86 -48.62 -8.47
C LYS A 256 -12.16 -47.79 -7.41
N VAL A 257 -11.55 -48.45 -6.42
CA VAL A 257 -10.93 -47.74 -5.31
C VAL A 257 -9.83 -46.79 -5.80
N SER A 258 -9.03 -47.24 -6.78
CA SER A 258 -7.92 -46.42 -7.25
C SER A 258 -8.41 -45.12 -7.86
N LEU A 259 -9.37 -45.22 -8.79
CA LEU A 259 -9.83 -44.01 -9.44
C LEU A 259 -10.70 -43.18 -8.53
N ALA A 260 -11.40 -43.82 -7.58
CA ALA A 260 -12.20 -43.05 -6.63
C ALA A 260 -11.29 -42.21 -5.74
N THR A 261 -10.18 -42.79 -5.28
CA THR A 261 -9.26 -42.05 -4.44
C THR A 261 -8.61 -40.91 -5.23
N THR A 262 -8.05 -41.23 -6.41
CA THR A 262 -7.34 -40.19 -7.16
C THR A 262 -8.27 -39.06 -7.58
N ILE A 263 -9.52 -39.37 -7.92
CA ILE A 263 -10.42 -38.34 -8.40
C ILE A 263 -11.11 -37.63 -7.26
N PHE A 264 -11.20 -38.24 -6.08
CA PHE A 264 -11.56 -37.49 -4.89
C PHE A 264 -10.48 -36.48 -4.54
N LEU A 265 -9.21 -36.88 -4.64
CA LEU A 265 -8.11 -35.95 -4.47
C LEU A 265 -8.24 -34.76 -5.41
N SER A 266 -8.35 -35.03 -6.72
CA SER A 266 -8.42 -33.93 -7.68
C SER A 266 -9.67 -33.07 -7.47
N ASN A 267 -10.80 -33.71 -7.15
CA ASN A 267 -12.03 -32.97 -6.87
C ASN A 267 -11.82 -32.01 -5.71
N VAL A 268 -11.20 -32.49 -4.63
CA VAL A 268 -10.96 -31.63 -3.48
C VAL A 268 -9.99 -30.52 -3.83
N LEU A 269 -9.01 -30.81 -4.70
CA LEU A 269 -8.10 -29.76 -5.14
C LEU A 269 -8.86 -28.63 -5.83
N TYR A 270 -9.80 -28.97 -6.72
CA TYR A 270 -10.54 -27.91 -7.38
C TYR A 270 -11.55 -27.26 -6.44
N LEU A 271 -12.05 -28.00 -5.45
CA LEU A 271 -13.01 -27.42 -4.52
C LEU A 271 -12.35 -26.37 -3.63
N VAL A 272 -11.21 -26.74 -3.03
CA VAL A 272 -10.40 -25.78 -2.28
C VAL A 272 -10.06 -24.58 -3.16
N GLN A 273 -9.57 -24.84 -4.38
CA GLN A 273 -9.18 -23.76 -5.28
C GLN A 273 -10.31 -22.76 -5.48
N ILE A 274 -11.48 -23.23 -5.89
CA ILE A 274 -12.59 -22.31 -6.17
C ILE A 274 -13.06 -21.63 -4.88
N ASP A 275 -13.12 -22.38 -3.77
CA ASP A 275 -13.65 -21.81 -2.54
C ASP A 275 -12.77 -20.68 -2.03
N LYS A 276 -11.46 -20.78 -2.26
CA LYS A 276 -10.57 -19.71 -1.81
C LYS A 276 -10.69 -18.45 -2.69
N THR A 277 -11.30 -18.56 -3.88
CA THR A 277 -11.47 -17.43 -4.78
C THR A 277 -12.89 -16.89 -4.85
N THR A 278 -13.88 -17.68 -4.43
CA THR A 278 -15.26 -17.21 -4.48
C THR A 278 -15.51 -16.17 -3.39
N PRO A 279 -16.33 -15.14 -3.64
CA PRO A 279 -16.64 -14.20 -2.57
C PRO A 279 -17.37 -14.88 -1.42
N THR A 280 -16.99 -14.54 -0.20
CA THR A 280 -17.66 -15.06 0.99
C THR A 280 -18.88 -14.23 1.40
N ASN A 281 -19.06 -13.05 0.82
CA ASN A 281 -20.15 -12.13 1.16
C ASN A 281 -21.10 -12.03 -0.03
N THR A 282 -22.06 -12.97 -0.08
CA THR A 282 -23.02 -13.04 -1.17
C THR A 282 -24.39 -13.34 -0.59
N LYS A 283 -25.43 -12.82 -1.25
CA LYS A 283 -26.79 -13.12 -0.83
C LYS A 283 -27.06 -14.61 -0.90
N TYR A 284 -26.57 -15.27 -1.95
CA TYR A 284 -26.62 -16.71 -2.10
C TYR A 284 -25.24 -17.20 -2.54
N PRO A 285 -24.89 -18.46 -2.25
CA PRO A 285 -23.59 -18.97 -2.71
C PRO A 285 -23.58 -19.21 -4.21
N SER A 286 -22.38 -19.51 -4.71
CA SER A 286 -22.20 -19.77 -6.14
C SER A 286 -22.77 -21.13 -6.51
N LEU A 287 -23.66 -21.13 -7.51
CA LEU A 287 -24.26 -22.38 -7.98
C LEU A 287 -23.20 -23.35 -8.45
N LEU A 288 -22.22 -22.86 -9.22
CA LEU A 288 -21.18 -23.76 -9.72
C LEU A 288 -20.38 -24.35 -8.57
N MET A 289 -20.04 -23.53 -7.58
CA MET A 289 -19.34 -24.04 -6.40
C MET A 289 -20.15 -25.13 -5.72
N LEU A 290 -21.46 -24.92 -5.56
CA LEU A 290 -22.27 -25.92 -4.88
C LEU A 290 -22.40 -27.18 -5.74
N TYR A 291 -22.38 -27.02 -7.06
CA TYR A 291 -22.43 -28.16 -7.96
C TYR A 291 -21.15 -28.98 -7.87
N LEU A 292 -20.03 -28.32 -7.63
CA LEU A 292 -18.78 -29.05 -7.42
C LEU A 292 -18.71 -29.65 -6.02
N MET A 293 -19.34 -29.00 -5.03
CA MET A 293 -19.48 -29.63 -3.72
C MET A 293 -20.27 -30.93 -3.85
N LEU A 294 -21.36 -30.89 -4.62
CA LEU A 294 -22.14 -32.10 -4.87
C LEU A 294 -21.30 -33.15 -5.59
N LEU A 295 -20.46 -32.71 -6.53
CA LEU A 295 -19.58 -33.64 -7.22
C LEU A 295 -18.63 -34.32 -6.23
N SER A 296 -18.04 -33.54 -5.31
CA SER A 296 -17.14 -34.12 -4.33
C SER A 296 -17.88 -35.08 -3.41
N MET A 297 -19.12 -34.73 -3.04
CA MET A 297 -19.91 -35.62 -2.20
C MET A 297 -20.21 -36.93 -2.92
N LEU A 298 -20.51 -36.86 -4.22
CA LEU A 298 -20.77 -38.07 -4.99
C LEU A 298 -19.51 -38.91 -5.11
N SER A 299 -18.35 -38.27 -5.25
CA SER A 299 -17.09 -39.02 -5.25
C SER A 299 -16.88 -39.72 -3.91
N GLY A 300 -17.19 -39.03 -2.82
CA GLY A 300 -17.09 -39.65 -1.51
C GLY A 300 -18.04 -40.83 -1.35
N ILE A 301 -19.25 -40.70 -1.88
CA ILE A 301 -20.22 -41.80 -1.82
C ILE A 301 -19.72 -42.98 -2.64
N ALA A 302 -19.09 -42.70 -3.79
CA ALA A 302 -18.50 -43.77 -4.59
C ALA A 302 -17.39 -44.48 -3.82
N THR A 303 -16.55 -43.71 -3.12
CA THR A 303 -15.51 -44.32 -2.29
C THR A 303 -16.12 -45.14 -1.17
N LEU A 304 -17.21 -44.65 -0.57
CA LEU A 304 -17.90 -45.40 0.48
C LEU A 304 -18.41 -46.73 -0.05
N GLY A 305 -19.04 -46.71 -1.22
CA GLY A 305 -19.53 -47.94 -1.81
C GLY A 305 -18.39 -48.89 -2.14
N SER A 306 -17.28 -48.36 -2.64
CA SER A 306 -16.14 -49.20 -3.01
C SER A 306 -15.56 -49.89 -1.77
N VAL A 307 -15.35 -49.14 -0.69
CA VAL A 307 -14.79 -49.74 0.52
C VAL A 307 -15.77 -50.74 1.13
N VAL A 308 -17.07 -50.41 1.13
CA VAL A 308 -18.07 -51.32 1.68
C VAL A 308 -18.05 -52.64 0.92
N ILE A 309 -18.04 -52.56 -0.42
CA ILE A 309 -18.01 -53.77 -1.24
C ILE A 309 -16.71 -54.53 -1.01
N SER A 310 -15.59 -53.81 -0.90
CA SER A 310 -14.30 -54.46 -0.72
C SER A 310 -14.25 -55.25 0.58
N LYS A 311 -14.75 -54.68 1.67
CA LYS A 311 -14.77 -55.43 2.93
C LYS A 311 -15.76 -56.58 2.87
N LEU A 312 -16.97 -56.32 2.35
CA LEU A 312 -17.96 -57.38 2.18
C LEU A 312 -17.72 -58.12 0.87
N THR B 21 -35.48 39.86 4.31
CA THR B 21 -34.85 38.51 4.29
C THR B 21 -33.33 38.65 4.45
N PRO B 22 -32.67 37.64 5.00
CA PRO B 22 -31.22 37.74 5.16
C PRO B 22 -30.51 37.73 3.82
N THR B 23 -29.39 38.45 3.74
CA THR B 23 -28.65 38.64 2.51
C THR B 23 -27.18 38.28 2.69
N TYR B 24 -26.48 38.26 1.56
CA TYR B 24 -25.05 37.97 1.56
C TYR B 24 -24.29 39.00 2.38
N GLY B 25 -24.64 40.27 2.23
CA GLY B 25 -24.00 41.30 3.02
C GLY B 25 -24.27 41.13 4.51
N ASP B 26 -25.49 40.70 4.86
CA ASP B 26 -25.81 40.46 6.26
C ASP B 26 -24.93 39.35 6.83
N GLU B 27 -24.78 38.25 6.11
CA GLU B 27 -23.93 37.18 6.62
C GLU B 27 -22.47 37.60 6.66
N ARG B 28 -22.04 38.42 5.70
CA ARG B 28 -20.66 38.92 5.72
C ARG B 28 -20.42 39.78 6.96
N LEU B 29 -21.36 40.67 7.27
CA LEU B 29 -21.23 41.48 8.47
C LEU B 29 -21.21 40.62 9.72
N LEU B 30 -22.07 39.60 9.76
CA LEU B 30 -22.13 38.73 10.92
C LEU B 30 -20.81 38.03 11.12
N ARG B 31 -20.25 37.43 10.06
CA ARG B 31 -18.99 36.73 10.20
C ARG B 31 -17.86 37.66 10.59
N GLU B 32 -17.84 38.86 10.01
CA GLU B 32 -16.78 39.82 10.31
C GLU B 32 -16.80 40.22 11.78
N LYS B 33 -18.00 40.45 12.33
CA LYS B 33 -18.05 40.76 13.76
C LYS B 33 -17.77 39.53 14.60
N LEU B 34 -18.19 38.36 14.12
CA LEU B 34 -18.08 37.14 14.90
C LEU B 34 -16.63 36.75 15.13
N LEU B 35 -15.80 36.86 14.11
CA LEU B 35 -14.42 36.40 14.17
C LEU B 35 -13.45 37.51 14.59
N THR B 36 -13.95 38.63 15.12
CA THR B 36 -13.10 39.80 15.36
C THR B 36 -11.94 39.48 16.31
N ASN B 37 -12.24 38.93 17.50
CA ASN B 37 -11.24 38.67 18.52
C ASN B 37 -11.19 37.19 18.89
N TYR B 38 -11.48 36.31 17.94
CA TYR B 38 -11.50 34.89 18.19
C TYR B 38 -10.11 34.32 18.03
N SER B 39 -9.63 33.62 19.05
CA SER B 39 -8.38 32.89 19.00
C SER B 39 -8.68 31.41 18.86
N LYS B 40 -8.21 30.81 17.77
CA LYS B 40 -8.50 29.40 17.52
C LYS B 40 -7.95 28.50 18.60
N SER B 41 -6.91 28.91 19.31
CA SER B 41 -6.21 28.05 20.25
C SER B 41 -6.63 28.25 21.70
N ILE B 42 -7.46 29.24 21.99
CA ILE B 42 -7.97 29.48 23.34
C ILE B 42 -9.31 28.80 23.43
N ARG B 43 -9.50 27.97 24.45
CA ARG B 43 -10.72 27.19 24.56
C ARG B 43 -11.94 28.13 24.59
N PRO B 44 -13.08 27.71 24.04
CA PRO B 44 -14.23 28.62 23.92
C PRO B 44 -15.11 28.69 25.15
N VAL B 45 -14.62 29.35 26.20
CA VAL B 45 -15.36 29.53 27.43
C VAL B 45 -15.05 30.92 27.96
N ILE B 46 -16.09 31.65 28.38
CA ILE B 46 -15.88 32.96 28.99
C ILE B 46 -14.97 32.83 30.21
N ASN B 47 -15.30 31.90 31.10
CA ASN B 47 -14.50 31.62 32.29
C ASN B 47 -13.71 30.34 32.04
N LEU B 48 -12.39 30.43 32.10
CA LEU B 48 -11.55 29.29 31.76
C LEU B 48 -11.64 28.17 32.78
N THR B 49 -12.28 28.38 33.94
CA THR B 49 -12.41 27.34 34.94
C THR B 49 -13.45 26.31 34.56
N LYS B 50 -14.35 26.63 33.62
CA LYS B 50 -15.39 25.70 33.20
C LYS B 50 -14.88 24.81 32.06
N VAL B 51 -15.40 23.60 32.01
CA VAL B 51 -15.03 22.64 30.99
C VAL B 51 -15.96 22.80 29.79
N VAL B 52 -15.51 22.34 28.63
CA VAL B 52 -16.35 22.24 27.44
C VAL B 52 -16.81 20.80 27.31
N ASP B 53 -18.12 20.60 27.41
CA ASP B 53 -18.71 19.27 27.35
C ASP B 53 -18.96 18.91 25.90
N VAL B 54 -18.28 17.88 25.41
CA VAL B 54 -18.40 17.41 24.04
C VAL B 54 -19.21 16.12 24.07
N THR B 55 -20.27 16.07 23.27
CA THR B 55 -21.03 14.85 23.05
C THR B 55 -20.77 14.37 21.63
N ALA B 56 -20.34 13.13 21.50
CA ALA B 56 -19.95 12.55 20.23
C ALA B 56 -21.03 11.61 19.72
N LEU B 57 -21.24 11.63 18.40
CA LEU B 57 -22.24 10.81 17.73
C LEU B 57 -21.52 10.00 16.65
N LEU B 58 -21.46 8.68 16.85
CA LEU B 58 -20.75 7.78 15.96
C LEU B 58 -21.75 6.84 15.31
N TYR B 59 -22.27 7.24 14.15
CA TYR B 59 -23.18 6.40 13.38
C TYR B 59 -22.38 5.56 12.40
N LEU B 60 -22.44 4.24 12.55
CA LEU B 60 -21.78 3.37 11.60
C LEU B 60 -22.51 3.41 10.26
N GLN B 61 -21.77 3.22 9.17
CA GLN B 61 -22.34 3.18 7.84
C GLN B 61 -22.23 1.79 7.22
N THR B 62 -21.01 1.27 7.06
CA THR B 62 -20.77 -0.04 6.48
C THR B 62 -19.63 -0.72 7.21
N LEU B 63 -19.73 -2.03 7.38
CA LEU B 63 -18.66 -2.85 7.92
C LEU B 63 -18.01 -3.57 6.75
N TYR B 64 -17.00 -2.92 6.16
CA TYR B 64 -16.38 -3.43 4.93
C TYR B 64 -15.92 -4.86 5.10
N ASP B 65 -15.15 -5.14 6.15
CA ASP B 65 -14.56 -6.47 6.31
C ASP B 65 -14.11 -6.60 7.75
N LEU B 66 -13.87 -7.84 8.15
CA LEU B 66 -13.27 -8.17 9.44
C LEU B 66 -12.04 -9.01 9.13
N ASP B 67 -10.87 -8.38 9.11
CA ASP B 67 -9.63 -9.06 8.77
C ASP B 67 -9.15 -9.85 9.98
N PHE B 68 -9.20 -11.18 9.88
CA PHE B 68 -8.85 -12.01 11.03
C PHE B 68 -7.34 -12.04 11.26
N VAL B 69 -6.56 -12.12 10.18
CA VAL B 69 -5.12 -12.31 10.34
C VAL B 69 -4.48 -11.07 10.94
N ASN B 70 -4.95 -9.88 10.57
CA ASN B 70 -4.39 -8.63 11.06
C ASN B 70 -5.10 -8.10 12.31
N ASN B 71 -6.17 -8.76 12.77
CA ASN B 71 -6.88 -8.38 13.99
C ASN B 71 -7.51 -6.99 13.88
N PHE B 72 -7.96 -6.61 12.69
CA PHE B 72 -8.57 -5.31 12.45
C PHE B 72 -10.00 -5.48 11.95
N ILE B 73 -10.79 -4.40 12.05
CA ILE B 73 -12.10 -4.32 11.43
C ILE B 73 -12.13 -3.02 10.63
N MET B 74 -12.54 -3.12 9.37
CA MET B 74 -12.58 -1.98 8.46
C MET B 74 -14.03 -1.50 8.33
N ALA B 75 -14.28 -0.25 8.67
CA ALA B 75 -15.62 0.32 8.57
C ALA B 75 -15.53 1.80 8.29
N ARG B 76 -16.66 2.37 7.90
CA ARG B 76 -16.81 3.80 7.62
C ARG B 76 -17.91 4.34 8.51
N TYR B 77 -17.60 5.37 9.31
CA TYR B 77 -18.53 5.91 10.28
C TYR B 77 -18.83 7.37 9.95
N TYR B 78 -19.89 7.90 10.55
CA TYR B 78 -20.25 9.31 10.43
C TYR B 78 -19.97 10.03 11.73
N LEU B 79 -18.72 10.05 12.19
CA LEU B 79 -18.37 10.66 13.46
C LEU B 79 -18.89 12.08 13.53
N GLY B 80 -19.68 12.36 14.56
CA GLY B 80 -20.18 13.70 14.83
C GLY B 80 -19.68 14.17 16.17
N LEU B 81 -19.46 15.47 16.28
CA LEU B 81 -19.01 16.10 17.51
C LEU B 81 -19.85 17.33 17.75
N ILE B 82 -20.43 17.45 18.93
CA ILE B 82 -21.26 18.58 19.29
C ILE B 82 -20.77 19.14 20.61
N TRP B 83 -20.61 20.45 20.67
CA TRP B 83 -20.26 21.15 21.88
C TRP B 83 -20.87 22.54 21.79
N ILE B 84 -20.58 23.38 22.79
CA ILE B 84 -21.16 24.71 22.89
C ILE B 84 -20.03 25.71 22.97
N ASP B 85 -20.09 26.73 22.12
CA ASP B 85 -19.15 27.83 22.11
C ASP B 85 -19.82 29.04 22.75
N GLU B 86 -19.15 29.64 23.74
CA GLU B 86 -19.69 30.78 24.45
C GLU B 86 -19.28 32.12 23.85
N LYS B 87 -18.28 32.14 22.97
CA LYS B 87 -17.87 33.37 22.31
C LYS B 87 -18.59 33.61 21.00
N LEU B 88 -19.07 32.54 20.35
CA LEU B 88 -19.69 32.63 19.03
C LEU B 88 -21.21 32.62 19.20
N THR B 89 -21.76 33.79 19.52
CA THR B 89 -23.20 33.95 19.71
C THR B 89 -23.64 35.28 19.10
N TRP B 90 -24.93 35.40 18.87
CA TRP B 90 -25.48 36.61 18.26
C TRP B 90 -26.98 36.61 18.47
N ASN B 91 -27.55 37.81 18.54
CA ASN B 91 -28.99 37.94 18.53
C ASN B 91 -29.45 37.89 17.07
N PRO B 92 -30.16 36.84 16.62
CA PRO B 92 -30.49 36.75 15.19
C PRO B 92 -31.37 37.87 14.68
N LEU B 93 -32.14 38.53 15.55
CA LEU B 93 -32.94 39.66 15.10
C LEU B 93 -32.09 40.85 14.71
N ASP B 94 -30.84 40.89 15.15
CA ASP B 94 -29.93 41.97 14.80
C ASP B 94 -29.25 41.76 13.45
N TYR B 95 -29.47 40.62 12.79
CA TYR B 95 -28.84 40.30 11.51
C TYR B 95 -29.84 39.71 10.54
N ASN B 96 -31.05 40.28 10.52
CA ASN B 96 -32.09 39.87 9.58
C ASN B 96 -32.40 38.37 9.67
N ASN B 97 -32.39 37.85 10.90
CA ASN B 97 -32.87 36.51 11.19
C ASN B 97 -31.93 35.42 10.67
N ILE B 98 -30.64 35.72 10.53
CA ILE B 98 -29.68 34.67 10.21
C ILE B 98 -29.55 33.78 11.44
N THR B 99 -29.99 32.53 11.33
CA THR B 99 -29.99 31.61 12.45
C THR B 99 -28.81 30.64 12.46
N SER B 100 -28.11 30.49 11.35
CA SER B 100 -26.98 29.58 11.31
C SER B 100 -26.08 29.93 10.14
N ILE B 101 -24.77 29.71 10.32
CA ILE B 101 -23.78 29.92 9.28
C ILE B 101 -22.90 28.68 9.19
N TYR B 102 -22.06 28.66 8.16
CA TYR B 102 -21.10 27.58 7.94
C TYR B 102 -19.72 28.21 7.94
N LEU B 103 -18.84 27.70 8.80
CA LEU B 103 -17.49 28.22 8.96
C LEU B 103 -16.48 27.18 8.50
N PRO B 104 -15.32 27.58 7.97
CA PRO B 104 -14.29 26.58 7.67
C PRO B 104 -13.77 25.95 8.94
N LYS B 105 -13.57 24.64 8.89
CA LYS B 105 -13.24 23.88 10.09
C LYS B 105 -11.94 24.32 10.75
N ASP B 106 -11.03 24.92 9.99
CA ASP B 106 -9.72 25.29 10.52
C ASP B 106 -9.66 26.72 11.04
N LYS B 107 -10.77 27.46 11.03
CA LYS B 107 -10.80 28.81 11.58
C LYS B 107 -11.34 28.85 13.00
N ILE B 108 -11.87 27.75 13.52
CA ILE B 108 -12.58 27.74 14.80
C ILE B 108 -11.94 26.68 15.67
N TRP B 109 -12.03 26.87 16.99
CA TRP B 109 -11.55 25.86 17.91
C TRP B 109 -12.34 24.58 17.75
N THR B 110 -11.63 23.46 17.72
CA THR B 110 -12.21 22.15 17.51
C THR B 110 -11.63 21.21 18.57
N PRO B 111 -12.45 20.46 19.32
CA PRO B 111 -11.89 19.61 20.36
C PRO B 111 -10.94 18.59 19.76
N PRO B 112 -9.85 18.25 20.45
CA PRO B 112 -8.85 17.39 19.83
C PRO B 112 -9.18 15.90 19.97
N ILE B 113 -10.32 15.51 19.43
CA ILE B 113 -10.77 14.13 19.54
C ILE B 113 -10.03 13.30 18.50
N LYS B 114 -9.53 12.15 18.92
CA LYS B 114 -8.80 11.24 18.04
C LYS B 114 -9.41 9.85 18.16
N MET B 115 -9.33 9.10 17.05
CA MET B 115 -9.74 7.69 17.05
C MET B 115 -8.62 6.87 17.70
N CYS B 116 -8.54 7.03 19.02
CA CYS B 116 -7.47 6.57 19.89
C CYS B 116 -7.02 5.15 19.59
N ASN B 117 -7.97 4.26 19.32
CA ASN B 117 -7.71 2.84 19.11
C ASN B 117 -7.80 2.47 17.63
N SER B 118 -7.46 3.40 16.73
CA SER B 118 -7.71 3.20 15.32
C SER B 118 -6.60 3.81 14.48
N MET B 119 -6.39 3.23 13.31
CA MET B 119 -5.60 3.83 12.26
C MET B 119 -6.58 4.56 11.34
N ASP B 120 -6.58 5.88 11.39
CA ASP B 120 -7.47 6.67 10.55
C ASP B 120 -6.93 6.68 9.14
N LYS B 121 -7.46 5.78 8.30
CA LYS B 121 -7.07 5.69 6.90
C LYS B 121 -7.91 6.59 6.01
N SER B 122 -8.62 7.56 6.59
CA SER B 122 -9.42 8.52 5.82
C SER B 122 -8.58 9.20 4.74
N GLU B 123 -9.23 9.72 3.70
CA GLU B 123 -8.56 10.34 2.58
C GLU B 123 -8.53 11.86 2.66
N GLU B 124 -9.44 12.48 3.42
CA GLU B 124 -9.41 13.90 3.70
C GLU B 124 -8.78 14.14 5.06
N ASN B 125 -8.11 15.28 5.20
CA ASN B 125 -7.52 15.65 6.47
C ASN B 125 -8.63 16.06 7.44
N ASP B 126 -8.30 16.07 8.73
CA ASP B 126 -9.24 16.44 9.77
C ASP B 126 -9.23 17.95 10.06
N GLY B 127 -8.61 18.74 9.18
CA GLY B 127 -8.62 20.19 9.30
C GLY B 127 -9.07 20.88 8.03
N VAL B 128 -9.74 20.15 7.14
CA VAL B 128 -10.26 20.69 5.89
C VAL B 128 -11.72 20.28 5.79
N GLY B 129 -12.62 21.25 5.85
CA GLY B 129 -14.03 20.97 5.78
C GLY B 129 -14.87 22.16 6.20
N GLU B 130 -15.94 21.90 6.94
CA GLU B 130 -16.92 22.91 7.32
C GLU B 130 -17.73 22.38 8.47
N LEU B 131 -18.22 23.30 9.29
CA LEU B 131 -19.04 22.97 10.45
C LEU B 131 -20.23 23.90 10.48
N MET B 132 -21.29 23.45 11.14
CA MET B 132 -22.54 24.19 11.26
C MET B 132 -22.60 24.79 12.65
N LEU B 133 -22.78 26.10 12.73
CA LEU B 133 -22.83 26.82 13.99
C LEU B 133 -24.18 27.52 14.10
N THR B 134 -24.79 27.41 15.27
CA THR B 134 -26.11 27.94 15.55
C THR B 134 -25.99 29.17 16.44
N TYR B 135 -27.01 30.03 16.38
CA TYR B 135 -26.92 31.32 17.07
C TYR B 135 -26.80 31.19 18.58
N THR B 136 -27.14 30.04 19.14
CA THR B 136 -26.97 29.82 20.57
C THR B 136 -25.56 29.37 20.92
N GLY B 137 -24.68 29.16 19.94
CA GLY B 137 -23.34 28.68 20.17
C GLY B 137 -23.12 27.22 19.88
N TRP B 138 -24.18 26.46 19.58
CA TRP B 138 -24.04 25.02 19.39
C TRP B 138 -23.40 24.75 18.04
N ILE B 139 -22.36 23.93 18.03
CA ILE B 139 -21.60 23.59 16.83
C ILE B 139 -21.84 22.13 16.51
N ASN B 140 -22.18 21.86 15.25
CA ASN B 140 -22.23 20.50 14.70
C ASN B 140 -21.07 20.35 13.73
N MET B 141 -20.29 19.27 13.87
CA MET B 141 -19.08 19.06 13.06
C MET B 141 -19.05 17.64 12.50
N TRP B 142 -20.11 17.26 11.79
CA TRP B 142 -20.16 15.94 11.17
C TRP B 142 -18.96 15.71 10.28
N SER B 143 -18.36 14.52 10.39
CA SER B 143 -17.19 14.16 9.60
C SER B 143 -17.18 12.68 9.29
N PHE B 144 -16.88 12.34 8.03
CA PHE B 144 -16.78 10.95 7.61
C PHE B 144 -15.43 10.40 8.05
N ARG B 145 -15.37 9.11 8.33
CA ARG B 145 -14.13 8.52 8.85
C ARG B 145 -14.08 7.04 8.55
N LEU B 146 -13.09 6.63 7.77
CA LEU B 146 -12.85 5.23 7.43
C LEU B 146 -11.75 4.74 8.37
N LEU B 147 -12.04 3.74 9.19
CA LEU B 147 -11.14 3.34 10.27
C LEU B 147 -10.69 1.90 10.12
N HIS B 148 -9.40 1.69 10.36
CA HIS B 148 -8.80 0.36 10.53
C HIS B 148 -8.48 0.26 12.02
N THR B 149 -9.42 -0.28 12.79
CA THR B 149 -9.36 -0.23 14.25
C THR B 149 -9.09 -1.61 14.83
N TYR B 150 -8.18 -1.63 15.81
CA TYR B 150 -7.69 -2.88 16.38
C TYR B 150 -8.77 -3.57 17.19
N CYS B 151 -8.94 -4.86 16.96
CA CYS B 151 -9.86 -5.70 17.71
C CYS B 151 -9.18 -7.02 18.03
N GLN B 152 -9.37 -7.51 19.25
CA GLN B 152 -8.83 -8.81 19.65
C GLN B 152 -9.81 -9.88 19.19
N ILE B 153 -9.48 -10.55 18.09
CA ILE B 153 -10.40 -11.44 17.40
C ILE B 153 -10.09 -12.86 17.82
N ASN B 154 -11.03 -13.48 18.54
CA ASN B 154 -10.92 -14.86 19.01
C ASN B 154 -11.78 -15.75 18.13
N ALA B 155 -11.14 -16.63 17.36
CA ALA B 155 -11.83 -17.54 16.45
C ALA B 155 -12.10 -18.89 17.10
N TYR B 156 -12.41 -18.87 18.39
CA TYR B 156 -12.67 -20.05 19.19
C TYR B 156 -13.87 -20.83 18.65
N THR B 157 -15.06 -20.23 18.73
CA THR B 157 -16.30 -20.89 18.36
C THR B 157 -16.60 -20.82 16.87
N TYR B 158 -15.56 -20.79 16.03
CA TYR B 158 -15.79 -20.71 14.59
C TYR B 158 -16.56 -21.93 14.12
N PRO B 159 -17.51 -21.78 13.16
CA PRO B 159 -18.00 -20.57 12.48
C PRO B 159 -19.22 -19.95 13.16
N PHE B 160 -19.60 -20.42 14.34
CA PHE B 160 -20.66 -19.80 15.15
C PHE B 160 -20.05 -18.85 16.16
N ASP B 161 -19.20 -17.95 15.67
CA ASP B 161 -18.36 -17.13 16.52
C ASP B 161 -18.93 -15.74 16.67
N GLU B 162 -18.66 -15.13 17.82
CA GLU B 162 -19.05 -13.77 18.12
C GLU B 162 -17.79 -12.98 18.51
N HIS B 163 -17.90 -11.66 18.48
CA HIS B 163 -16.76 -10.79 18.77
C HIS B 163 -17.29 -9.50 19.36
N THR B 164 -16.44 -8.84 20.13
CA THR B 164 -16.72 -7.53 20.71
C THR B 164 -15.57 -6.60 20.38
N CYS B 165 -15.85 -5.57 19.59
CA CYS B 165 -14.87 -4.57 19.22
C CYS B 165 -15.27 -3.22 19.80
N GLU B 166 -14.36 -2.60 20.53
CA GLU B 166 -14.60 -1.31 21.16
C GLU B 166 -13.92 -0.22 20.35
N ILE B 167 -14.71 0.75 19.90
CA ILE B 167 -14.22 1.89 19.14
C ILE B 167 -14.00 3.02 20.14
N TYR B 168 -12.77 3.45 20.30
CA TYR B 168 -12.40 4.39 21.35
C TYR B 168 -12.35 5.81 20.83
N LEU B 169 -12.87 6.73 21.64
CA LEU B 169 -12.66 8.16 21.47
C LEU B 169 -11.98 8.69 22.72
N CYS B 170 -10.97 9.54 22.56
CA CYS B 170 -10.34 10.17 23.70
C CYS B 170 -9.75 11.49 23.28
N VAL B 171 -9.81 12.47 24.18
CA VAL B 171 -9.17 13.76 23.92
C VAL B 171 -7.67 13.54 23.82
N ALA B 172 -7.02 14.35 22.99
CA ALA B 172 -5.61 14.11 22.69
C ALA B 172 -4.70 14.53 23.84
N LEU B 173 -4.85 15.77 24.31
CA LEU B 173 -3.94 16.32 25.30
C LEU B 173 -4.62 17.12 26.40
N HIS B 174 -5.90 17.40 26.32
CA HIS B 174 -6.54 18.25 27.30
C HIS B 174 -6.92 17.45 28.53
N THR B 175 -6.82 18.09 29.68
CA THR B 175 -7.18 17.46 30.94
C THR B 175 -8.69 17.52 31.17
N ILE B 176 -9.16 16.67 32.07
CA ILE B 176 -10.59 16.58 32.36
C ILE B 176 -11.13 17.87 32.95
N ASN B 177 -10.28 18.70 33.53
CA ASN B 177 -10.74 20.02 33.98
C ASN B 177 -10.77 21.05 32.86
N HIS B 178 -10.37 20.67 31.64
CA HIS B 178 -10.47 21.53 30.47
C HIS B 178 -11.48 21.01 29.45
N THR B 179 -11.35 19.77 28.99
CA THR B 179 -12.26 19.19 28.01
C THR B 179 -12.66 17.79 28.42
N ARG B 180 -13.95 17.48 28.24
CA ARG B 180 -14.52 16.19 28.61
C ARG B 180 -15.44 15.70 27.49
N ILE B 181 -15.51 14.38 27.34
CA ILE B 181 -16.49 13.75 26.46
C ILE B 181 -17.73 13.49 27.31
N LYS B 182 -18.75 14.34 27.14
CA LYS B 182 -19.96 14.22 27.95
C LYS B 182 -20.64 12.87 27.74
N GLU B 183 -20.78 12.44 26.48
CA GLU B 183 -21.53 11.24 26.16
C GLU B 183 -21.10 10.76 24.79
N LEU B 184 -21.41 9.50 24.52
CA LEU B 184 -21.16 8.88 23.22
C LEU B 184 -22.45 8.18 22.80
N ILE B 185 -23.04 8.65 21.72
CA ILE B 185 -24.27 8.07 21.18
C ILE B 185 -23.86 7.35 19.90
N TYR B 186 -23.94 6.03 19.92
CA TYR B 186 -23.56 5.20 18.79
C TYR B 186 -24.79 4.46 18.29
N GLU B 187 -24.96 4.44 16.98
CA GLU B 187 -26.08 3.75 16.35
C GLU B 187 -25.57 3.12 15.06
N ASP B 188 -26.49 2.60 14.26
CA ASP B 188 -26.19 2.04 12.95
C ASP B 188 -27.12 2.72 11.96
N SER B 189 -26.57 3.15 10.83
CA SER B 189 -27.35 3.87 9.84
C SER B 189 -28.13 2.96 8.93
N LYS B 190 -27.70 1.70 8.77
CA LYS B 190 -28.37 0.70 7.95
C LYS B 190 -28.25 0.99 6.47
N PHE B 191 -27.29 1.86 6.09
CA PHE B 191 -26.99 2.15 4.69
C PHE B 191 -26.98 0.91 3.82
N THR B 192 -26.35 -0.16 4.30
CA THR B 192 -26.21 -1.40 3.56
C THR B 192 -26.41 -2.56 4.50
N GLN B 193 -26.85 -3.69 3.94
CA GLN B 193 -26.93 -4.94 4.67
C GLN B 193 -25.67 -5.74 4.38
N ASN B 194 -25.18 -6.44 5.39
CA ASN B 194 -23.89 -7.11 5.27
C ASN B 194 -24.01 -8.46 4.58
N TYR B 195 -24.83 -9.34 5.14
CA TYR B 195 -25.04 -10.74 4.74
C TYR B 195 -23.91 -11.62 5.26
N LYS B 196 -22.95 -11.10 6.02
CA LYS B 196 -21.86 -11.91 6.56
C LYS B 196 -21.75 -11.72 8.06
N TRP B 197 -22.02 -10.52 8.56
CA TRP B 197 -21.98 -10.23 9.98
C TRP B 197 -23.26 -9.55 10.43
N ASP B 198 -23.78 -9.99 11.56
CA ASP B 198 -24.90 -9.32 12.23
C ASP B 198 -24.32 -8.28 13.18
N ILE B 199 -24.51 -7.00 12.84
CA ILE B 199 -23.94 -5.90 13.61
C ILE B 199 -24.96 -5.41 14.61
N ASN B 200 -24.51 -5.12 15.84
CA ASN B 200 -25.35 -4.62 16.92
C ASN B 200 -24.59 -3.49 17.61
N VAL B 201 -24.70 -2.28 17.07
CA VAL B 201 -24.04 -1.09 17.59
C VAL B 201 -25.14 -0.12 17.98
N SER B 202 -25.59 -0.19 19.22
CA SER B 202 -26.60 0.74 19.71
C SER B 202 -26.39 0.95 21.19
N GLY B 203 -26.67 2.17 21.64
CA GLY B 203 -26.56 2.52 23.04
C GLY B 203 -25.89 3.85 23.32
N LYS B 204 -26.05 4.32 24.56
CA LYS B 204 -25.47 5.55 25.04
C LYS B 204 -24.60 5.26 26.26
N VAL B 205 -23.42 5.86 26.31
CA VAL B 205 -22.50 5.69 27.43
C VAL B 205 -21.86 7.03 27.77
N ASN B 206 -21.77 7.31 29.07
CA ASN B 206 -21.05 8.48 29.55
C ASN B 206 -19.54 8.30 29.34
N GLY B 207 -18.83 9.41 29.29
CA GLY B 207 -17.39 9.35 29.17
C GLY B 207 -16.72 8.92 30.46
N THR B 208 -15.55 8.29 30.31
CA THR B 208 -14.76 7.82 31.43
C THR B 208 -13.62 8.80 31.68
N ASP B 209 -13.48 9.23 32.94
CA ASP B 209 -12.50 10.24 33.32
C ASP B 209 -11.33 9.59 34.04
N GLU B 210 -10.17 9.47 33.34
CA GLU B 210 -8.93 8.98 33.96
C GLU B 210 -7.78 9.83 33.40
N LEU B 211 -7.67 11.07 33.88
CA LEU B 211 -6.70 12.09 33.50
C LEU B 211 -6.96 12.68 32.12
N PHE B 212 -7.43 11.87 31.18
CA PHE B 212 -7.89 12.31 29.86
C PHE B 212 -9.25 11.66 29.63
N SER B 213 -10.27 12.44 29.34
CA SER B 213 -11.58 11.87 29.10
C SER B 213 -11.53 10.90 27.92
N TYR B 214 -12.41 9.91 27.95
CA TYR B 214 -12.48 8.96 26.85
C TYR B 214 -13.70 8.07 27.03
N ALA B 215 -14.22 7.58 25.92
CA ALA B 215 -15.37 6.70 25.88
C ALA B 215 -15.13 5.66 24.80
N PHE B 216 -15.96 4.61 24.80
CA PHE B 216 -15.86 3.62 23.73
C PHE B 216 -17.23 3.04 23.45
N ALA B 217 -17.46 2.75 22.16
CA ALA B 217 -18.70 2.13 21.70
C ALA B 217 -18.48 0.63 21.56
N PRO B 218 -19.25 -0.25 22.22
CA PRO B 218 -19.05 -1.68 21.99
C PRO B 218 -19.77 -2.14 20.74
N MET B 219 -19.03 -2.75 19.82
CA MET B 219 -19.57 -3.33 18.60
C MET B 219 -19.58 -4.85 18.71
N TYR B 220 -20.76 -5.45 18.69
CA TYR B 220 -20.92 -6.90 18.71
C TYR B 220 -21.13 -7.40 17.30
N LEU B 221 -20.39 -8.44 16.91
CA LEU B 221 -20.40 -8.97 15.56
C LEU B 221 -20.59 -10.47 15.63
N ARG B 222 -21.69 -10.96 15.05
CA ARG B 222 -22.01 -12.38 15.00
C ARG B 222 -22.01 -12.81 13.54
N ARG B 223 -21.22 -13.82 13.22
CA ARG B 223 -21.20 -14.33 11.86
C ARG B 223 -22.54 -14.97 11.50
N LYS B 224 -23.11 -14.55 10.39
CA LYS B 224 -24.40 -15.08 9.95
C LYS B 224 -24.17 -16.43 9.30
N LEU B 225 -25.00 -17.41 9.66
CA LEU B 225 -24.84 -18.78 9.16
C LEU B 225 -25.36 -18.82 7.73
N THR B 226 -24.43 -18.85 6.77
CA THR B 226 -24.76 -18.94 5.36
C THR B 226 -24.66 -20.38 4.87
N VAL B 227 -25.49 -20.70 3.88
CA VAL B 227 -25.47 -22.05 3.35
C VAL B 227 -24.20 -22.29 2.54
N GLY B 228 -23.51 -21.23 2.11
CA GLY B 228 -22.18 -21.43 1.59
C GLY B 228 -21.23 -21.94 2.66
N ILE B 229 -21.36 -21.42 3.87
CA ILE B 229 -20.52 -21.89 4.97
C ILE B 229 -20.87 -23.32 5.35
N ILE B 230 -22.17 -23.63 5.42
CA ILE B 230 -22.55 -25.01 5.78
C ILE B 230 -22.05 -25.99 4.72
N ALA B 231 -22.16 -25.60 3.44
CA ALA B 231 -21.63 -26.44 2.38
C ALA B 231 -20.12 -26.61 2.51
N MET B 232 -19.41 -25.54 2.86
CA MET B 232 -17.97 -25.64 3.08
C MET B 232 -17.66 -26.59 4.22
N LEU B 233 -18.52 -26.64 5.24
CA LEU B 233 -18.33 -27.60 6.33
C LEU B 233 -18.55 -29.04 5.89
N ILE B 234 -19.56 -29.28 5.02
CA ILE B 234 -19.93 -30.66 4.64
C ILE B 234 -18.74 -31.55 4.31
N PRO B 235 -17.75 -31.12 3.51
CA PRO B 235 -16.57 -31.97 3.28
C PRO B 235 -15.88 -32.43 4.55
N THR B 236 -15.77 -31.56 5.56
CA THR B 236 -15.13 -31.97 6.80
C THR B 236 -15.90 -33.11 7.45
N VAL B 237 -17.23 -32.99 7.49
CA VAL B 237 -18.04 -34.01 8.14
C VAL B 237 -17.91 -35.34 7.42
N MET B 238 -17.98 -35.33 6.08
CA MET B 238 -17.90 -36.60 5.38
C MET B 238 -16.50 -37.20 5.48
N MET B 239 -15.45 -36.37 5.57
CA MET B 239 -14.13 -36.92 5.83
C MET B 239 -14.05 -37.54 7.21
N THR B 240 -14.70 -36.96 8.21
CA THR B 240 -14.71 -37.60 9.52
C THR B 240 -15.39 -38.96 9.47
N ILE B 241 -16.54 -39.03 8.79
CA ILE B 241 -17.24 -40.32 8.64
C ILE B 241 -16.33 -41.31 7.92
N LEU B 242 -15.65 -40.85 6.87
CA LEU B 242 -14.82 -41.75 6.08
C LEU B 242 -13.62 -42.25 6.88
N THR B 243 -13.01 -41.37 7.69
CA THR B 243 -11.93 -41.80 8.57
C THR B 243 -12.40 -42.82 9.58
N ILE B 244 -13.58 -42.62 10.16
CA ILE B 244 -14.11 -43.60 11.10
C ILE B 244 -14.31 -44.93 10.38
N PHE B 245 -14.83 -44.90 9.16
CA PHE B 245 -15.08 -46.12 8.42
C PHE B 245 -13.79 -46.88 8.13
N VAL B 246 -12.77 -46.18 7.63
CA VAL B 246 -11.51 -46.86 7.32
C VAL B 246 -10.83 -47.36 8.58
N PHE B 247 -10.94 -46.60 9.68
CA PHE B 247 -10.39 -47.08 10.95
C PHE B 247 -11.10 -48.34 11.41
N LEU B 248 -12.39 -48.47 11.10
CA LEU B 248 -13.14 -49.67 11.45
C LEU B 248 -12.95 -50.79 10.43
N LEU B 249 -12.35 -50.48 9.27
CA LEU B 249 -12.17 -51.48 8.22
C LEU B 249 -11.35 -52.67 8.74
N PRO B 250 -11.62 -53.89 8.25
CA PRO B 250 -10.81 -55.05 8.68
C PRO B 250 -9.33 -54.87 8.39
N PRO B 251 -8.44 -55.13 9.38
CA PRO B 251 -6.99 -55.14 9.08
C PRO B 251 -6.58 -55.95 7.86
N GLU B 252 -7.30 -57.02 7.53
CA GLU B 252 -6.96 -57.90 6.42
C GLU B 252 -7.79 -57.63 5.18
N SER B 253 -8.51 -56.50 5.14
CA SER B 253 -9.27 -56.15 3.94
C SER B 253 -8.34 -55.97 2.74
N GLY B 254 -7.19 -55.35 2.94
CA GLY B 254 -6.21 -55.07 1.91
C GLY B 254 -6.15 -53.61 1.49
N GLU B 255 -7.18 -52.83 1.79
CA GLU B 255 -7.24 -51.42 1.45
C GLU B 255 -6.84 -50.52 2.63
N LYS B 256 -6.52 -51.11 3.78
CA LYS B 256 -6.20 -50.36 4.98
C LYS B 256 -5.08 -49.36 4.74
N VAL B 257 -3.88 -49.85 4.43
CA VAL B 257 -2.72 -48.97 4.28
C VAL B 257 -2.96 -47.95 3.17
N SER B 258 -3.56 -48.37 2.06
CA SER B 258 -3.77 -47.47 0.93
C SER B 258 -4.66 -46.30 1.31
N LEU B 259 -5.82 -46.59 1.92
CA LEU B 259 -6.73 -45.50 2.24
C LEU B 259 -6.24 -44.72 3.44
N ALA B 260 -5.47 -45.35 4.33
CA ALA B 260 -4.92 -44.61 5.46
C ALA B 260 -3.90 -43.59 4.98
N THR B 261 -3.05 -43.99 4.04
CA THR B 261 -2.06 -43.08 3.50
C THR B 261 -2.73 -41.94 2.74
N THR B 262 -3.62 -42.27 1.80
CA THR B 262 -4.24 -41.23 0.97
C THR B 262 -5.04 -40.25 1.81
N ILE B 263 -5.72 -40.75 2.85
CA ILE B 263 -6.58 -39.88 3.63
C ILE B 263 -5.80 -39.17 4.73
N PHE B 264 -4.66 -39.69 5.15
CA PHE B 264 -3.74 -38.89 5.96
C PHE B 264 -3.19 -37.72 5.15
N LEU B 265 -2.84 -37.97 3.88
CA LEU B 265 -2.44 -36.90 2.98
C LEU B 265 -3.51 -35.82 2.91
N SER B 266 -4.74 -36.21 2.54
CA SER B 266 -5.81 -35.22 2.40
C SER B 266 -6.11 -34.50 3.72
N ASN B 267 -6.08 -35.25 4.83
CA ASN B 267 -6.30 -34.64 6.15
C ASN B 267 -5.25 -33.57 6.42
N VAL B 268 -3.98 -33.87 6.15
CA VAL B 268 -2.92 -32.91 6.37
C VAL B 268 -3.09 -31.72 5.44
N LEU B 269 -3.55 -31.95 4.21
CA LEU B 269 -3.82 -30.84 3.30
C LEU B 269 -4.84 -29.87 3.90
N TYR B 270 -5.92 -30.40 4.46
CA TYR B 270 -6.91 -29.50 5.05
C TYR B 270 -6.40 -28.89 6.35
N LEU B 271 -5.54 -29.60 7.08
CA LEU B 271 -5.03 -29.08 8.34
C LEU B 271 -4.11 -27.89 8.10
N VAL B 272 -3.14 -28.06 7.18
CA VAL B 272 -2.31 -26.95 6.74
C VAL B 272 -3.17 -25.79 6.25
N GLN B 273 -4.14 -26.09 5.37
CA GLN B 273 -4.99 -25.05 4.80
C GLN B 273 -5.66 -24.21 5.90
N ILE B 274 -6.35 -24.86 6.84
CA ILE B 274 -7.06 -24.11 7.86
C ILE B 274 -6.07 -23.39 8.78
N ASP B 275 -4.95 -24.05 9.13
CA ASP B 275 -4.02 -23.45 10.08
C ASP B 275 -3.40 -22.18 9.51
N LYS B 276 -3.19 -22.13 8.19
CA LYS B 276 -2.63 -20.93 7.60
C LYS B 276 -3.64 -19.78 7.54
N THR B 277 -4.94 -20.06 7.74
CA THR B 277 -5.98 -19.04 7.70
C THR B 277 -6.55 -18.68 9.07
N THR B 278 -6.37 -19.55 10.07
CA THR B 278 -6.90 -19.26 11.39
C THR B 278 -6.07 -18.17 12.07
N PRO B 279 -6.68 -17.28 12.86
CA PRO B 279 -5.88 -16.29 13.58
C PRO B 279 -4.95 -16.97 14.57
N THR B 280 -3.71 -16.47 14.65
CA THR B 280 -2.73 -16.97 15.60
C THR B 280 -2.82 -16.27 16.95
N ASN B 281 -3.57 -15.18 17.06
CA ASN B 281 -3.68 -14.36 18.27
C ASN B 281 -5.11 -14.50 18.79
N THR B 282 -5.35 -15.54 19.59
CA THR B 282 -6.67 -15.82 20.15
C THR B 282 -6.51 -16.24 21.60
N LYS B 283 -7.52 -15.91 22.41
CA LYS B 283 -7.51 -16.33 23.80
C LYS B 283 -7.47 -17.85 23.89
N TYR B 284 -8.25 -18.53 23.05
CA TYR B 284 -8.23 -19.97 22.91
C TYR B 284 -8.16 -20.33 21.43
N PRO B 285 -7.63 -21.51 21.09
CA PRO B 285 -7.59 -21.89 19.67
C PRO B 285 -8.98 -22.25 19.14
N SER B 286 -9.04 -22.43 17.83
CA SER B 286 -10.29 -22.79 17.17
C SER B 286 -10.66 -24.24 17.47
N LEU B 287 -11.88 -24.43 17.98
CA LEU B 287 -12.37 -25.78 18.28
C LEU B 287 -12.37 -26.65 17.03
N LEU B 288 -12.84 -26.11 15.90
CA LEU B 288 -12.88 -26.90 14.68
C LEU B 288 -11.48 -27.29 14.26
N MET B 289 -10.53 -26.36 14.33
CA MET B 289 -9.15 -26.67 14.00
C MET B 289 -8.63 -27.80 14.89
N LEU B 290 -8.92 -27.74 16.19
CA LEU B 290 -8.42 -28.78 17.08
C LEU B 290 -9.13 -30.11 16.80
N TYR B 291 -10.38 -30.04 16.35
CA TYR B 291 -11.12 -31.24 15.98
C TYR B 291 -10.52 -31.89 14.73
N LEU B 292 -10.00 -31.08 13.82
CA LEU B 292 -9.32 -31.63 12.66
C LEU B 292 -7.91 -32.09 13.00
N MET B 293 -7.26 -31.46 13.97
CA MET B 293 -6.00 -32.00 14.48
C MET B 293 -6.21 -33.38 15.08
N LEU B 294 -7.29 -33.54 15.86
CA LEU B 294 -7.63 -34.86 16.41
C LEU B 294 -7.91 -35.84 15.29
N LEU B 295 -8.60 -35.39 14.23
CA LEU B 295 -8.85 -36.27 13.09
C LEU B 295 -7.54 -36.73 12.46
N SER B 296 -6.59 -35.82 12.27
CA SER B 296 -5.31 -36.20 11.70
C SER B 296 -4.57 -37.16 12.61
N MET B 297 -4.63 -36.94 13.92
CA MET B 297 -3.99 -37.84 14.86
C MET B 297 -4.61 -39.23 14.79
N LEU B 298 -5.93 -39.31 14.66
CA LEU B 298 -6.59 -40.60 14.55
C LEU B 298 -6.20 -41.29 13.24
N SER B 299 -6.06 -40.53 12.16
CA SER B 299 -5.59 -41.11 10.91
C SER B 299 -4.16 -41.66 11.07
N GLY B 300 -3.31 -40.91 11.76
CA GLY B 300 -1.96 -41.41 12.03
C GLY B 300 -1.97 -42.67 12.87
N ILE B 301 -2.87 -42.75 13.86
CA ILE B 301 -2.96 -43.94 14.69
C ILE B 301 -3.46 -45.12 13.85
N ALA B 302 -4.38 -44.86 12.92
CA ALA B 302 -4.83 -45.92 12.01
C ALA B 302 -3.68 -46.42 11.15
N THR B 303 -2.85 -45.50 10.63
CA THR B 303 -1.68 -45.90 9.87
C THR B 303 -0.71 -46.71 10.72
N LEU B 304 -0.54 -46.31 11.98
CA LEU B 304 0.32 -47.04 12.91
C LEU B 304 -0.19 -48.47 13.10
N GLY B 305 -1.49 -48.61 13.32
CA GLY B 305 -2.05 -49.94 13.48
C GLY B 305 -1.89 -50.78 12.23
N SER B 306 -2.09 -50.15 11.06
CA SER B 306 -1.98 -50.87 9.80
C SER B 306 -0.56 -51.38 9.58
N VAL B 307 0.45 -50.52 9.79
CA VAL B 307 1.83 -50.95 9.59
C VAL B 307 2.21 -52.01 10.62
N VAL B 308 1.77 -51.84 11.87
CA VAL B 308 2.10 -52.81 12.91
C VAL B 308 1.53 -54.19 12.54
N ILE B 309 0.27 -54.22 12.11
CA ILE B 309 -0.35 -55.48 11.71
C ILE B 309 0.36 -56.05 10.49
N SER B 310 0.72 -55.19 9.53
CA SER B 310 1.36 -55.66 8.32
C SER B 310 2.71 -56.33 8.62
N LYS B 311 3.52 -55.73 9.49
CA LYS B 311 4.78 -56.37 9.84
C LYS B 311 4.55 -57.64 10.66
N LEU B 312 3.66 -57.57 11.65
CA LEU B 312 3.31 -58.76 12.43
C LEU B 312 2.24 -59.57 11.72
N THR C 21 -11.62 35.42 38.44
CA THR C 21 -11.27 34.17 37.71
C THR C 21 -10.68 34.50 36.35
N PRO C 22 -9.82 33.64 35.81
CA PRO C 22 -9.23 33.93 34.50
C PRO C 22 -10.28 33.89 33.41
N THR C 23 -10.09 34.73 32.40
CA THR C 23 -11.05 34.91 31.32
C THR C 23 -10.38 34.73 29.96
N TYR C 24 -11.23 34.71 28.94
CA TYR C 24 -10.76 34.59 27.56
C TYR C 24 -9.87 35.77 27.19
N GLY C 25 -10.28 36.98 27.60
CA GLY C 25 -9.44 38.14 27.33
C GLY C 25 -8.11 38.08 28.04
N ASP C 26 -8.11 37.52 29.26
CA ASP C 26 -6.85 37.37 29.99
C ASP C 26 -5.91 36.43 29.25
N GLU C 27 -6.41 35.29 28.79
CA GLU C 27 -5.54 34.39 28.05
C GLU C 27 -5.11 34.99 26.73
N ARG C 28 -5.98 35.76 26.08
CA ARG C 28 -5.59 36.42 24.84
C ARG C 28 -4.45 37.40 25.08
N LEU C 29 -4.55 38.21 26.15
CA LEU C 29 -3.47 39.12 26.48
C LEU C 29 -2.19 38.37 26.77
N LEU C 30 -2.29 37.26 27.51
CA LEU C 30 -1.11 36.49 27.86
C LEU C 30 -0.42 35.97 26.61
N ARG C 31 -1.18 35.38 25.69
CA ARG C 31 -0.59 34.84 24.48
C ARG C 31 0.02 35.94 23.62
N GLU C 32 -0.67 37.08 23.54
CA GLU C 32 -0.17 38.18 22.71
C GLU C 32 1.16 38.69 23.24
N LYS C 33 1.29 38.82 24.56
CA LYS C 33 2.58 39.24 25.10
C LYS C 33 3.60 38.12 24.99
N LEU C 34 3.16 36.88 25.13
CA LEU C 34 4.08 35.75 25.17
C LEU C 34 4.80 35.57 23.83
N LEU C 35 4.07 35.69 22.72
CA LEU C 35 4.62 35.41 21.40
C LEU C 35 5.17 36.66 20.72
N THR C 36 5.39 37.75 21.46
CA THR C 36 5.74 39.03 20.84
C THR C 36 7.02 38.94 20.02
N ASN C 37 8.11 38.46 20.63
CA ASN C 37 9.42 38.42 19.98
C ASN C 37 9.96 36.99 19.93
N TYR C 38 9.07 36.01 19.81
CA TYR C 38 9.47 34.62 19.78
C TYR C 38 9.82 34.20 18.36
N SER C 39 11.01 33.64 18.18
CA SER C 39 11.45 33.08 16.92
C SER C 39 11.39 31.56 17.03
N LYS C 40 10.59 30.93 16.18
CA LYS C 40 10.42 29.49 16.27
C LYS C 40 11.72 28.75 16.02
N SER C 41 12.66 29.35 15.29
CA SER C 41 13.86 28.67 14.85
C SER C 41 15.08 28.94 15.73
N ILE C 42 14.99 29.84 16.70
CA ILE C 42 16.08 30.15 17.62
C ILE C 42 15.85 29.32 18.87
N ARG C 43 16.88 28.59 19.31
CA ARG C 43 16.68 27.68 20.44
C ARG C 43 16.19 28.47 21.65
N PRO C 44 15.34 27.87 22.48
CA PRO C 44 14.74 28.65 23.58
C PRO C 44 15.62 28.70 24.81
N VAL C 45 16.69 29.48 24.73
CA VAL C 45 17.61 29.66 25.85
C VAL C 45 18.06 31.11 25.87
N ILE C 46 18.06 31.71 27.06
CA ILE C 46 18.55 33.07 27.20
C ILE C 46 20.00 33.16 26.75
N ASN C 47 20.85 32.27 27.27
CA ASN C 47 22.24 32.19 26.86
C ASN C 47 22.42 31.01 25.94
N LEU C 48 22.86 31.27 24.71
CA LEU C 48 22.92 30.19 23.72
C LEU C 48 23.99 29.16 24.03
N THR C 49 24.87 29.41 25.01
CA THR C 49 25.91 28.44 25.34
C THR C 49 25.37 27.25 26.12
N LYS C 50 24.19 27.37 26.72
CA LYS C 50 23.60 26.27 27.49
C LYS C 50 22.78 25.37 26.56
N VAL C 51 22.70 24.10 26.91
CA VAL C 51 21.96 23.12 26.15
C VAL C 51 20.53 23.06 26.66
N VAL C 52 19.62 22.58 25.82
CA VAL C 52 18.25 22.29 26.22
C VAL C 52 18.15 20.78 26.48
N ASP C 53 17.84 20.44 27.72
CA ASP C 53 17.75 19.04 28.14
C ASP C 53 16.35 18.54 27.88
N VAL C 54 16.21 17.57 26.98
CA VAL C 54 14.94 16.98 26.62
C VAL C 54 14.87 15.60 27.27
N THR C 55 13.80 15.35 28.01
CA THR C 55 13.50 14.03 28.55
C THR C 55 12.30 13.48 27.82
N ALA C 56 12.46 12.29 27.24
CA ALA C 56 11.44 11.66 26.42
C ALA C 56 10.72 10.57 27.19
N LEU C 57 9.42 10.45 26.97
CA LEU C 57 8.57 9.45 27.61
C LEU C 57 7.88 8.64 26.53
N LEU C 58 8.24 7.37 26.41
CA LEU C 58 7.73 6.47 25.37
C LEU C 58 6.91 5.37 26.04
N TYR C 59 5.61 5.61 26.19
CA TYR C 59 4.70 4.61 26.73
C TYR C 59 4.13 3.79 25.57
N LEU C 60 4.40 2.49 25.57
CA LEU C 60 3.82 1.62 24.55
C LEU C 60 2.33 1.46 24.83
N GLN C 61 1.55 1.28 23.76
CA GLN C 61 0.11 1.05 23.88
C GLN C 61 -0.27 -0.36 23.45
N THR C 62 0.02 -0.73 22.20
CA THR C 62 -0.30 -2.06 21.68
C THR C 62 0.82 -2.52 20.76
N LEU C 63 1.09 -3.81 20.79
CA LEU C 63 2.04 -4.45 19.88
C LEU C 63 1.20 -5.18 18.83
N TYR C 64 0.89 -4.46 17.75
CA TYR C 64 -0.01 -4.99 16.73
C TYR C 64 0.45 -6.34 16.20
N ASP C 65 1.71 -6.43 15.79
CA ASP C 65 2.21 -7.65 15.17
C ASP C 65 3.73 -7.61 15.18
N LEU C 66 4.32 -8.78 14.97
CA LEU C 66 5.76 -8.92 14.79
C LEU C 66 5.96 -9.63 13.45
N ASP C 67 6.23 -8.85 12.41
CA ASP C 67 6.37 -9.39 11.07
C ASP C 67 7.75 -10.02 10.93
N PHE C 68 7.81 -11.36 10.83
CA PHE C 68 9.09 -12.03 10.78
C PHE C 68 9.77 -11.86 9.43
N VAL C 69 9.02 -11.93 8.34
CA VAL C 69 9.63 -11.92 7.02
C VAL C 69 10.26 -10.57 6.72
N ASN C 70 9.60 -9.48 7.15
CA ASN C 70 10.10 -8.14 6.90
C ASN C 70 11.00 -7.60 8.02
N ASN C 71 11.18 -8.34 9.10
CA ASN C 71 12.05 -7.95 10.21
C ASN C 71 11.60 -6.67 10.89
N PHE C 72 10.29 -6.44 10.97
CA PHE C 72 9.71 -5.25 11.59
C PHE C 72 8.82 -5.64 12.75
N ILE C 73 8.56 -4.67 13.62
CA ILE C 73 7.55 -4.79 14.68
C ILE C 73 6.62 -3.59 14.57
N MET C 74 5.32 -3.85 14.54
CA MET C 74 4.32 -2.80 14.40
C MET C 74 3.69 -2.53 15.76
N ALA C 75 3.78 -1.27 16.22
CA ALA C 75 3.21 -0.89 17.50
C ALA C 75 2.79 0.57 17.45
N ARG C 76 2.00 0.96 18.45
CA ARG C 76 1.53 2.33 18.63
C ARG C 76 1.96 2.82 20.01
N TYR C 77 2.68 3.93 20.04
CA TYR C 77 3.26 4.44 21.27
C TYR C 77 2.68 5.82 21.58
N TYR C 78 2.87 6.25 22.83
CA TYR C 78 2.48 7.59 23.26
C TYR C 78 3.72 8.44 23.48
N LEU C 79 4.52 8.65 22.44
CA LEU C 79 5.76 9.41 22.58
C LEU C 79 5.50 10.77 23.22
N GLY C 80 6.20 11.02 24.32
CA GLY C 80 6.13 12.30 25.00
C GLY C 80 7.51 12.94 25.00
N LEU C 81 7.52 14.27 24.95
CA LEU C 81 8.75 15.05 24.97
C LEU C 81 8.56 16.20 25.94
N ILE C 82 9.50 16.33 26.88
CA ILE C 82 9.44 17.38 27.89
C ILE C 82 10.78 18.10 27.89
N TRP C 83 10.72 19.42 27.87
CA TRP C 83 11.90 20.26 28.00
C TRP C 83 11.48 21.54 28.68
N ILE C 84 12.40 22.48 28.79
CA ILE C 84 12.18 23.74 29.50
C ILE C 84 12.47 24.88 28.55
N ASP C 85 11.52 25.81 28.44
CA ASP C 85 11.67 27.03 27.67
C ASP C 85 11.92 28.18 28.61
N GLU C 86 12.98 28.94 28.34
CA GLU C 86 13.35 30.06 29.19
C GLU C 86 12.75 31.38 28.73
N LYS C 87 12.22 31.46 27.51
CA LYS C 87 11.59 32.67 27.01
C LYS C 87 10.10 32.70 27.30
N LEU C 88 9.47 31.55 27.44
CA LEU C 88 8.03 31.44 27.63
C LEU C 88 7.71 31.25 29.10
N THR C 89 7.71 32.37 29.84
CA THR C 89 7.42 32.37 31.27
C THR C 89 6.56 33.58 31.60
N TRP C 90 5.91 33.51 32.76
CA TRP C 90 5.02 34.59 33.18
C TRP C 90 4.76 34.43 34.67
N ASN C 91 4.50 35.56 35.34
CA ASN C 91 4.02 35.51 36.70
C ASN C 91 2.51 35.27 36.67
N PRO C 92 1.99 34.12 37.10
CA PRO C 92 0.55 33.86 36.94
C PRO C 92 -0.33 34.83 37.71
N LEU C 93 0.18 35.46 38.77
CA LEU C 93 -0.64 36.43 39.49
C LEU C 93 -0.88 37.69 38.66
N ASP C 94 -0.08 37.91 37.62
CA ASP C 94 -0.26 39.06 36.75
C ASP C 94 -1.30 38.82 35.65
N TYR C 95 -1.85 37.62 35.56
CA TYR C 95 -2.81 37.27 34.52
C TYR C 95 -3.97 36.48 35.10
N ASN C 96 -4.44 36.89 36.29
CA ASN C 96 -5.60 36.28 36.92
C ASN C 96 -5.43 34.77 37.11
N ASN C 97 -4.21 34.36 37.46
CA ASN C 97 -3.92 32.99 37.88
C ASN C 97 -3.99 31.99 36.73
N ILE C 98 -3.76 32.43 35.50
CA ILE C 98 -3.64 31.49 34.39
C ILE C 98 -2.33 30.72 34.59
N THR C 99 -2.44 29.42 34.87
CA THR C 99 -1.27 28.60 35.13
C THR C 99 -0.80 27.78 33.94
N SER C 100 -1.61 27.63 32.91
CA SER C 100 -1.18 26.87 31.75
C SER C 100 -2.05 27.24 30.55
N ILE C 101 -1.45 27.19 29.37
CA ILE C 101 -2.14 27.44 28.11
C ILE C 101 -1.81 26.31 27.14
N TYR C 102 -2.51 26.32 26.01
CA TYR C 102 -2.29 25.36 24.93
C TYR C 102 -1.93 26.14 23.69
N LEU C 103 -0.79 25.82 23.09
CA LEU C 103 -0.28 26.50 21.92
C LEU C 103 -0.28 25.57 20.72
N PRO C 104 -0.48 26.06 19.50
CA PRO C 104 -0.33 25.18 18.34
C PRO C 104 1.11 24.73 18.19
N LYS C 105 1.27 23.45 17.86
CA LYS C 105 2.60 22.83 17.87
C LYS C 105 3.56 23.48 16.89
N ASP C 106 3.06 24.12 15.84
CA ASP C 106 3.92 24.69 14.81
C ASP C 106 4.26 26.17 15.04
N LYS C 107 3.82 26.75 16.16
CA LYS C 107 4.17 28.13 16.50
C LYS C 107 5.35 28.22 17.45
N ILE C 108 5.80 27.12 18.02
CA ILE C 108 6.78 27.12 19.10
C ILE C 108 7.94 26.22 18.68
N TRP C 109 9.12 26.51 19.22
CA TRP C 109 10.26 25.65 18.97
C TRP C 109 10.01 24.27 19.55
N THR C 110 10.33 23.25 18.76
CA THR C 110 10.11 21.86 19.12
C THR C 110 11.41 21.10 18.83
N PRO C 111 11.94 20.32 19.77
CA PRO C 111 13.20 19.63 19.52
C PRO C 111 13.05 18.70 18.33
N PRO C 112 14.08 18.54 17.50
CA PRO C 112 13.91 17.77 16.26
C PRO C 112 14.11 16.27 16.49
N ILE C 113 13.29 15.70 17.36
CA ILE C 113 13.41 14.28 17.69
C ILE C 113 12.76 13.47 16.58
N LYS C 114 13.44 12.42 16.15
CA LYS C 114 12.95 11.54 15.09
C LYS C 114 13.04 10.10 15.56
N MET C 115 12.12 9.27 15.08
CA MET C 115 12.17 7.83 15.33
C MET C 115 13.22 7.22 14.42
N CYS C 116 14.48 7.51 14.77
CA CYS C 116 15.68 7.28 14.00
C CYS C 116 15.74 5.90 13.33
N ASN C 117 15.32 4.87 14.06
CA ASN C 117 15.38 3.49 13.60
C ASN C 117 14.01 2.97 13.17
N SER C 118 13.15 3.86 12.67
CA SER C 118 11.76 3.49 12.42
C SER C 118 11.23 4.19 11.20
N MET C 119 10.27 3.54 10.55
CA MET C 119 9.44 4.18 9.53
C MET C 119 8.17 4.66 10.21
N ASP C 120 8.06 5.97 10.38
CA ASP C 120 6.90 6.56 11.04
C ASP C 120 5.72 6.50 10.06
N LYS C 121 4.88 5.49 10.22
CA LYS C 121 3.69 5.33 9.39
C LYS C 121 2.48 6.04 9.98
N SER C 122 2.69 6.96 10.92
CA SER C 122 1.61 7.74 11.51
C SER C 122 0.77 8.43 10.45
N GLU C 123 -0.48 8.76 10.79
CA GLU C 123 -1.41 9.38 9.85
C GLU C 123 -1.52 10.89 9.99
N GLU C 124 -1.15 11.44 11.14
CA GLU C 124 -1.06 12.89 11.33
C GLU C 124 0.39 13.31 11.19
N ASN C 125 0.59 14.54 10.70
CA ASN C 125 1.92 15.08 10.58
C ASN C 125 2.45 15.45 11.97
N ASP C 126 3.77 15.61 12.07
CA ASP C 126 4.42 15.96 13.32
C ASP C 126 4.52 17.47 13.53
N GLY C 127 3.78 18.25 12.75
CA GLY C 127 3.71 19.70 12.91
C GLY C 127 2.29 20.21 13.00
N VAL C 128 1.33 19.33 13.30
CA VAL C 128 -0.07 19.69 13.43
C VAL C 128 -0.57 19.09 14.74
N GLY C 129 -0.90 19.96 15.69
CA GLY C 129 -1.36 19.50 16.99
C GLY C 129 -1.37 20.61 18.01
N GLU C 130 -0.97 20.28 19.24
CA GLU C 130 -1.04 21.20 20.37
C GLU C 130 -0.13 20.67 21.46
N LEU C 131 0.39 21.59 22.27
CA LEU C 131 1.25 21.25 23.37
C LEU C 131 0.81 22.03 24.60
N MET C 132 1.17 21.51 25.78
CA MET C 132 0.80 22.10 27.05
C MET C 132 2.04 22.80 27.60
N LEU C 133 1.89 24.08 27.91
CA LEU C 133 2.98 24.89 28.44
C LEU C 133 2.59 25.42 29.81
N THR C 134 3.51 25.34 30.75
CA THR C 134 3.30 25.73 32.13
C THR C 134 4.04 27.03 32.41
N TYR C 135 3.58 27.76 33.42
CA TYR C 135 4.10 29.11 33.68
C TYR C 135 5.59 29.11 34.02
N THR C 136 6.14 27.97 34.43
CA THR C 136 7.57 27.89 34.70
C THR C 136 8.40 27.64 33.45
N GLY C 137 7.76 27.47 32.29
CA GLY C 137 8.46 27.17 31.05
C GLY C 137 8.40 25.72 30.62
N TRP C 138 7.87 24.83 31.45
CA TRP C 138 7.89 23.41 31.13
C TRP C 138 6.85 23.11 30.07
N ILE C 139 7.27 22.41 29.01
CA ILE C 139 6.40 22.08 27.88
C ILE C 139 6.19 20.57 27.87
N ASN C 140 4.92 20.16 27.76
CA ASN C 140 4.55 18.77 27.51
C ASN C 140 4.01 18.69 26.09
N MET C 141 4.51 17.72 25.31
CA MET C 141 4.15 17.59 23.90
C MET C 141 3.81 16.15 23.56
N TRP C 142 2.86 15.57 24.28
CA TRP C 142 2.42 14.21 24.03
C TRP C 142 1.97 14.05 22.58
N SER C 143 2.40 12.96 21.95
CA SER C 143 2.06 12.68 20.56
C SER C 143 1.94 11.19 20.31
N PHE C 144 0.90 10.78 19.60
CA PHE C 144 0.69 9.39 19.25
C PHE C 144 1.58 9.06 18.07
N ARG C 145 2.03 7.81 17.99
CA ARG C 145 2.97 7.43 16.93
C ARG C 145 2.88 5.93 16.65
N LEU C 146 2.48 5.59 15.43
CA LEU C 146 2.42 4.21 14.97
C LEU C 146 3.69 3.95 14.19
N LEU C 147 4.49 2.99 14.64
CA LEU C 147 5.84 2.79 14.11
C LEU C 147 6.01 1.41 13.50
N HIS C 148 6.67 1.38 12.34
CA HIS C 148 7.18 0.17 11.72
C HIS C 148 8.68 0.23 11.88
N THR C 149 9.19 -0.35 12.96
CA THR C 149 10.58 -0.17 13.37
C THR C 149 11.38 -1.44 13.17
N TYR C 150 12.57 -1.28 12.63
CA TYR C 150 13.42 -2.41 12.24
C TYR C 150 13.92 -3.16 13.46
N CYS C 151 13.80 -4.48 13.43
CA CYS C 151 14.34 -5.36 14.46
C CYS C 151 15.00 -6.56 13.80
N GLN C 152 16.15 -6.96 14.33
CA GLN C 152 16.84 -8.15 13.83
C GLN C 152 16.24 -9.36 14.51
N ILE C 153 15.39 -10.08 13.78
CA ILE C 153 14.56 -11.13 14.35
C ILE C 153 15.23 -12.47 14.06
N ASN C 154 15.68 -13.13 15.12
CA ASN C 154 16.33 -14.43 15.04
C ASN C 154 15.34 -15.51 15.49
N ALA C 155 14.92 -16.35 14.56
CA ALA C 155 13.95 -17.42 14.84
C ALA C 155 14.65 -18.73 15.18
N TYR C 156 15.77 -18.63 15.90
CA TYR C 156 16.58 -19.78 16.30
C TYR C 156 15.79 -20.73 17.17
N THR C 157 15.42 -20.28 18.37
CA THR C 157 14.78 -21.12 19.36
C THR C 157 13.26 -21.21 19.17
N TYR C 158 12.79 -21.12 17.93
CA TYR C 158 11.36 -21.19 17.69
C TYR C 158 10.80 -22.53 18.15
N PRO C 159 9.60 -22.58 18.75
CA PRO C 159 8.66 -21.50 19.11
C PRO C 159 8.85 -20.99 20.52
N PHE C 160 9.90 -21.40 21.22
CA PHE C 160 10.26 -20.84 22.53
C PHE C 160 11.29 -19.75 22.37
N ASP C 161 10.99 -18.80 21.50
CA ASP C 161 11.95 -17.82 21.05
C ASP C 161 11.74 -16.49 21.77
N GLU C 162 12.85 -15.76 21.94
CA GLU C 162 12.84 -14.43 22.52
C GLU C 162 13.50 -13.48 21.52
N HIS C 163 13.29 -12.18 21.73
CA HIS C 163 13.81 -11.16 20.84
C HIS C 163 14.05 -9.89 21.62
N THR C 164 14.97 -9.07 21.14
CA THR C 164 15.26 -7.77 21.71
C THR C 164 15.20 -6.73 20.61
N CYS C 165 14.25 -5.81 20.71
CA CYS C 165 14.08 -4.73 19.76
C CYS C 165 14.34 -3.40 20.45
N GLU C 166 15.24 -2.61 19.88
CA GLU C 166 15.62 -1.32 20.42
C GLU C 166 14.93 -0.22 19.63
N ILE C 167 14.15 0.61 20.31
CA ILE C 167 13.45 1.73 19.71
C ILE C 167 14.32 2.96 19.92
N TYR C 168 14.79 3.55 18.83
CA TYR C 168 15.80 4.60 18.89
C TYR C 168 15.15 5.98 18.82
N LEU C 169 15.64 6.89 19.65
CA LEU C 169 15.38 8.31 19.53
C LEU C 169 16.70 9.03 19.34
N CYS C 170 16.76 9.98 18.41
CA CYS C 170 17.95 10.79 18.25
C CYS C 170 17.57 12.13 17.66
N VAL C 171 18.29 13.17 18.09
CA VAL C 171 18.09 14.49 17.52
C VAL C 171 18.49 14.45 16.05
N ALA C 172 17.81 15.26 15.24
CA ALA C 172 17.99 15.17 13.80
C ALA C 172 19.30 15.79 13.36
N LEU C 173 19.56 17.04 13.75
CA LEU C 173 20.72 17.78 13.26
C LEU C 173 21.45 18.58 14.33
N HIS C 174 20.94 18.68 15.54
CA HIS C 174 21.57 19.53 16.53
C HIS C 174 22.71 18.80 17.21
N THR C 175 23.76 19.54 17.54
CA THR C 175 24.91 18.97 18.22
C THR C 175 24.64 18.86 19.72
N ILE C 176 25.45 18.04 20.38
CA ILE C 176 25.28 17.81 21.81
C ILE C 176 25.53 19.05 22.63
N ASN C 177 26.24 20.04 22.10
CA ASN C 177 26.37 21.32 22.79
C ASN C 177 25.18 22.23 22.55
N HIS C 178 24.20 21.81 21.76
CA HIS C 178 22.96 22.55 21.56
C HIS C 178 21.75 21.83 22.14
N THR C 179 21.51 20.58 21.76
CA THR C 179 20.37 19.81 22.27
C THR C 179 20.79 18.41 22.65
N ARG C 180 20.27 17.93 23.78
CA ARG C 180 20.59 16.62 24.32
C ARG C 180 19.32 15.93 24.78
N ILE C 181 19.31 14.60 24.70
CA ILE C 181 18.25 13.78 25.28
C ILE C 181 18.70 13.45 26.70
N LYS C 182 18.11 14.15 27.68
CA LYS C 182 18.52 13.95 29.07
C LYS C 182 18.27 12.52 29.52
N GLU C 183 17.10 11.97 29.21
CA GLU C 183 16.70 10.67 29.72
C GLU C 183 15.60 10.12 28.82
N LEU C 184 15.40 8.82 28.92
CA LEU C 184 14.32 8.13 28.21
C LEU C 184 13.61 7.24 29.22
N ILE C 185 12.35 7.54 29.49
CA ILE C 185 11.53 6.78 30.40
C ILE C 185 10.53 6.01 29.56
N TYR C 186 10.67 4.69 29.52
CA TYR C 186 9.82 3.82 28.73
C TYR C 186 9.06 2.90 29.66
N GLU C 187 7.77 2.74 29.41
CA GLU C 187 6.90 1.88 30.20
C GLU C 187 5.93 1.21 29.23
N ASP C 188 4.95 0.51 29.81
CA ASP C 188 3.88 -0.11 29.04
C ASP C 188 2.58 0.35 29.66
N SER C 189 1.62 0.75 28.82
CA SER C 189 0.37 1.29 29.30
C SER C 189 -0.64 0.21 29.66
N LYS C 190 -0.50 -0.99 29.08
CA LYS C 190 -1.35 -2.14 29.35
C LYS C 190 -2.76 -1.95 28.79
N PHE C 191 -2.92 -1.00 27.85
CA PHE C 191 -4.18 -0.80 27.14
C PHE C 191 -4.86 -2.10 26.76
N THR C 192 -4.07 -3.04 26.22
CA THR C 192 -4.60 -4.30 25.73
C THR C 192 -3.62 -5.41 26.12
N GLN C 193 -4.15 -6.61 26.26
CA GLN C 193 -3.34 -7.81 26.45
C GLN C 193 -3.12 -8.46 25.09
N ASN C 194 -1.92 -9.02 24.90
CA ASN C 194 -1.57 -9.51 23.58
C ASN C 194 -2.08 -10.93 23.35
N TYR C 195 -1.71 -11.86 24.22
CA TYR C 195 -1.98 -13.29 24.17
C TYR C 195 -1.04 -13.99 23.20
N LYS C 196 -0.09 -13.29 22.58
CA LYS C 196 0.84 -13.91 21.65
C LYS C 196 2.28 -13.60 22.04
N TRP C 197 2.53 -12.39 22.56
CA TRP C 197 3.85 -11.97 23.00
C TRP C 197 3.79 -11.43 24.42
N ASP C 198 4.76 -11.84 25.23
CA ASP C 198 4.96 -11.25 26.56
C ASP C 198 5.91 -10.06 26.41
N ILE C 199 5.39 -8.87 26.59
CA ILE C 199 6.16 -7.64 26.39
C ILE C 199 6.73 -7.19 27.74
N ASN C 200 7.99 -6.74 27.72
CA ASN C 200 8.69 -6.27 28.92
C ASN C 200 9.44 -4.99 28.51
N VAL C 201 8.75 -3.87 28.56
CA VAL C 201 9.31 -2.56 28.20
C VAL C 201 9.22 -1.70 29.46
N SER C 202 10.26 -1.72 30.28
CA SER C 202 10.29 -0.89 31.47
C SER C 202 11.74 -0.53 31.77
N GLY C 203 11.93 0.69 32.28
CA GLY C 203 13.25 1.16 32.66
C GLY C 203 13.56 2.58 32.23
N LYS C 204 14.62 3.13 32.82
CA LYS C 204 15.11 4.47 32.54
C LYS C 204 16.57 4.39 32.09
N VAL C 205 16.91 5.13 31.04
CA VAL C 205 18.27 5.17 30.52
C VAL C 205 18.64 6.59 30.15
N ASN C 206 19.84 7.01 30.51
CA ASN C 206 20.39 8.28 30.07
C ASN C 206 20.68 8.27 28.58
N GLY C 207 20.72 9.46 28.00
CA GLY C 207 21.05 9.57 26.59
C GLY C 207 22.52 9.33 26.32
N THR C 208 22.80 8.84 25.11
CA THR C 208 24.17 8.54 24.67
C THR C 208 24.65 9.68 23.77
N ASP C 209 25.82 10.22 24.07
CA ASP C 209 26.37 11.37 23.36
C ASP C 209 27.49 10.93 22.43
N GLU C 210 27.19 10.90 21.11
CA GLU C 210 28.21 10.62 20.09
C GLU C 210 27.95 11.55 18.90
N LEU C 211 28.30 12.82 19.08
CA LEU C 211 28.13 13.92 18.12
C LEU C 211 26.67 14.37 17.98
N PHE C 212 25.72 13.44 18.05
CA PHE C 212 24.30 13.72 18.10
C PHE C 212 23.72 12.87 19.23
N SER C 213 23.04 13.51 20.19
CA SER C 213 22.48 12.76 21.30
C SER C 213 21.50 11.72 20.78
N TYR C 214 21.37 10.62 21.52
CA TYR C 214 20.42 9.58 21.16
C TYR C 214 20.32 8.58 22.29
N ALA C 215 19.17 7.93 22.37
CA ALA C 215 18.89 6.91 23.38
C ALA C 215 18.06 5.83 22.72
N PHE C 216 17.94 4.70 23.40
CA PHE C 216 17.08 3.63 22.89
C PHE C 216 16.46 2.86 24.03
N ALA C 217 15.21 2.44 23.83
CA ALA C 217 14.47 1.63 24.79
C ALA C 217 14.58 0.16 24.39
N PRO C 218 15.07 -0.74 25.25
CA PRO C 218 15.08 -2.16 24.85
C PRO C 218 13.73 -2.82 25.10
N MET C 219 13.16 -3.41 24.05
CA MET C 219 11.91 -4.14 24.12
C MET C 219 12.20 -5.63 24.01
N TYR C 220 11.88 -6.37 25.07
CA TYR C 220 12.03 -7.82 25.10
C TYR C 220 10.69 -8.46 24.80
N LEU C 221 10.68 -9.42 23.88
CA LEU C 221 9.46 -10.07 23.41
C LEU C 221 9.64 -11.58 23.48
N ARG C 222 8.82 -12.23 24.29
CA ARG C 222 8.84 -13.69 24.45
C ARG C 222 7.51 -14.23 23.95
N ARG C 223 7.57 -15.16 23.01
CA ARG C 223 6.35 -15.79 22.51
C ARG C 223 5.69 -16.60 23.60
N LYS C 224 4.40 -16.35 23.81
CA LYS C 224 3.65 -17.07 24.84
C LYS C 224 3.26 -18.43 24.29
N LEU C 225 3.46 -19.47 25.09
CA LEU C 225 3.20 -20.85 24.66
C LEU C 225 1.69 -21.07 24.69
N THR C 226 1.08 -21.07 23.51
CA THR C 226 -0.35 -21.31 23.36
C THR C 226 -0.60 -22.76 22.98
N VAL C 227 -1.76 -23.27 23.42
CA VAL C 227 -2.09 -24.65 23.11
C VAL C 227 -2.44 -24.80 21.64
N GLY C 228 -2.77 -23.71 20.94
CA GLY C 228 -2.83 -23.79 19.50
C GLY C 228 -1.48 -24.08 18.90
N ILE C 229 -0.43 -23.47 19.45
CA ILE C 229 0.92 -23.73 18.96
C ILE C 229 1.35 -25.16 19.29
N ILE C 230 1.07 -25.62 20.51
CA ILE C 230 1.47 -26.99 20.85
C ILE C 230 0.73 -27.99 19.97
N ALA C 231 -0.55 -27.75 19.70
CA ALA C 231 -1.29 -28.63 18.81
C ALA C 231 -0.72 -28.59 17.40
N MET C 232 -0.32 -27.41 16.93
CA MET C 232 0.31 -27.32 15.61
C MET C 232 1.63 -28.09 15.58
N LEU C 233 2.34 -28.15 16.72
CA LEU C 233 3.55 -28.95 16.78
C LEU C 233 3.28 -30.45 16.73
N ILE C 234 2.21 -30.92 17.39
CA ILE C 234 1.89 -32.34 17.53
C ILE C 234 2.04 -33.14 16.23
N PRO C 235 1.53 -32.65 15.08
CA PRO C 235 1.75 -33.38 13.82
C PRO C 235 3.22 -33.64 13.54
N THR C 236 4.11 -32.68 13.81
CA THR C 236 5.53 -32.91 13.56
C THR C 236 6.05 -34.07 14.41
N VAL C 237 5.67 -34.12 15.68
CA VAL C 237 6.16 -35.16 16.57
C VAL C 237 5.68 -36.52 16.10
N MET C 238 4.39 -36.62 15.77
CA MET C 238 3.90 -37.94 15.36
C MET C 238 4.48 -38.35 14.00
N MET C 239 4.77 -37.39 13.11
CA MET C 239 5.47 -37.76 11.88
C MET C 239 6.88 -38.25 12.18
N THR C 240 7.56 -37.67 13.16
CA THR C 240 8.88 -38.19 13.52
C THR C 240 8.79 -39.62 14.03
N ILE C 241 7.82 -39.89 14.91
CA ILE C 241 7.64 -41.26 15.41
C ILE C 241 7.34 -42.21 14.26
N LEU C 242 6.48 -41.79 13.33
CA LEU C 242 6.09 -42.66 12.23
C LEU C 242 7.27 -42.92 11.30
N THR C 243 8.09 -41.90 11.04
CA THR C 243 9.29 -42.09 10.23
C THR C 243 10.24 -43.07 10.89
N ILE C 244 10.42 -42.95 12.21
CA ILE C 244 11.27 -43.90 12.91
C ILE C 244 10.71 -45.31 12.75
N PHE C 245 9.39 -45.45 12.88
CA PHE C 245 8.75 -46.76 12.77
C PHE C 245 8.97 -47.37 11.40
N VAL C 246 8.73 -46.60 10.33
CA VAL C 246 8.89 -47.14 8.99
C VAL C 246 10.37 -47.44 8.70
N PHE C 247 11.27 -46.61 9.23
CA PHE C 247 12.69 -46.90 9.06
C PHE C 247 13.07 -48.20 9.76
N LEU C 248 12.39 -48.51 10.87
CA LEU C 248 12.64 -49.76 11.58
C LEU C 248 11.88 -50.93 10.97
N LEU C 249 10.93 -50.66 10.07
CA LEU C 249 10.11 -51.70 9.46
C LEU C 249 11.00 -52.74 8.75
N PRO C 250 10.60 -54.01 8.73
CA PRO C 250 11.39 -55.03 8.01
C PRO C 250 11.55 -54.69 6.53
N PRO C 251 12.79 -54.76 5.99
CA PRO C 251 12.96 -54.61 4.54
C PRO C 251 12.02 -55.47 3.68
N GLU C 252 11.63 -56.65 4.16
CA GLU C 252 10.79 -57.57 3.40
C GLU C 252 9.32 -57.50 3.81
N SER C 253 8.93 -56.48 4.57
CA SER C 253 7.52 -56.34 4.94
C SER C 253 6.65 -56.14 3.70
N GLY C 254 7.14 -55.36 2.73
CA GLY C 254 6.42 -55.06 1.50
C GLY C 254 5.88 -53.65 1.44
N GLU C 255 5.74 -52.98 2.58
CA GLU C 255 5.25 -51.61 2.66
C GLU C 255 6.37 -50.58 2.74
N LYS C 256 7.63 -51.03 2.75
CA LYS C 256 8.77 -50.14 2.91
C LYS C 256 8.77 -49.03 1.87
N VAL C 257 8.91 -49.39 0.59
CA VAL C 257 9.02 -48.40 -0.47
C VAL C 257 7.77 -47.50 -0.50
N SER C 258 6.59 -48.09 -0.32
CA SER C 258 5.35 -47.32 -0.41
C SER C 258 5.30 -46.24 0.66
N LEU C 259 5.54 -46.62 1.92
CA LEU C 259 5.44 -45.64 2.98
C LEU C 259 6.63 -44.70 2.98
N ALA C 260 7.78 -45.15 2.50
CA ALA C 260 8.94 -44.26 2.42
C ALA C 260 8.68 -43.17 1.40
N THR C 261 8.11 -43.54 0.25
CA THR C 261 7.80 -42.56 -0.78
C THR C 261 6.74 -41.58 -0.29
N THR C 262 5.61 -42.10 0.22
CA THR C 262 4.52 -41.21 0.62
C THR C 262 4.95 -40.27 1.74
N ILE C 263 5.77 -40.75 2.66
CA ILE C 263 6.13 -39.94 3.82
C ILE C 263 7.32 -39.04 3.49
N PHE C 264 8.14 -39.39 2.50
CA PHE C 264 9.08 -38.41 1.96
C PHE C 264 8.35 -37.27 1.29
N LEU C 265 7.30 -37.58 0.53
CA LEU C 265 6.44 -36.55 -0.04
C LEU C 265 5.91 -35.61 1.04
N SER C 266 5.24 -36.18 2.05
CA SER C 266 4.66 -35.34 3.10
C SER C 266 5.72 -34.56 3.86
N ASN C 267 6.88 -35.18 4.13
CA ASN C 267 7.98 -34.51 4.79
C ASN C 267 8.42 -33.29 3.99
N VAL C 268 8.59 -33.46 2.68
CA VAL C 268 9.02 -32.36 1.84
C VAL C 268 7.94 -31.28 1.79
N LEU C 269 6.67 -31.67 1.83
CA LEU C 269 5.59 -30.69 1.88
C LEU C 269 5.72 -29.81 3.12
N TYR C 270 5.99 -30.42 4.28
CA TYR C 270 6.13 -29.59 5.48
C TYR C 270 7.44 -28.82 5.47
N LEU C 271 8.47 -29.35 4.83
CA LEU C 271 9.76 -28.67 4.79
C LEU C 271 9.67 -27.40 3.95
N VAL C 272 9.13 -27.52 2.74
CA VAL C 272 8.83 -26.36 1.91
C VAL C 272 7.97 -25.36 2.66
N GLN C 273 6.88 -25.85 3.27
CA GLN C 273 5.96 -24.97 3.99
C GLN C 273 6.69 -24.14 5.05
N ILE C 274 7.43 -24.78 5.94
CA ILE C 274 8.11 -24.04 7.00
C ILE C 274 9.19 -23.14 6.43
N ASP C 275 9.94 -23.62 5.43
CA ASP C 275 11.05 -22.83 4.90
C ASP C 275 10.55 -21.54 4.25
N LYS C 276 9.37 -21.58 3.64
CA LYS C 276 8.83 -20.37 3.03
C LYS C 276 8.34 -19.36 4.07
N THR C 277 8.15 -19.79 5.32
CA THR C 277 7.68 -18.91 6.38
C THR C 277 8.75 -18.52 7.39
N THR C 278 9.85 -19.26 7.47
CA THR C 278 10.90 -18.93 8.42
C THR C 278 11.68 -17.69 7.95
N PRO C 279 12.12 -16.82 8.86
CA PRO C 279 12.94 -15.69 8.42
C PRO C 279 14.24 -16.16 7.80
N THR C 280 14.64 -15.51 6.71
CA THR C 280 15.89 -15.79 6.04
C THR C 280 17.07 -15.00 6.62
N ASN C 281 16.79 -14.01 7.46
CA ASN C 281 17.81 -13.12 8.04
C ASN C 281 17.88 -13.38 9.54
N THR C 282 18.68 -14.37 9.92
CA THR C 282 18.83 -14.77 11.31
C THR C 282 20.30 -15.04 11.60
N LYS C 283 20.72 -14.76 12.84
CA LYS C 283 22.08 -15.06 13.24
C LYS C 283 22.37 -16.55 13.12
N TYR C 284 21.40 -17.38 13.51
CA TYR C 284 21.46 -18.82 13.33
C TYR C 284 20.13 -19.31 12.75
N PRO C 285 20.10 -20.43 12.04
CA PRO C 285 18.84 -20.94 11.52
C PRO C 285 17.95 -21.50 12.62
N SER C 286 16.71 -21.80 12.23
CA SER C 286 15.74 -22.37 13.16
C SER C 286 16.08 -23.81 13.48
N LEU C 287 16.21 -24.12 14.78
CA LEU C 287 16.49 -25.47 15.21
C LEU C 287 15.43 -26.45 14.73
N LEU C 288 14.15 -26.07 14.86
CA LEU C 288 13.08 -26.96 14.43
C LEU C 288 13.16 -27.21 12.93
N MET C 289 13.40 -26.15 12.15
CA MET C 289 13.56 -26.31 10.71
C MET C 289 14.70 -27.28 10.40
N LEU C 290 15.82 -27.15 11.09
CA LEU C 290 16.94 -28.05 10.81
C LEU C 290 16.64 -29.47 11.25
N TYR C 291 15.82 -29.61 12.30
CA TYR C 291 15.41 -30.93 12.76
C TYR C 291 14.48 -31.60 11.75
N LEU C 292 13.67 -30.80 11.06
CA LEU C 292 12.85 -31.36 9.99
C LEU C 292 13.65 -31.61 8.73
N MET C 293 14.70 -30.83 8.48
CA MET C 293 15.62 -31.16 7.41
C MET C 293 16.28 -32.51 7.68
N LEU C 294 16.70 -32.73 8.92
CA LEU C 294 17.27 -34.02 9.28
C LEU C 294 16.25 -35.14 9.12
N LEU C 295 14.99 -34.86 9.46
CA LEU C 295 13.94 -35.86 9.26
C LEU C 295 13.80 -36.21 7.79
N SER C 296 13.81 -35.20 6.91
CA SER C 296 13.69 -35.46 5.49
C SER C 296 14.90 -36.25 4.99
N MET C 297 16.09 -35.93 5.50
CA MET C 297 17.29 -36.66 5.10
C MET C 297 17.19 -38.11 5.53
N LEU C 298 16.67 -38.36 6.74
CA LEU C 298 16.51 -39.73 7.20
C LEU C 298 15.48 -40.48 6.36
N SER C 299 14.42 -39.80 5.95
CA SER C 299 13.45 -40.43 5.04
C SER C 299 14.10 -40.77 3.71
N GLY C 300 14.94 -39.87 3.19
CA GLY C 300 15.66 -40.17 1.96
C GLY C 300 16.60 -41.35 2.12
N ILE C 301 17.27 -41.45 3.27
CA ILE C 301 18.15 -42.58 3.53
C ILE C 301 17.36 -43.87 3.63
N ALA C 302 16.17 -43.81 4.21
CA ALA C 302 15.30 -44.99 4.25
C ALA C 302 14.90 -45.41 2.84
N THR C 303 14.55 -44.44 1.99
CA THR C 303 14.24 -44.77 0.60
C THR C 303 15.44 -45.37 -0.11
N LEU C 304 16.64 -44.84 0.16
CA LEU C 304 17.86 -45.39 -0.42
C LEU C 304 18.06 -46.84 -0.01
N GLY C 305 17.89 -47.13 1.28
CA GLY C 305 18.02 -48.50 1.74
C GLY C 305 16.98 -49.41 1.11
N SER C 306 15.75 -48.92 0.99
CA SER C 306 14.68 -49.73 0.42
C SER C 306 14.97 -50.07 -1.04
N VAL C 307 15.38 -49.08 -1.84
CA VAL C 307 15.67 -49.35 -3.24
C VAL C 307 16.89 -50.27 -3.38
N VAL C 308 17.91 -50.05 -2.54
CA VAL C 308 19.11 -50.89 -2.61
C VAL C 308 18.74 -52.34 -2.31
N ILE C 309 17.95 -52.56 -1.26
CA ILE C 309 17.53 -53.91 -0.92
C ILE C 309 16.67 -54.50 -2.03
N SER C 310 15.78 -53.68 -2.61
CA SER C 310 14.88 -54.18 -3.64
C SER C 310 15.66 -54.65 -4.86
N LYS C 311 16.67 -53.88 -5.30
CA LYS C 311 17.46 -54.34 -6.44
C LYS C 311 18.31 -55.55 -6.06
N LEU C 312 18.97 -55.51 -4.90
CA LEU C 312 19.75 -56.65 -4.43
C LEU C 312 18.84 -57.64 -3.72
N THR D 21 28.50 36.82 26.43
CA THR D 21 28.07 35.56 25.76
C THR D 21 26.92 35.85 24.80
N PRO D 22 26.78 35.06 23.75
CA PRO D 22 25.68 35.30 22.80
C PRO D 22 24.34 35.04 23.45
N THR D 23 23.34 35.82 23.02
CA THR D 23 22.00 35.78 23.60
C THR D 23 20.94 35.58 22.52
N TYR D 24 19.72 35.36 23.00
CA TYR D 24 18.58 35.18 22.10
C TYR D 24 18.36 36.43 21.26
N GLY D 25 18.48 37.60 21.87
CA GLY D 25 18.34 38.83 21.11
C GLY D 25 19.43 38.99 20.07
N ASP D 26 20.65 38.56 20.40
CA ASP D 26 21.74 38.62 19.45
C ASP D 26 21.46 37.75 18.23
N GLU D 27 20.99 36.52 18.47
CA GLU D 27 20.68 35.67 17.31
C GLU D 27 19.49 36.21 16.53
N ARG D 28 18.52 36.81 17.22
CA ARG D 28 17.38 37.40 16.52
C ARG D 28 17.85 38.53 15.61
N LEU D 29 18.73 39.40 16.11
CA LEU D 29 19.28 40.47 15.29
C LEU D 29 20.03 39.90 14.10
N LEU D 30 20.83 38.86 14.34
CA LEU D 30 21.62 38.27 13.26
C LEU D 30 20.71 37.74 12.17
N ARG D 31 19.68 36.98 12.54
CA ARG D 31 18.79 36.41 11.53
C ARG D 31 18.03 37.52 10.79
N GLU D 32 17.61 38.55 11.51
CA GLU D 32 16.85 39.63 10.89
C GLU D 32 17.70 40.34 9.85
N LYS D 33 18.97 40.60 10.16
CA LYS D 33 19.81 41.23 9.16
C LYS D 33 20.16 40.24 8.05
N LEU D 34 20.32 38.97 8.40
CA LEU D 34 20.77 37.97 7.44
C LEU D 34 19.75 37.76 6.32
N LEU D 35 18.47 37.69 6.66
CA LEU D 35 17.42 37.38 5.70
C LEU D 35 16.80 38.62 5.06
N THR D 36 17.43 39.79 5.20
CA THR D 36 16.80 41.03 4.79
C THR D 36 16.44 41.03 3.30
N ASN D 37 17.41 40.75 2.42
CA ASN D 37 17.22 40.80 0.97
C ASN D 37 17.51 39.45 0.32
N TYR D 38 17.24 38.38 1.04
CA TYR D 38 17.51 37.04 0.53
C TYR D 38 16.33 36.56 -0.28
N SER D 39 16.59 36.13 -1.51
CA SER D 39 15.59 35.52 -2.38
C SER D 39 15.86 34.02 -2.42
N LYS D 40 14.87 33.24 -2.00
CA LYS D 40 15.05 31.80 -1.94
C LYS D 40 15.30 31.21 -3.32
N SER D 41 14.84 31.87 -4.38
CA SER D 41 14.87 31.31 -5.72
C SER D 41 16.04 31.80 -6.57
N ILE D 42 16.82 32.76 -6.08
CA ILE D 42 17.99 33.27 -6.79
C ILE D 42 19.19 32.52 -6.25
N ARG D 43 19.99 31.94 -7.13
CA ARG D 43 21.10 31.10 -6.69
C ARG D 43 22.02 31.92 -5.78
N PRO D 44 22.59 31.32 -4.73
CA PRO D 44 23.35 32.12 -3.74
C PRO D 44 24.79 32.37 -4.15
N VAL D 45 24.98 33.24 -5.13
CA VAL D 45 26.32 33.59 -5.59
C VAL D 45 26.31 35.07 -5.94
N ILE D 46 27.35 35.78 -5.53
CA ILE D 46 27.47 37.20 -5.85
C ILE D 46 27.49 37.45 -7.35
N ASN D 47 28.36 36.74 -8.10
CA ASN D 47 28.42 36.86 -9.55
C ASN D 47 27.75 35.63 -10.17
N LEU D 48 26.68 35.84 -10.93
CA LEU D 48 25.91 34.70 -11.40
C LEU D 48 26.64 33.83 -12.42
N THR D 49 27.81 34.25 -12.89
CA THR D 49 28.56 33.44 -13.84
C THR D 49 29.25 32.26 -13.17
N LYS D 50 29.41 32.29 -11.85
CA LYS D 50 30.06 31.20 -11.11
C LYS D 50 29.05 30.14 -10.71
N VAL D 51 29.52 28.90 -10.63
CA VAL D 51 28.69 27.76 -10.26
C VAL D 51 28.74 27.57 -8.75
N VAL D 52 27.73 26.89 -8.21
CA VAL D 52 27.71 26.45 -6.82
C VAL D 52 28.13 24.98 -6.78
N ASP D 53 29.25 24.71 -6.12
CA ASP D 53 29.78 23.36 -6.03
C ASP D 53 29.15 22.67 -4.83
N VAL D 54 28.39 21.62 -5.09
CA VAL D 54 27.72 20.84 -4.05
C VAL D 54 28.47 19.53 -3.91
N THR D 55 28.85 19.21 -2.67
CA THR D 55 29.44 17.92 -2.34
C THR D 55 28.43 17.16 -1.49
N ALA D 56 28.08 15.95 -1.92
CA ALA D 56 27.05 15.15 -1.29
C ALA D 56 27.70 14.03 -0.47
N LEU D 57 27.10 13.74 0.68
CA LEU D 57 27.57 12.71 1.59
C LEU D 57 26.43 11.73 1.83
N LEU D 58 26.58 10.51 1.34
CA LEU D 58 25.54 9.48 1.41
C LEU D 58 26.05 8.33 2.29
N TYR D 59 25.78 8.42 3.59
CA TYR D 59 26.12 7.37 4.53
C TYR D 59 24.97 6.40 4.63
N LEU D 60 25.19 5.14 4.25
CA LEU D 60 24.16 4.13 4.41
C LEU D 60 23.99 3.81 5.88
N GLN D 61 22.75 3.44 6.26
CA GLN D 61 22.45 3.06 7.63
C GLN D 61 22.09 1.57 7.72
N THR D 62 21.04 1.14 7.03
CA THR D 62 20.62 -0.25 7.04
C THR D 62 20.15 -0.64 5.65
N LEU D 63 20.42 -1.89 5.28
CA LEU D 63 19.93 -2.48 4.04
C LEU D 63 18.78 -3.39 4.42
N TYR D 64 17.56 -2.82 4.43
CA TYR D 64 16.38 -3.54 4.91
C TYR D 64 16.20 -4.86 4.17
N ASP D 65 16.20 -4.83 2.85
CA ASP D 65 15.93 -6.02 2.08
C ASP D 65 16.40 -5.80 0.66
N LEU D 66 16.53 -6.89 -0.09
CA LEU D 66 16.80 -6.87 -1.51
C LEU D 66 15.69 -7.66 -2.18
N ASP D 67 14.70 -6.96 -2.71
CA ASP D 67 13.54 -7.59 -3.31
C ASP D 67 13.91 -8.06 -4.72
N PHE D 68 13.98 -9.37 -4.91
CA PHE D 68 14.43 -9.90 -6.20
C PHE D 68 13.34 -9.76 -7.26
N VAL D 69 12.08 -10.02 -6.89
CA VAL D 69 11.02 -10.05 -7.89
C VAL D 69 10.77 -8.66 -8.46
N ASN D 70 10.84 -7.63 -7.63
CA ASN D 70 10.60 -6.26 -8.05
C ASN D 70 11.87 -5.52 -8.49
N ASN D 71 13.04 -6.15 -8.38
CA ASN D 71 14.31 -5.56 -8.82
C ASN D 71 14.66 -4.28 -8.05
N PHE D 72 14.31 -4.22 -6.77
CA PHE D 72 14.56 -3.06 -5.93
C PHE D 72 15.44 -3.44 -4.75
N ILE D 73 16.06 -2.44 -4.12
CA ILE D 73 16.76 -2.59 -2.85
C ILE D 73 16.22 -1.52 -1.91
N MET D 74 15.83 -1.93 -0.72
CA MET D 74 15.26 -1.03 0.28
C MET D 74 16.32 -0.71 1.33
N ALA D 75 16.63 0.56 1.51
CA ALA D 75 17.61 0.98 2.50
C ALA D 75 17.26 2.37 3.00
N ARG D 76 17.91 2.74 4.10
CA ARG D 76 17.77 4.05 4.74
C ARG D 76 19.14 4.70 4.82
N TYR D 77 19.28 5.89 4.24
CA TYR D 77 20.56 6.57 4.15
C TYR D 77 20.51 7.89 4.90
N TYR D 78 21.70 8.45 5.17
CA TYR D 78 21.82 9.75 5.80
C TYR D 78 22.32 10.77 4.79
N LEU D 79 21.55 10.99 3.71
CA LEU D 79 21.98 11.91 2.66
C LEU D 79 22.34 13.27 3.23
N GLY D 80 23.56 13.70 2.94
CA GLY D 80 24.03 15.02 3.34
C GLY D 80 24.39 15.82 2.10
N LEU D 81 24.17 17.12 2.18
CA LEU D 81 24.49 18.05 1.11
C LEU D 81 25.22 19.24 1.69
N ILE D 82 26.38 19.56 1.12
CA ILE D 82 27.19 20.68 1.59
C ILE D 82 27.52 21.56 0.39
N TRP D 83 27.33 22.86 0.56
CA TRP D 83 27.72 23.84 -0.43
C TRP D 83 28.07 25.11 0.32
N ILE D 84 28.36 26.18 -0.43
CA ILE D 84 28.80 27.44 0.13
C ILE D 84 27.85 28.53 -0.35
N ASP D 85 27.35 29.31 0.59
CA ASP D 85 26.51 30.47 0.32
C ASP D 85 27.33 31.73 0.47
N GLU D 86 27.31 32.59 -0.55
CA GLU D 86 28.09 33.81 -0.54
C GLU D 86 27.31 35.00 0.00
N LYS D 87 25.98 34.90 0.11
CA LYS D 87 25.17 35.99 0.67
C LYS D 87 24.98 35.87 2.16
N LEU D 88 25.08 34.65 2.70
CA LEU D 88 24.81 34.39 4.11
C LEU D 88 26.13 34.29 4.86
N THR D 89 26.69 35.45 5.20
CA THR D 89 27.94 35.54 5.92
C THR D 89 27.85 36.66 6.95
N TRP D 90 28.76 36.61 7.93
CA TRP D 90 28.76 37.60 9.00
C TRP D 90 30.09 37.53 9.71
N ASN D 91 30.51 38.67 10.25
CA ASN D 91 31.66 38.69 11.15
C ASN D 91 31.18 38.27 12.54
N PRO D 92 31.57 37.10 13.06
CA PRO D 92 30.99 36.66 14.35
C PRO D 92 31.33 37.57 15.51
N LEU D 93 32.41 38.34 15.43
CA LEU D 93 32.72 39.27 16.51
C LEU D 93 31.72 40.41 16.58
N ASP D 94 30.95 40.65 15.52
CA ASP D 94 29.94 41.69 15.52
C ASP D 94 28.62 41.23 16.13
N TYR D 95 28.50 39.96 16.50
CA TYR D 95 27.26 39.41 17.05
C TYR D 95 27.54 38.54 18.26
N ASN D 96 28.47 38.97 19.11
CA ASN D 96 28.79 38.28 20.36
C ASN D 96 29.20 36.83 20.12
N ASN D 97 29.95 36.60 19.04
CA ASN D 97 30.60 35.34 18.78
C ASN D 97 29.63 34.23 18.39
N ILE D 98 28.48 34.59 17.81
CA ILE D 98 27.58 33.57 17.27
C ILE D 98 28.25 32.98 16.03
N THR D 99 28.65 31.71 16.10
CA THR D 99 29.36 31.06 15.01
C THR D 99 28.48 30.22 14.10
N SER D 100 27.26 29.88 14.53
CA SER D 100 26.40 29.09 13.67
C SER D 100 24.96 29.24 14.15
N ILE D 101 24.03 29.18 13.20
CA ILE D 101 22.60 29.23 13.47
C ILE D 101 21.92 28.07 12.74
N TYR D 102 20.64 27.89 13.04
CA TYR D 102 19.82 26.87 12.41
C TYR D 102 18.65 27.59 11.74
N LEU D 103 18.48 27.36 10.46
CA LEU D 103 17.44 28.01 9.67
C LEU D 103 16.42 26.97 9.21
N PRO D 104 15.15 27.33 9.03
CA PRO D 104 14.21 26.37 8.44
C PRO D 104 14.58 26.09 6.99
N LYS D 105 14.47 24.82 6.61
CA LYS D 105 14.96 24.38 5.32
C LYS D 105 14.25 25.06 4.15
N ASP D 106 13.02 25.55 4.35
CA ASP D 106 12.25 26.13 3.27
C ASP D 106 12.40 27.65 3.16
N LYS D 107 13.25 28.27 3.97
CA LYS D 107 13.51 29.70 3.88
C LYS D 107 14.76 30.03 3.08
N ILE D 108 15.57 29.03 2.75
CA ILE D 108 16.88 29.25 2.16
C ILE D 108 16.95 28.47 0.85
N TRP D 109 17.79 28.95 -0.07
CA TRP D 109 18.00 28.21 -1.30
C TRP D 109 18.64 26.87 -0.99
N THR D 110 18.13 25.83 -1.65
CA THR D 110 18.56 24.45 -1.45
C THR D 110 18.78 23.84 -2.82
N PRO D 111 19.93 23.22 -3.10
CA PRO D 111 20.16 22.67 -4.43
C PRO D 111 19.11 21.63 -4.76
N PRO D 112 18.66 21.53 -6.01
CA PRO D 112 17.54 20.64 -6.31
C PRO D 112 17.99 19.20 -6.56
N ILE D 113 18.64 18.61 -5.56
CA ILE D 113 19.15 17.25 -5.69
C ILE D 113 18.00 16.28 -5.50
N LYS D 114 17.92 15.29 -6.38
CA LYS D 114 16.89 14.27 -6.34
C LYS D 114 17.54 12.89 -6.40
N MET D 115 16.88 11.92 -5.76
CA MET D 115 17.31 10.53 -5.86
C MET D 115 16.85 9.97 -7.22
N CYS D 116 17.54 10.45 -8.25
CA CYS D 116 17.20 10.31 -9.66
C CYS D 116 16.76 8.91 -10.05
N ASN D 117 17.43 7.89 -9.51
CA ASN D 117 17.18 6.49 -9.85
C ASN D 117 16.42 5.76 -8.74
N SER D 118 15.57 6.49 -8.00
CA SER D 118 14.98 5.92 -6.79
C SER D 118 13.56 6.44 -6.61
N MET D 119 12.75 5.61 -5.95
CA MET D 119 11.47 6.04 -5.42
C MET D 119 11.66 6.44 -3.97
N ASP D 120 11.61 7.74 -3.70
CA ASP D 120 11.78 8.25 -2.35
C ASP D 120 10.51 7.96 -1.57
N LYS D 121 10.52 6.87 -0.81
CA LYS D 121 9.39 6.48 0.03
C LYS D 121 9.48 7.09 1.43
N SER D 122 10.32 8.11 1.62
CA SER D 122 10.45 8.81 2.89
C SER D 122 9.10 9.28 3.41
N GLU D 123 9.00 9.49 4.72
CA GLU D 123 7.75 9.90 5.35
C GLU D 123 7.66 11.40 5.62
N GLU D 124 8.80 12.09 5.71
CA GLU D 124 8.84 13.54 5.80
C GLU D 124 9.10 14.14 4.42
N ASN D 125 8.55 15.32 4.19
CA ASN D 125 8.78 16.01 2.94
C ASN D 125 10.21 16.55 2.92
N ASP D 126 10.69 16.89 1.72
CA ASP D 126 12.03 17.42 1.54
C ASP D 126 12.08 18.94 1.65
N GLY D 127 11.01 19.56 2.16
CA GLY D 127 10.98 20.99 2.41
C GLY D 127 10.56 21.34 3.82
N VAL D 128 10.65 20.38 4.75
CA VAL D 128 10.31 20.58 6.15
C VAL D 128 11.46 20.03 6.98
N GLY D 129 12.15 20.93 7.67
CA GLY D 129 13.28 20.53 8.48
C GLY D 129 14.12 21.72 8.91
N GLU D 130 15.43 21.55 8.89
CA GLU D 130 16.37 22.53 9.40
C GLU D 130 17.74 22.22 8.84
N LEU D 131 18.55 23.26 8.70
CA LEU D 131 19.91 23.13 8.20
C LEU D 131 20.85 23.94 9.09
N MET D 132 22.12 23.55 9.08
CA MET D 132 23.14 24.20 9.88
C MET D 132 23.96 25.09 8.96
N LEU D 133 24.06 26.36 9.32
CA LEU D 133 24.79 27.35 8.54
C LEU D 133 25.90 27.94 9.39
N THR D 134 27.09 28.05 8.81
CA THR D 134 28.29 28.53 9.49
C THR D 134 28.61 29.93 9.00
N TYR D 135 29.34 30.68 9.83
CA TYR D 135 29.58 32.08 9.55
C TYR D 135 30.37 32.30 8.27
N THR D 136 31.06 31.29 7.76
CA THR D 136 31.77 31.41 6.49
C THR D 136 30.86 31.16 5.29
N GLY D 137 29.59 30.80 5.51
CA GLY D 137 28.67 30.49 4.44
C GLY D 137 28.43 29.02 4.22
N TRP D 138 29.16 28.14 4.89
CA TRP D 138 29.03 26.71 4.64
C TRP D 138 27.74 26.20 5.25
N ILE D 139 26.96 25.48 4.46
CA ILE D 139 25.66 24.94 4.87
C ILE D 139 25.76 23.42 4.93
N ASN D 140 25.32 22.85 6.03
CA ASN D 140 25.12 21.41 6.18
C ASN D 140 23.63 21.14 6.23
N MET D 141 23.15 20.19 5.41
CA MET D 141 21.72 19.91 5.29
C MET D 141 21.46 18.40 5.36
N TRP D 142 21.93 17.79 6.45
CA TRP D 142 21.71 16.36 6.66
C TRP D 142 20.24 16.03 6.62
N SER D 143 19.90 14.94 5.91
CA SER D 143 18.52 14.51 5.77
C SER D 143 18.42 13.00 5.68
N PHE D 144 17.48 12.41 6.40
CA PHE D 144 17.26 10.98 6.37
C PHE D 144 16.44 10.65 5.12
N ARG D 145 16.67 9.47 4.56
CA ARG D 145 16.00 9.11 3.31
C ARG D 145 15.88 7.60 3.17
N LEU D 146 14.66 7.11 3.13
CA LEU D 146 14.35 5.69 2.93
C LEU D 146 14.04 5.53 1.45
N LEU D 147 14.83 4.72 0.74
CA LEU D 147 14.76 4.65 -0.71
C LEU D 147 14.41 3.26 -1.21
N HIS D 148 13.53 3.22 -2.20
CA HIS D 148 13.24 2.03 -3.00
C HIS D 148 13.85 2.29 -4.36
N THR D 149 15.10 1.87 -4.54
CA THR D 149 15.90 2.24 -5.70
C THR D 149 16.12 1.07 -6.63
N TYR D 150 15.96 1.33 -7.92
CA TYR D 150 15.99 0.29 -8.94
C TYR D 150 17.39 -0.28 -9.10
N CYS D 151 17.47 -1.62 -9.13
CA CYS D 151 18.70 -2.34 -9.38
C CYS D 151 18.44 -3.49 -10.32
N GLN D 152 19.34 -3.70 -11.27
CA GLN D 152 19.22 -4.83 -12.20
C GLN D 152 19.83 -6.05 -11.52
N ILE D 153 18.96 -6.92 -11.00
CA ILE D 153 19.36 -8.02 -10.14
C ILE D 153 19.46 -9.28 -10.98
N ASN D 154 20.68 -9.79 -11.12
CA ASN D 154 20.96 -11.01 -11.88
C ASN D 154 21.21 -12.14 -10.91
N ALA D 155 20.30 -13.12 -10.88
CA ALA D 155 20.40 -14.27 -9.98
C ALA D 155 21.10 -15.45 -10.64
N TYR D 156 22.09 -15.15 -11.47
CA TYR D 156 22.86 -16.14 -12.21
C TYR D 156 23.57 -17.11 -11.28
N THR D 157 24.53 -16.60 -10.51
CA THR D 157 25.38 -17.43 -9.65
C THR D 157 24.74 -17.72 -8.30
N TYR D 158 23.42 -17.79 -8.25
CA TYR D 158 22.75 -18.06 -6.97
C TYR D 158 23.19 -19.41 -6.43
N PRO D 159 23.39 -19.56 -5.11
CA PRO D 159 23.31 -18.59 -4.02
C PRO D 159 24.65 -17.94 -3.68
N PHE D 160 25.67 -18.16 -4.49
CA PHE D 160 26.96 -17.46 -4.34
C PHE D 160 26.98 -16.25 -5.27
N ASP D 161 25.95 -15.43 -5.18
CA ASP D 161 25.70 -14.38 -6.14
C ASP D 161 26.14 -13.03 -5.59
N GLU D 162 26.55 -12.16 -6.51
CA GLU D 162 26.94 -10.80 -6.20
C GLU D 162 26.09 -9.86 -7.04
N HIS D 163 26.06 -8.59 -6.65
CA HIS D 163 25.25 -7.59 -7.34
C HIS D 163 25.92 -6.24 -7.20
N THR D 164 25.65 -5.36 -8.16
CA THR D 164 26.13 -3.98 -8.14
C THR D 164 24.93 -3.07 -8.35
N CYS D 165 24.64 -2.26 -7.33
CA CYS D 165 23.55 -1.29 -7.38
C CYS D 165 24.13 0.11 -7.29
N GLU D 166 23.77 0.96 -8.25
CA GLU D 166 24.25 2.33 -8.32
C GLU D 166 23.15 3.27 -7.82
N ILE D 167 23.46 4.04 -6.79
CA ILE D 167 22.54 5.01 -6.21
C ILE D 167 22.87 6.35 -6.87
N TYR D 168 21.92 6.90 -7.61
CA TYR D 168 22.17 8.08 -8.44
C TYR D 168 21.74 9.35 -7.73
N LEU D 169 22.57 10.38 -7.85
CA LEU D 169 22.21 11.75 -7.51
C LEU D 169 22.36 12.60 -8.75
N CYS D 170 21.39 13.47 -9.02
CA CYS D 170 21.52 14.40 -10.13
C CYS D 170 20.69 15.63 -9.84
N VAL D 171 21.19 16.79 -10.27
CA VAL D 171 20.43 18.02 -10.14
C VAL D 171 19.17 17.91 -10.99
N ALA D 172 18.10 18.55 -10.54
CA ALA D 172 16.80 18.36 -11.18
C ALA D 172 16.71 19.10 -12.50
N LEU D 173 17.01 20.40 -12.50
CA LEU D 173 16.82 21.24 -13.68
C LEU D 173 17.95 22.19 -13.96
N HIS D 174 18.92 22.35 -13.07
CA HIS D 174 19.96 23.35 -13.28
C HIS D 174 21.03 22.82 -14.21
N THR D 175 21.58 23.71 -15.03
CA THR D 175 22.63 23.34 -15.95
C THR D 175 23.98 23.33 -15.23
N ILE D 176 24.95 22.65 -15.85
CA ILE D 176 26.28 22.52 -15.27
C ILE D 176 26.98 23.87 -15.14
N ASN D 177 26.58 24.87 -15.90
CA ASN D 177 27.13 26.21 -15.69
C ASN D 177 26.43 26.96 -14.56
N HIS D 178 25.42 26.36 -13.92
CA HIS D 178 24.76 26.92 -12.75
C HIS D 178 25.04 26.12 -11.48
N THR D 179 24.75 24.81 -11.49
CA THR D 179 24.95 23.96 -10.31
C THR D 179 25.61 22.65 -10.71
N ARG D 180 26.57 22.21 -9.89
CA ARG D 180 27.33 20.99 -10.14
C ARG D 180 27.46 20.20 -8.86
N ILE D 181 27.53 18.87 -8.99
CA ILE D 181 27.84 17.98 -7.89
C ILE D 181 29.36 17.83 -7.88
N LYS D 182 30.02 18.54 -6.95
CA LYS D 182 31.48 18.50 -6.91
C LYS D 182 32.01 17.09 -6.67
N GLU D 183 31.42 16.39 -5.71
CA GLU D 183 31.93 15.08 -5.29
C GLU D 183 30.81 14.34 -4.58
N LEU D 184 30.98 13.03 -4.47
CA LEU D 184 30.08 12.16 -3.74
C LEU D 184 30.92 11.28 -2.83
N ILE D 185 30.75 11.45 -1.53
CA ILE D 185 31.46 10.67 -0.53
C ILE D 185 30.44 9.72 0.07
N TYR D 186 30.60 8.43 -0.20
CA TYR D 186 29.69 7.40 0.28
C TYR D 186 30.44 6.47 1.21
N GLU D 187 29.82 6.14 2.34
CA GLU D 187 30.39 5.24 3.32
C GLU D 187 29.27 4.38 3.88
N ASP D 188 29.59 3.61 4.92
CA ASP D 188 28.61 2.81 5.63
C ASP D 188 28.74 3.15 7.10
N SER D 189 27.60 3.36 7.76
CA SER D 189 27.61 3.78 9.15
C SER D 189 27.77 2.61 10.11
N LYS D 190 27.41 1.41 9.68
CA LYS D 190 27.54 0.18 10.49
C LYS D 190 26.54 0.15 11.64
N PHE D 191 25.50 0.99 11.57
CA PHE D 191 24.41 0.99 12.56
C PHE D 191 23.98 -0.42 12.95
N THR D 192 23.83 -1.30 11.96
CA THR D 192 23.35 -2.66 12.18
C THR D 192 24.16 -3.60 11.30
N GLN D 193 24.27 -4.84 11.73
CA GLN D 193 24.85 -5.91 10.94
C GLN D 193 23.72 -6.65 10.23
N ASN D 194 23.97 -7.06 9.00
CA ASN D 194 22.90 -7.63 8.19
C ASN D 194 22.70 -9.11 8.48
N TYR D 195 23.75 -9.91 8.33
CA TYR D 195 23.79 -11.37 8.43
C TYR D 195 23.24 -12.03 7.18
N LYS D 196 22.87 -11.26 6.15
CA LYS D 196 22.36 -11.85 4.91
C LYS D 196 23.13 -11.31 3.70
N TRP D 197 23.56 -10.06 3.74
CA TRP D 197 24.33 -9.44 2.67
C TRP D 197 25.58 -8.79 3.23
N ASP D 198 26.70 -9.00 2.54
CA ASP D 198 27.94 -8.29 2.81
C ASP D 198 27.95 -7.02 1.99
N ILE D 199 27.83 -5.88 2.64
CA ILE D 199 27.74 -4.59 1.97
C ILE D 199 29.12 -3.97 1.91
N ASN D 200 29.43 -3.37 0.74
CA ASN D 200 30.72 -2.71 0.51
C ASN D 200 30.42 -1.39 -0.21
N VAL D 201 30.12 -0.35 0.55
CA VAL D 201 29.80 0.98 0.03
C VAL D 201 30.85 1.92 0.59
N SER D 202 31.96 2.09 -0.13
CA SER D 202 32.99 3.02 0.28
C SER D 202 33.66 3.59 -0.95
N GLY D 203 34.07 4.86 -0.86
CA GLY D 203 34.77 5.52 -1.95
C GLY D 203 34.30 6.92 -2.25
N LYS D 204 35.11 7.65 -3.02
CA LYS D 204 34.84 9.01 -3.45
C LYS D 204 34.87 9.07 -4.96
N VAL D 205 33.90 9.76 -5.55
CA VAL D 205 33.82 9.92 -7.00
C VAL D 205 33.42 11.34 -7.34
N ASN D 206 34.08 11.92 -8.33
CA ASN D 206 33.69 13.22 -8.86
C ASN D 206 32.38 13.12 -9.62
N GLY D 207 31.69 14.25 -9.75
CA GLY D 207 30.46 14.29 -10.49
C GLY D 207 30.70 14.20 -11.99
N THR D 208 29.70 13.65 -12.69
CA THR D 208 29.74 13.50 -14.14
C THR D 208 28.89 14.59 -14.78
N ASP D 209 29.48 15.30 -15.74
CA ASP D 209 28.84 16.45 -16.37
C ASP D 209 28.35 16.06 -17.77
N GLU D 210 27.02 15.89 -17.91
CA GLU D 210 26.39 15.65 -19.21
C GLU D 210 25.08 16.43 -19.26
N LEU D 211 25.19 17.74 -19.43
CA LEU D 211 24.10 18.72 -19.47
C LEU D 211 23.47 18.97 -18.10
N PHE D 212 23.37 17.95 -17.26
CA PHE D 212 22.96 18.05 -15.87
C PHE D 212 23.96 17.25 -15.05
N SER D 213 24.57 17.88 -14.05
CA SER D 213 25.54 17.17 -13.24
C SER D 213 24.88 15.96 -12.57
N TYR D 214 25.68 14.93 -12.31
CA TYR D 214 25.16 13.76 -11.62
C TYR D 214 26.32 12.84 -11.26
N ALA D 215 26.11 12.07 -10.20
CA ALA D 215 27.09 11.11 -9.71
C ALA D 215 26.34 9.89 -9.24
N PHE D 216 27.08 8.81 -9.00
CA PHE D 216 26.45 7.61 -8.45
C PHE D 216 27.43 6.86 -7.57
N ALA D 217 26.90 6.27 -6.49
CA ALA D 217 27.68 5.46 -5.57
C ALA D 217 27.51 4.00 -5.93
N PRO D 218 28.57 3.22 -6.21
CA PRO D 218 28.38 1.80 -6.48
C PRO D 218 28.26 1.00 -5.18
N MET D 219 27.18 0.26 -5.03
CA MET D 219 26.93 -0.61 -3.89
C MET D 219 27.08 -2.06 -4.32
N TYR D 220 28.08 -2.74 -3.74
CA TYR D 220 28.31 -4.15 -3.99
C TYR D 220 27.69 -4.97 -2.88
N LEU D 221 26.93 -6.00 -3.26
CA LEU D 221 26.19 -6.83 -2.32
C LEU D 221 26.49 -8.29 -2.60
N ARG D 222 27.08 -8.98 -1.63
CA ARG D 222 27.41 -10.39 -1.72
C ARG D 222 26.60 -11.14 -0.67
N ARG D 223 25.84 -12.14 -1.11
CA ARG D 223 25.06 -12.94 -0.18
C ARG D 223 25.99 -13.75 0.72
N LYS D 224 25.77 -13.64 2.03
CA LYS D 224 26.59 -14.36 2.99
C LYS D 224 26.11 -15.80 3.07
N LEU D 225 27.04 -16.74 3.04
CA LEU D 225 26.72 -18.16 3.03
C LEU D 225 26.33 -18.57 4.45
N THR D 226 25.03 -18.73 4.67
CA THR D 226 24.49 -19.17 5.95
C THR D 226 24.22 -20.67 5.94
N VAL D 227 24.36 -21.28 7.12
CA VAL D 227 24.13 -22.71 7.21
C VAL D 227 22.66 -23.04 7.07
N GLY D 228 21.77 -22.08 7.29
CA GLY D 228 20.38 -22.29 6.91
C GLY D 228 20.25 -22.45 5.40
N ILE D 229 21.00 -21.65 4.65
CA ILE D 229 20.94 -21.77 3.19
C ILE D 229 21.56 -23.09 2.74
N ILE D 230 22.71 -23.47 3.32
CA ILE D 230 23.33 -24.73 2.89
C ILE D 230 22.41 -25.91 3.21
N ALA D 231 21.74 -25.86 4.37
CA ALA D 231 20.76 -26.89 4.69
C ALA D 231 19.63 -26.89 3.68
N MET D 232 19.19 -25.71 3.25
CA MET D 232 18.13 -25.65 2.24
C MET D 232 18.60 -26.28 0.93
N LEU D 233 19.89 -26.15 0.58
CA LEU D 233 20.37 -26.84 -0.63
C LEU D 233 20.41 -28.35 -0.46
N ILE D 234 20.79 -28.86 0.73
CA ILE D 234 21.00 -30.30 0.97
C ILE D 234 19.92 -31.19 0.36
N PRO D 235 18.62 -30.87 0.52
CA PRO D 235 17.59 -31.67 -0.16
C PRO D 235 17.80 -31.78 -1.66
N THR D 236 18.21 -30.69 -2.32
CA THR D 236 18.44 -30.76 -3.76
C THR D 236 19.54 -31.76 -4.10
N VAL D 237 20.64 -31.73 -3.33
CA VAL D 237 21.76 -32.62 -3.63
C VAL D 237 21.33 -34.07 -3.44
N MET D 238 20.64 -34.37 -2.35
CA MET D 238 20.26 -35.77 -2.13
C MET D 238 19.21 -36.21 -3.15
N MET D 239 18.34 -35.31 -3.62
CA MET D 239 17.45 -35.68 -4.72
C MET D 239 18.23 -35.97 -6.00
N THR D 240 19.30 -35.22 -6.26
CA THR D 240 20.11 -35.54 -7.43
C THR D 240 20.72 -36.93 -7.31
N ILE D 241 21.27 -37.25 -6.14
CA ILE D 241 21.83 -38.58 -5.93
C ILE D 241 20.76 -39.65 -6.13
N LEU D 242 19.56 -39.40 -5.58
CA LEU D 242 18.49 -40.39 -5.67
C LEU D 242 18.02 -40.58 -7.11
N THR D 243 17.93 -39.49 -7.87
CA THR D 243 17.57 -39.60 -9.28
C THR D 243 18.61 -40.40 -10.05
N ILE D 244 19.90 -40.17 -9.76
CA ILE D 244 20.95 -40.94 -10.42
C ILE D 244 20.78 -42.42 -10.06
N PHE D 245 20.50 -42.70 -8.79
CA PHE D 245 20.37 -44.09 -8.35
C PHE D 245 19.20 -44.78 -9.05
N VAL D 246 18.03 -44.14 -9.09
CA VAL D 246 16.88 -44.77 -9.72
C VAL D 246 17.09 -44.90 -11.22
N PHE D 247 17.77 -43.93 -11.84
CA PHE D 247 18.09 -44.06 -13.26
C PHE D 247 19.02 -45.24 -13.51
N LEU D 248 19.90 -45.54 -12.55
CA LEU D 248 20.79 -46.69 -12.66
C LEU D 248 20.11 -47.99 -12.23
N LEU D 249 18.93 -47.91 -11.61
CA LEU D 249 18.24 -49.09 -11.11
C LEU D 249 17.97 -50.07 -12.26
N PRO D 250 17.98 -51.39 -12.00
CA PRO D 250 17.66 -52.36 -13.06
C PRO D 250 16.29 -52.14 -13.67
N PRO D 251 16.17 -52.11 -15.01
CA PRO D 251 14.82 -52.07 -15.62
C PRO D 251 13.84 -53.11 -15.09
N GLU D 252 14.31 -54.28 -14.67
CA GLU D 252 13.44 -55.36 -14.20
C GLU D 252 13.38 -55.44 -12.69
N SER D 253 13.84 -54.40 -11.97
CA SER D 253 13.74 -54.40 -10.52
C SER D 253 12.28 -54.42 -10.07
N GLY D 254 11.42 -53.68 -10.78
CA GLY D 254 10.01 -53.57 -10.47
C GLY D 254 9.61 -52.25 -9.85
N GLU D 255 10.56 -51.50 -9.30
CA GLU D 255 10.30 -50.20 -8.70
C GLU D 255 10.60 -49.03 -9.64
N LYS D 256 11.05 -49.32 -10.86
CA LYS D 256 11.44 -48.28 -11.82
C LYS D 256 10.32 -47.28 -12.04
N VAL D 257 9.19 -47.74 -12.60
CA VAL D 257 8.10 -46.84 -12.95
C VAL D 257 7.59 -46.11 -11.71
N SER D 258 7.48 -46.81 -10.59
CA SER D 258 6.92 -46.21 -9.38
C SER D 258 7.80 -45.06 -8.90
N LEU D 259 9.09 -45.29 -8.77
CA LEU D 259 9.95 -44.24 -8.25
C LEU D 259 10.19 -43.16 -9.30
N ALA D 260 10.13 -43.51 -10.58
CA ALA D 260 10.29 -42.50 -11.61
C ALA D 260 9.12 -41.54 -11.59
N THR D 261 7.90 -42.08 -11.43
CA THR D 261 6.72 -41.23 -11.38
C THR D 261 6.75 -40.35 -10.13
N THR D 262 6.96 -40.95 -8.96
CA THR D 262 6.91 -40.17 -7.72
C THR D 262 7.99 -39.10 -7.69
N ILE D 263 9.17 -39.40 -8.22
CA ILE D 263 10.27 -38.45 -8.14
C ILE D 263 10.21 -37.44 -9.28
N PHE D 264 9.55 -37.76 -10.39
CA PHE D 264 9.20 -36.74 -11.36
C PHE D 264 8.20 -35.75 -10.77
N LEU D 265 7.21 -36.26 -10.04
CA LEU D 265 6.29 -35.38 -9.32
C LEU D 265 7.04 -34.43 -8.40
N SER D 266 7.86 -34.98 -7.49
CA SER D 266 8.57 -34.14 -6.54
C SER D 266 9.53 -33.18 -7.24
N ASN D 267 10.20 -33.64 -8.30
CA ASN D 267 11.09 -32.77 -9.07
C ASN D 267 10.33 -31.58 -9.63
N VAL D 268 9.16 -31.85 -10.22
CA VAL D 268 8.36 -30.76 -10.79
C VAL D 268 7.87 -29.84 -9.68
N LEU D 269 7.56 -30.39 -8.50
CA LEU D 269 7.17 -29.54 -7.38
C LEU D 269 8.28 -28.54 -7.04
N TYR D 270 9.53 -29.02 -6.98
CA TYR D 270 10.60 -28.07 -6.65
C TYR D 270 10.91 -27.16 -7.82
N LEU D 271 10.68 -27.61 -9.06
CA LEU D 271 10.97 -26.77 -10.21
C LEU D 271 10.00 -25.61 -10.28
N VAL D 272 8.70 -25.90 -10.17
CA VAL D 272 7.68 -24.86 -10.05
C VAL D 272 8.01 -23.90 -8.90
N GLN D 273 8.31 -24.48 -7.72
CA GLN D 273 8.60 -23.66 -6.55
C GLN D 273 9.72 -22.65 -6.83
N ILE D 274 10.87 -23.13 -7.30
CA ILE D 274 11.99 -22.23 -7.53
C ILE D 274 11.68 -21.24 -8.65
N ASP D 275 11.03 -21.70 -9.72
CA ASP D 275 10.77 -20.83 -10.87
C ASP D 275 9.85 -19.69 -10.49
N LYS D 276 8.92 -19.92 -9.57
CA LYS D 276 8.04 -18.83 -9.15
C LYS D 276 8.74 -17.82 -8.26
N THR D 277 9.92 -18.14 -7.73
CA THR D 277 10.67 -17.24 -6.86
C THR D 277 11.90 -16.63 -7.52
N THR D 278 12.40 -17.22 -8.60
CA THR D 278 13.58 -16.69 -9.26
C THR D 278 13.22 -15.41 -10.03
N PRO D 279 14.12 -14.42 -10.08
CA PRO D 279 13.81 -13.24 -10.89
C PRO D 279 13.69 -13.59 -12.37
N THR D 280 12.70 -12.99 -13.02
CA THR D 280 12.49 -13.18 -14.45
C THR D 280 13.30 -12.21 -15.30
N ASN D 281 13.89 -11.18 -14.69
CA ASN D 281 14.64 -10.13 -15.39
C ASN D 281 16.11 -10.26 -15.00
N THR D 282 16.84 -11.11 -15.72
CA THR D 282 18.24 -11.37 -15.46
C THR D 282 18.99 -11.42 -16.77
N LYS D 283 20.26 -11.01 -16.74
CA LYS D 283 21.08 -11.11 -17.94
C LYS D 283 21.23 -12.56 -18.38
N TYR D 284 21.40 -13.47 -17.42
CA TYR D 284 21.41 -14.90 -17.65
C TYR D 284 20.51 -15.57 -16.63
N PRO D 285 19.96 -16.75 -16.93
CA PRO D 285 19.14 -17.44 -15.92
C PRO D 285 19.99 -18.02 -14.79
N SER D 286 19.28 -18.49 -13.77
CA SER D 286 19.93 -19.10 -12.61
C SER D 286 20.51 -20.46 -12.96
N LEU D 287 21.81 -20.62 -12.70
CA LEU D 287 22.48 -21.89 -12.97
C LEU D 287 21.82 -23.03 -12.19
N LEU D 288 21.52 -22.80 -10.91
CA LEU D 288 20.90 -23.86 -10.11
C LEU D 288 19.54 -24.23 -10.67
N MET D 289 18.75 -23.23 -11.07
CA MET D 289 17.45 -23.50 -11.68
C MET D 289 17.62 -24.34 -12.93
N LEU D 290 18.60 -24.00 -13.78
CA LEU D 290 18.77 -24.77 -15.01
C LEU D 290 19.29 -26.17 -14.72
N TYR D 291 20.06 -26.32 -13.65
CA TYR D 291 20.55 -27.64 -13.25
C TYR D 291 19.41 -28.50 -12.75
N LEU D 292 18.41 -27.89 -12.11
CA LEU D 292 17.23 -28.64 -11.71
C LEU D 292 16.30 -28.90 -12.89
N MET D 293 16.28 -28.01 -13.88
CA MET D 293 15.57 -28.32 -15.12
C MET D 293 16.18 -29.55 -15.77
N LEU D 294 17.51 -29.61 -15.81
CA LEU D 294 18.19 -30.79 -16.34
C LEU D 294 17.85 -32.03 -15.51
N LEU D 295 17.75 -31.87 -14.19
CA LEU D 295 17.35 -33.00 -13.35
C LEU D 295 15.96 -33.49 -13.73
N SER D 296 15.02 -32.56 -13.93
CA SER D 296 13.67 -32.95 -14.31
C SER D 296 13.67 -33.63 -15.68
N MET D 297 14.48 -33.14 -16.60
CA MET D 297 14.58 -33.76 -17.93
C MET D 297 15.13 -35.17 -17.80
N LEU D 298 16.13 -35.38 -16.94
CA LEU D 298 16.67 -36.71 -16.76
C LEU D 298 15.65 -37.65 -16.12
N SER D 299 14.84 -37.13 -15.20
CA SER D 299 13.75 -37.93 -14.64
C SER D 299 12.75 -38.32 -15.73
N GLY D 300 12.43 -37.37 -16.61
CA GLY D 300 11.55 -37.69 -17.73
C GLY D 300 12.13 -38.73 -18.65
N ILE D 301 13.44 -38.67 -18.90
CA ILE D 301 14.10 -39.66 -19.73
C ILE D 301 14.08 -41.03 -19.06
N ALA D 302 14.24 -41.04 -17.73
CA ALA D 302 14.12 -42.31 -17.00
C ALA D 302 12.72 -42.88 -17.13
N THR D 303 11.69 -42.03 -17.03
CA THR D 303 10.32 -42.50 -17.23
C THR D 303 10.12 -43.02 -18.65
N LEU D 304 10.72 -42.34 -19.63
CA LEU D 304 10.63 -42.79 -21.03
C LEU D 304 11.24 -44.18 -21.19
N GLY D 305 12.43 -44.38 -20.61
CA GLY D 305 13.05 -45.69 -20.69
C GLY D 305 12.23 -46.76 -20.00
N SER D 306 11.65 -46.42 -18.84
CA SER D 306 10.85 -47.38 -18.09
C SER D 306 9.62 -47.80 -18.87
N VAL D 307 8.89 -46.84 -19.45
CA VAL D 307 7.69 -47.18 -20.20
C VAL D 307 8.05 -47.95 -21.46
N VAL D 308 9.13 -47.55 -22.15
CA VAL D 308 9.53 -48.24 -23.37
C VAL D 308 9.86 -49.69 -23.06
N ILE D 309 10.64 -49.92 -22.00
CA ILE D 309 11.00 -51.29 -21.61
C ILE D 309 9.75 -52.06 -21.20
N SER D 310 8.84 -51.40 -20.46
CA SER D 310 7.64 -52.10 -19.99
C SER D 310 6.77 -52.56 -21.16
N LYS D 311 6.59 -51.72 -22.17
CA LYS D 311 5.81 -52.16 -23.32
C LYS D 311 6.56 -53.23 -24.11
N LEU D 312 7.85 -53.01 -24.36
CA LEU D 312 8.67 -54.01 -25.06
C LEU D 312 9.17 -55.05 -24.06
N THR E 21 29.41 42.13 -15.09
CA THR E 21 28.80 40.77 -15.01
C THR E 21 27.49 40.83 -14.21
N PRO E 22 26.55 39.94 -14.49
CA PRO E 22 25.29 39.97 -13.75
C PRO E 22 25.50 39.61 -12.28
N THR E 23 24.70 40.20 -11.41
CA THR E 23 24.83 40.06 -9.97
C THR E 23 23.52 39.64 -9.34
N TYR E 24 23.61 39.31 -8.05
CA TYR E 24 22.43 38.93 -7.29
C TYR E 24 21.42 40.07 -7.24
N GLY E 25 21.90 41.30 -7.05
CA GLY E 25 20.99 42.43 -7.06
C GLY E 25 20.34 42.63 -8.41
N ASP E 26 21.07 42.37 -9.49
CA ASP E 26 20.50 42.49 -10.83
C ASP E 26 19.37 41.49 -11.02
N GLU E 27 19.58 40.23 -10.61
CA GLU E 27 18.51 39.26 -10.76
C GLU E 27 17.34 39.57 -9.83
N ARG E 28 17.62 40.12 -8.65
CA ARG E 28 16.54 40.51 -7.75
C ARG E 28 15.69 41.60 -8.37
N LEU E 29 16.33 42.61 -8.97
CA LEU E 29 15.59 43.67 -9.65
C LEU E 29 14.78 43.10 -10.79
N LEU E 30 15.37 42.19 -11.57
CA LEU E 30 14.67 41.62 -12.70
C LEU E 30 13.42 40.89 -12.24
N ARG E 31 13.54 40.04 -11.23
CA ARG E 31 12.38 39.29 -10.76
C ARG E 31 11.33 40.21 -10.18
N GLU E 32 11.74 41.25 -9.45
CA GLU E 32 10.79 42.17 -8.85
C GLU E 32 9.99 42.90 -9.91
N LYS E 33 10.64 43.33 -10.99
CA LYS E 33 9.88 43.97 -12.05
C LYS E 33 9.06 42.95 -12.82
N LEU E 34 9.59 41.74 -12.97
CA LEU E 34 8.95 40.71 -13.79
C LEU E 34 7.59 40.30 -13.21
N LEU E 35 7.53 40.10 -11.90
CA LEU E 35 6.34 39.59 -11.24
C LEU E 35 5.40 40.68 -10.76
N THR E 36 5.59 41.93 -11.20
CA THR E 36 4.86 43.06 -10.63
C THR E 36 3.34 42.89 -10.76
N ASN E 37 2.85 42.66 -11.98
CA ASN E 37 1.41 42.57 -12.26
C ASN E 37 1.04 41.22 -12.86
N TYR E 38 1.76 40.17 -12.48
CA TYR E 38 1.51 38.85 -13.01
C TYR E 38 0.43 38.15 -12.21
N SER E 39 -0.60 37.67 -12.90
CA SER E 39 -1.66 36.87 -12.30
C SER E 39 -1.43 35.42 -12.70
N LYS E 40 -1.24 34.55 -11.72
CA LYS E 40 -0.97 33.15 -12.01
C LYS E 40 -2.10 32.46 -12.75
N SER E 41 -3.33 32.95 -12.61
CA SER E 41 -4.50 32.28 -13.15
C SER E 41 -4.98 32.82 -14.49
N ILE E 42 -4.40 33.91 -14.98
CA ILE E 42 -4.75 34.49 -16.28
C ILE E 42 -3.76 33.95 -17.29
N ARG E 43 -4.24 33.38 -18.39
CA ARG E 43 -3.33 32.75 -19.34
C ARG E 43 -2.31 33.77 -19.83
N PRO E 44 -1.07 33.35 -20.12
CA PRO E 44 -0.02 34.32 -20.43
C PRO E 44 -0.02 34.73 -21.90
N VAL E 45 -0.99 35.53 -22.28
CA VAL E 45 -1.12 36.05 -23.64
C VAL E 45 -1.60 37.49 -23.56
N ILE E 46 -0.97 38.36 -24.35
CA ILE E 46 -1.39 39.76 -24.41
C ILE E 46 -2.84 39.84 -24.88
N ASN E 47 -3.17 39.18 -25.98
CA ASN E 47 -4.53 39.12 -26.50
C ASN E 47 -5.13 37.78 -26.15
N LEU E 48 -6.24 37.79 -25.41
CA LEU E 48 -6.81 36.54 -24.92
C LEU E 48 -7.42 35.69 -26.03
N THR E 49 -7.55 36.22 -27.24
CA THR E 49 -8.12 35.44 -28.32
C THR E 49 -7.14 34.41 -28.88
N LYS E 50 -5.86 34.56 -28.61
CA LYS E 50 -4.84 33.64 -29.10
C LYS E 50 -4.66 32.48 -28.12
N VAL E 51 -4.30 31.33 -28.65
CA VAL E 51 -4.08 30.14 -27.85
C VAL E 51 -2.62 30.08 -27.43
N VAL E 52 -2.35 29.32 -26.36
CA VAL E 52 -0.99 29.01 -25.95
C VAL E 52 -0.65 27.62 -26.45
N ASP E 53 0.34 27.53 -27.32
CA ASP E 53 0.75 26.27 -27.92
C ASP E 53 1.78 25.61 -27.01
N VAL E 54 1.42 24.45 -26.45
CA VAL E 54 2.28 23.69 -25.57
C VAL E 54 2.81 22.50 -26.35
N THR E 55 4.13 22.34 -26.36
CA THR E 55 4.77 21.15 -26.91
C THR E 55 5.35 20.35 -25.77
N ALA E 56 4.97 19.08 -25.69
CA ALA E 56 5.35 18.20 -24.59
C ALA E 56 6.46 17.25 -25.03
N LEU E 57 7.39 16.99 -24.13
CA LEU E 57 8.52 16.10 -24.37
C LEU E 57 8.51 15.01 -23.30
N LEU E 58 8.23 13.78 -23.71
CA LEU E 58 8.10 12.64 -22.80
C LEU E 58 9.22 11.65 -23.10
N TYR E 59 10.35 11.81 -22.41
CA TYR E 59 11.46 10.88 -22.53
C TYR E 59 11.32 9.78 -21.48
N LEU E 60 11.18 8.54 -21.94
CA LEU E 60 11.13 7.42 -21.01
C LEU E 60 12.51 7.21 -20.40
N GLN E 61 12.52 6.73 -19.16
CA GLN E 61 13.77 6.41 -18.46
C GLN E 61 13.93 4.92 -18.24
N THR E 62 13.00 4.30 -17.51
CA THR E 62 13.04 2.87 -17.22
C THR E 62 11.63 2.31 -17.27
N LEU E 63 11.51 1.08 -17.76
CA LEU E 63 10.26 0.34 -17.75
C LEU E 63 10.37 -0.68 -16.62
N TYR E 64 9.94 -0.27 -15.43
CA TYR E 64 10.11 -1.09 -14.23
C TYR E 64 9.53 -2.48 -14.40
N ASP E 65 8.27 -2.56 -14.83
CA ASP E 65 7.61 -3.85 -14.93
C ASP E 65 6.37 -3.68 -15.80
N LEU E 66 5.84 -4.81 -16.26
CA LEU E 66 4.57 -4.87 -16.97
C LEU E 66 3.69 -5.84 -16.19
N ASP E 67 2.81 -5.31 -15.37
CA ASP E 67 1.95 -6.12 -14.52
C ASP E 67 0.79 -6.65 -15.36
N PHE E 68 0.78 -7.96 -15.61
CA PHE E 68 -0.24 -8.52 -16.48
C PHE E 68 -1.59 -8.61 -15.79
N VAL E 69 -1.60 -8.98 -14.51
CA VAL E 69 -2.87 -9.22 -13.84
C VAL E 69 -3.65 -7.92 -13.65
N ASN E 70 -2.95 -6.83 -13.36
CA ASN E 70 -3.59 -5.54 -13.14
C ASN E 70 -3.69 -4.69 -14.41
N ASN E 71 -3.15 -5.15 -15.53
CA ASN E 71 -3.25 -4.45 -16.82
C ASN E 71 -2.57 -3.08 -16.78
N PHE E 72 -1.46 -2.95 -16.02
CA PHE E 72 -0.73 -1.71 -15.89
C PHE E 72 0.70 -1.88 -16.37
N ILE E 73 1.36 -0.77 -16.67
CA ILE E 73 2.80 -0.73 -16.93
C ILE E 73 3.40 0.34 -16.03
N MET E 74 4.46 -0.02 -15.32
CA MET E 74 5.11 0.90 -14.39
C MET E 74 6.39 1.42 -15.04
N ALA E 75 6.49 2.74 -15.16
CA ALA E 75 7.67 3.35 -15.74
C ALA E 75 7.88 4.73 -15.13
N ARG E 76 9.08 5.28 -15.36
CA ARG E 76 9.47 6.61 -14.92
C ARG E 76 9.88 7.43 -16.13
N TYR E 77 9.24 8.57 -16.32
CA TYR E 77 9.47 9.40 -17.50
C TYR E 77 10.01 10.76 -17.09
N TYR E 78 10.56 11.48 -18.08
CA TYR E 78 11.04 12.84 -17.87
C TYR E 78 10.11 13.82 -18.57
N LEU E 79 8.84 13.85 -18.18
CA LEU E 79 7.87 14.72 -18.84
C LEU E 79 8.35 16.15 -18.87
N GLY E 80 8.42 16.71 -20.07
CA GLY E 80 8.78 18.10 -20.26
C GLY E 80 7.64 18.84 -20.92
N LEU E 81 7.49 20.11 -20.58
CA LEU E 81 6.45 20.96 -21.13
C LEU E 81 7.09 22.28 -21.52
N ILE E 82 6.88 22.69 -22.77
CA ILE E 82 7.44 23.94 -23.29
C ILE E 82 6.31 24.75 -23.90
N TRP E 83 6.26 26.02 -23.56
CA TRP E 83 5.32 26.97 -24.13
C TRP E 83 5.99 28.32 -24.12
N ILE E 84 5.25 29.35 -24.54
CA ILE E 84 5.77 30.70 -24.65
C ILE E 84 4.90 31.63 -23.82
N ASP E 85 5.54 32.41 -22.98
CA ASP E 85 4.89 33.44 -22.17
C ASP E 85 5.16 34.80 -22.78
N GLU E 86 4.08 35.56 -23.01
CA GLU E 86 4.19 36.88 -23.63
C GLU E 86 4.31 38.00 -22.61
N LYS E 87 4.02 37.74 -21.34
CA LYS E 87 4.16 38.76 -20.31
C LYS E 87 5.54 38.73 -19.65
N LEU E 88 6.20 37.58 -19.66
CA LEU E 88 7.48 37.41 -18.99
C LEU E 88 8.61 37.53 -20.00
N THR E 89 8.96 38.78 -20.32
CA THR E 89 10.03 39.07 -21.26
C THR E 89 10.84 40.25 -20.75
N TRP E 90 12.05 40.40 -21.29
CA TRP E 90 12.94 41.46 -20.86
C TRP E 90 14.03 41.63 -21.90
N ASN E 91 14.54 42.84 -22.00
CA ASN E 91 15.74 43.07 -22.80
C ASN E 91 16.95 42.72 -21.95
N PRO E 92 17.70 41.65 -22.25
CA PRO E 92 18.79 41.25 -21.35
C PRO E 92 19.89 42.29 -21.21
N LEU E 93 20.06 43.18 -22.19
CA LEU E 93 21.06 44.23 -22.06
C LEU E 93 20.69 45.24 -20.98
N ASP E 94 19.43 45.30 -20.58
CA ASP E 94 18.98 46.20 -19.53
C ASP E 94 19.20 45.64 -18.13
N TYR E 95 19.67 44.40 -18.00
CA TYR E 95 19.88 43.75 -16.71
C TYR E 95 21.21 43.03 -16.67
N ASN E 96 22.25 43.64 -17.24
CA ASN E 96 23.60 43.11 -17.21
C ASN E 96 23.67 41.70 -17.80
N ASN E 97 22.91 41.48 -18.87
CA ASN E 97 23.02 40.27 -19.68
C ASN E 97 22.46 39.03 -18.98
N ILE E 98 21.53 39.20 -18.04
CA ILE E 98 20.86 38.05 -17.46
C ILE E 98 19.97 37.44 -18.54
N THR E 99 20.29 36.24 -19.00
CA THR E 99 19.56 35.59 -20.08
C THR E 99 18.54 34.58 -19.61
N SER E 100 18.59 34.14 -18.36
CA SER E 100 17.63 33.16 -17.88
C SER E 100 17.61 33.18 -16.36
N ILE E 101 16.44 32.91 -15.79
CA ILE E 101 16.25 32.81 -14.35
C ILE E 101 15.49 31.52 -14.06
N TYR E 102 15.40 31.21 -12.77
CA TYR E 102 14.67 30.05 -12.29
C TYR E 102 13.60 30.55 -11.33
N LEU E 103 12.35 30.20 -11.61
CA LEU E 103 11.20 30.64 -10.83
C LEU E 103 10.57 29.46 -10.11
N PRO E 104 9.97 29.64 -8.93
CA PRO E 104 9.23 28.54 -8.33
C PRO E 104 8.02 28.19 -9.17
N LYS E 105 7.77 26.89 -9.31
CA LYS E 105 6.74 26.40 -10.22
C LYS E 105 5.35 26.91 -9.87
N ASP E 106 5.09 27.24 -8.61
CA ASP E 106 3.76 27.63 -8.18
C ASP E 106 3.52 29.14 -8.22
N LYS E 107 4.49 29.94 -8.69
CA LYS E 107 4.31 31.37 -8.83
C LYS E 107 3.91 31.79 -10.24
N ILE E 108 3.95 30.88 -11.21
CA ILE E 108 3.77 31.22 -12.62
C ILE E 108 2.64 30.37 -13.17
N TRP E 109 1.98 30.87 -14.22
CA TRP E 109 0.96 30.08 -14.88
C TRP E 109 1.59 28.84 -15.49
N THR E 110 0.93 27.71 -15.30
CA THR E 110 1.39 26.41 -15.76
C THR E 110 0.25 25.70 -16.47
N PRO E 111 0.44 25.19 -17.69
CA PRO E 111 -0.66 24.55 -18.38
C PRO E 111 -1.17 23.36 -17.59
N PRO E 112 -2.48 23.09 -17.58
CA PRO E 112 -3.00 22.05 -16.69
C PRO E 112 -2.93 20.66 -17.32
N ILE E 113 -1.72 20.24 -17.67
CA ILE E 113 -1.52 18.95 -18.32
C ILE E 113 -1.58 17.87 -17.26
N LYS E 114 -2.32 16.80 -17.55
CA LYS E 114 -2.47 15.66 -16.65
C LYS E 114 -2.16 14.38 -17.42
N MET E 115 -1.64 13.39 -16.69
CA MET E 115 -1.44 12.05 -17.25
C MET E 115 -2.80 11.34 -17.30
N CYS E 116 -3.61 11.80 -18.24
CA CYS E 116 -5.03 11.50 -18.38
C CYS E 116 -5.37 10.02 -18.22
N ASN E 117 -4.53 9.15 -18.79
CA ASN E 117 -4.76 7.71 -18.78
C ASN E 117 -3.86 6.99 -17.78
N SER E 118 -3.50 7.67 -16.68
CA SER E 118 -2.49 7.13 -15.78
C SER E 118 -2.82 7.49 -14.34
N MET E 119 -2.36 6.62 -13.44
CA MET E 119 -2.31 6.94 -12.02
C MET E 119 -0.93 7.47 -11.70
N ASP E 120 -0.84 8.77 -11.46
CA ASP E 120 0.43 9.40 -11.14
C ASP E 120 0.80 9.05 -9.71
N LYS E 121 1.66 8.03 -9.56
CA LYS E 121 2.14 7.59 -8.27
C LYS E 121 3.42 8.32 -7.86
N SER E 122 3.74 9.45 -8.49
CA SER E 122 4.90 10.25 -8.14
C SER E 122 4.90 10.60 -6.66
N GLU E 123 6.08 10.90 -6.13
CA GLU E 123 6.24 11.21 -4.71
C GLU E 123 6.30 12.71 -4.41
N GLU E 124 6.65 13.53 -5.40
CA GLU E 124 6.58 14.98 -5.26
C GLU E 124 5.30 15.48 -5.90
N ASN E 125 4.77 16.57 -5.35
CA ASN E 125 3.58 17.18 -5.91
C ASN E 125 3.94 17.89 -7.22
N ASP E 126 2.92 18.17 -8.03
CA ASP E 126 3.11 18.86 -9.30
C ASP E 126 3.04 20.37 -9.17
N GLY E 127 3.12 20.90 -7.95
CA GLY E 127 3.18 22.33 -7.71
C GLY E 127 4.34 22.74 -6.82
N VAL E 128 5.35 21.88 -6.71
CA VAL E 128 6.55 22.14 -5.91
C VAL E 128 7.75 21.82 -6.78
N GLY E 129 8.52 22.84 -7.14
CA GLY E 129 9.67 22.65 -7.98
C GLY E 129 10.20 23.96 -8.53
N GLU E 130 10.61 23.93 -9.78
CA GLU E 130 11.26 25.07 -10.43
C GLU E 130 11.20 24.87 -11.92
N LEU E 131 11.19 25.99 -12.65
CA LEU E 131 11.15 25.99 -14.09
C LEU E 131 12.17 26.99 -14.61
N MET E 132 12.60 26.77 -15.84
CA MET E 132 13.60 27.61 -16.49
C MET E 132 12.91 28.52 -17.47
N LEU E 133 13.11 29.82 -17.33
CA LEU E 133 12.48 30.81 -18.19
C LEU E 133 13.56 31.61 -18.90
N THR E 134 13.37 31.81 -20.20
CA THR E 134 14.33 32.48 -21.07
C THR E 134 13.80 33.87 -21.41
N TYR E 135 14.71 34.78 -21.76
CA TYR E 135 14.35 36.17 -21.96
C TYR E 135 13.36 36.37 -23.09
N THR E 136 13.22 35.41 -24.00
CA THR E 136 12.22 35.51 -25.06
C THR E 136 10.84 35.05 -24.61
N GLY E 137 10.69 34.56 -23.38
CA GLY E 137 9.43 34.06 -22.88
C GLY E 137 9.31 32.56 -22.85
N TRP E 138 10.28 31.83 -23.40
CA TRP E 138 10.17 30.39 -23.50
C TRP E 138 10.42 29.77 -22.13
N ILE E 139 9.51 28.89 -21.70
CA ILE E 139 9.58 28.23 -20.40
C ILE E 139 9.85 26.74 -20.62
N ASN E 140 10.83 26.21 -19.90
CA ASN E 140 11.08 24.78 -19.80
C ASN E 140 10.71 24.33 -18.40
N MET E 141 9.91 23.26 -18.30
CA MET E 141 9.39 22.80 -17.01
C MET E 141 9.59 21.29 -16.89
N TRP E 142 10.83 20.84 -17.03
CA TRP E 142 11.12 19.42 -16.90
C TRP E 142 10.64 18.90 -15.54
N SER E 143 9.99 17.74 -15.55
CA SER E 143 9.48 17.13 -14.33
C SER E 143 9.51 15.62 -14.42
N PHE E 144 9.98 14.98 -13.35
CA PHE E 144 10.03 13.52 -13.26
C PHE E 144 8.64 13.01 -12.94
N ARG E 145 8.31 11.81 -13.42
CA ARG E 145 6.96 11.27 -13.24
C ARG E 145 6.98 9.76 -13.31
N LEU E 146 6.60 9.12 -12.21
CA LEU E 146 6.48 7.66 -12.13
C LEU E 146 5.00 7.33 -12.33
N LEU E 147 4.69 6.57 -13.37
CA LEU E 147 3.30 6.37 -13.78
C LEU E 147 2.90 4.91 -13.72
N HIS E 148 1.70 4.67 -13.21
CA HIS E 148 1.01 3.39 -13.29
C HIS E 148 -0.12 3.61 -14.28
N THR E 149 0.13 3.33 -15.55
CA THR E 149 -0.75 3.70 -16.64
C THR E 149 -1.43 2.48 -17.24
N TYR E 150 -2.73 2.61 -17.47
CA TYR E 150 -3.56 1.49 -17.92
C TYR E 150 -3.20 1.09 -19.35
N CYS E 151 -3.04 -0.21 -19.55
CA CYS E 151 -2.80 -0.79 -20.87
C CYS E 151 -3.65 -2.04 -21.02
N GLN E 152 -4.24 -2.22 -22.20
CA GLN E 152 -5.01 -3.43 -22.48
C GLN E 152 -4.04 -4.51 -22.93
N ILE E 153 -3.72 -5.43 -22.04
CA ILE E 153 -2.65 -6.39 -22.24
C ILE E 153 -3.26 -7.70 -22.71
N ASN E 154 -2.96 -8.07 -23.95
CA ASN E 154 -3.46 -9.30 -24.56
C ASN E 154 -2.31 -10.31 -24.59
N ALA E 155 -2.44 -11.39 -23.81
CA ALA E 155 -1.44 -12.43 -23.70
C ALA E 155 -1.70 -13.58 -24.68
N TYR E 156 -2.20 -13.23 -25.86
CA TYR E 156 -2.55 -14.19 -26.90
C TYR E 156 -1.33 -14.98 -27.36
N THR E 157 -0.36 -14.30 -27.97
CA THR E 157 0.79 -14.94 -28.57
C THR E 157 1.91 -15.21 -27.56
N TYR E 158 1.57 -15.44 -26.30
CA TYR E 158 2.59 -15.67 -25.29
C TYR E 158 3.40 -16.92 -25.65
N PRO E 159 4.73 -16.93 -25.42
CA PRO E 159 5.63 -15.88 -24.91
C PRO E 159 6.26 -15.04 -26.01
N PHE E 160 5.84 -15.19 -27.26
CA PHE E 160 6.29 -14.33 -28.35
C PHE E 160 5.27 -13.21 -28.57
N ASP E 161 4.95 -12.51 -27.49
CA ASP E 161 3.84 -11.58 -27.47
C ASP E 161 4.33 -10.15 -27.61
N GLU E 162 3.50 -9.31 -28.21
CA GLU E 162 3.74 -7.89 -28.36
C GLU E 162 2.58 -7.13 -27.75
N HIS E 163 2.78 -5.84 -27.50
CA HIS E 163 1.77 -5.01 -26.85
C HIS E 163 1.96 -3.58 -27.33
N THR E 164 0.86 -2.83 -27.29
CA THR E 164 0.87 -1.41 -27.61
C THR E 164 0.20 -0.65 -26.47
N CYS E 165 0.97 0.19 -25.79
CA CYS E 165 0.47 1.02 -24.69
C CYS E 165 0.57 2.48 -25.09
N GLU E 166 -0.54 3.18 -24.98
CA GLU E 166 -0.62 4.60 -25.33
C GLU E 166 -0.61 5.42 -24.04
N ILE E 167 0.38 6.31 -23.94
CA ILE E 167 0.51 7.21 -22.80
C ILE E 167 -0.16 8.52 -23.19
N TYR E 168 -1.21 8.89 -22.49
CA TYR E 168 -2.05 10.01 -22.88
C TYR E 168 -1.67 11.28 -22.13
N LEU E 169 -1.65 12.39 -22.85
CA LEU E 169 -1.61 13.72 -22.29
C LEU E 169 -2.84 14.48 -22.75
N CYS E 170 -3.49 15.20 -21.84
CA CYS E 170 -4.61 16.04 -22.23
C CYS E 170 -4.74 17.19 -21.24
N VAL E 171 -5.13 18.35 -21.75
CA VAL E 171 -5.39 19.48 -20.90
C VAL E 171 -6.58 19.15 -19.99
N ALA E 172 -6.56 19.69 -18.77
CA ALA E 172 -7.55 19.28 -17.78
C ALA E 172 -8.91 19.90 -18.05
N LEU E 173 -8.97 21.22 -18.22
CA LEU E 173 -10.23 21.92 -18.33
C LEU E 173 -10.26 23.00 -19.41
N HIS E 174 -9.14 23.34 -20.03
CA HIS E 174 -9.13 24.44 -20.96
C HIS E 174 -9.61 23.98 -22.33
N THR E 175 -10.32 24.86 -23.02
CA THR E 175 -10.81 24.55 -24.35
C THR E 175 -9.72 24.76 -25.39
N ILE E 176 -9.93 24.17 -26.56
CA ILE E 176 -8.96 24.24 -27.64
C ILE E 176 -8.76 25.65 -28.15
N ASN E 177 -9.72 26.54 -27.91
CA ASN E 177 -9.51 27.95 -28.24
C ASN E 177 -8.74 28.70 -27.16
N HIS E 178 -8.38 28.04 -26.05
CA HIS E 178 -7.54 28.61 -25.01
C HIS E 178 -6.17 27.95 -24.92
N THR E 179 -6.11 26.63 -24.78
CA THR E 179 -4.84 25.91 -24.67
C THR E 179 -4.87 24.66 -25.54
N ARG E 180 -3.75 24.40 -26.22
CA ARG E 180 -3.61 23.28 -27.13
C ARG E 180 -2.26 22.61 -26.91
N ILE E 181 -2.22 21.30 -27.14
CA ILE E 181 -0.97 20.54 -27.16
C ILE E 181 -0.48 20.58 -28.60
N LYS E 182 0.51 21.43 -28.86
CA LYS E 182 1.01 21.58 -30.23
C LYS E 182 1.58 20.27 -30.77
N GLU E 183 2.38 19.58 -29.97
CA GLU E 183 3.11 18.39 -30.42
C GLU E 183 3.51 17.58 -29.22
N LEU E 184 3.82 16.31 -29.47
CA LEU E 184 4.33 15.40 -28.45
C LEU E 184 5.55 14.72 -29.04
N ILE E 185 6.70 14.97 -28.44
CA ILE E 185 7.97 14.38 -28.86
C ILE E 185 8.33 13.35 -27.80
N TYR E 186 8.28 12.08 -28.16
CA TYR E 186 8.56 10.98 -27.25
C TYR E 186 9.79 10.24 -27.75
N GLU E 187 10.70 9.91 -26.84
CA GLU E 187 11.91 9.18 -27.15
C GLU E 187 12.19 8.25 -25.99
N ASP E 188 13.36 7.61 -26.02
CA ASP E 188 13.83 6.76 -24.94
C ASP E 188 15.21 7.24 -24.56
N SER E 189 15.46 7.36 -23.26
CA SER E 189 16.72 7.89 -22.78
C SER E 189 17.82 6.84 -22.73
N LYS E 190 17.45 5.56 -22.64
CA LYS E 190 18.39 4.44 -22.61
C LYS E 190 19.18 4.38 -21.31
N PHE E 191 18.68 5.07 -20.27
CA PHE E 191 19.27 5.01 -18.93
C PHE E 191 19.68 3.61 -18.53
N THR E 192 18.80 2.64 -18.78
CA THR E 192 19.02 1.25 -18.39
C THR E 192 18.55 0.35 -19.51
N GLN E 193 19.14 -0.84 -19.59
CA GLN E 193 18.68 -1.89 -20.48
C GLN E 193 17.76 -2.81 -19.70
N ASN E 194 16.72 -3.30 -20.37
CA ASN E 194 15.70 -4.06 -19.67
C ASN E 194 16.08 -5.52 -19.52
N TYR E 195 16.35 -6.19 -20.62
CA TYR E 195 16.64 -7.62 -20.75
C TYR E 195 15.35 -8.45 -20.69
N LYS E 196 14.18 -7.82 -20.61
CA LYS E 196 12.92 -8.56 -20.58
C LYS E 196 11.96 -8.04 -21.65
N TRP E 197 11.99 -6.75 -21.93
CA TRP E 197 11.15 -6.13 -22.94
C TRP E 197 11.98 -5.29 -23.89
N ASP E 198 11.70 -5.42 -25.18
CA ASP E 198 12.27 -4.55 -26.20
C ASP E 198 11.33 -3.36 -26.37
N ILE E 199 11.78 -2.19 -25.94
CA ILE E 199 10.97 -0.99 -25.95
C ILE E 199 11.25 -0.21 -27.23
N ASN E 200 10.19 0.33 -27.85
CA ASN E 200 10.28 1.11 -29.08
C ASN E 200 9.35 2.31 -28.90
N VAL E 201 9.85 3.35 -28.26
CA VAL E 201 9.09 4.57 -27.99
C VAL E 201 9.82 5.70 -28.71
N SER E 202 9.48 5.95 -29.97
CA SER E 202 10.07 7.04 -30.72
C SER E 202 9.07 7.59 -31.70
N GLY E 203 9.13 8.90 -31.94
CA GLY E 203 8.25 9.56 -32.89
C GLY E 203 7.65 10.87 -32.42
N LYS E 204 7.10 11.62 -33.37
CA LYS E 204 6.45 12.89 -33.14
C LYS E 204 5.03 12.83 -33.65
N VAL E 205 4.09 13.35 -32.87
CA VAL E 205 2.67 13.38 -33.24
C VAL E 205 2.07 14.71 -32.83
N ASN E 206 1.27 15.28 -33.74
CA ASN E 206 0.49 16.48 -33.42
C ASN E 206 -0.62 16.15 -32.44
N GLY E 207 -1.08 17.17 -31.74
CA GLY E 207 -2.18 17.00 -30.80
C GLY E 207 -3.51 16.82 -31.52
N THR E 208 -4.41 16.10 -30.85
CA THR E 208 -5.75 15.83 -31.36
C THR E 208 -6.74 16.75 -30.67
N ASP E 209 -7.55 17.45 -31.46
CA ASP E 209 -8.49 18.45 -30.95
C ASP E 209 -9.91 17.89 -30.96
N GLU E 210 -10.43 17.54 -29.77
CA GLU E 210 -11.83 17.10 -29.61
C GLU E 210 -12.37 17.69 -28.31
N LEU E 211 -12.66 19.00 -28.35
CA LEU E 211 -13.13 19.82 -27.24
C LEU E 211 -12.06 20.12 -26.19
N PHE E 212 -11.17 19.17 -25.94
CA PHE E 212 -9.99 19.35 -25.09
C PHE E 212 -8.82 18.75 -25.86
N SER E 213 -7.77 19.53 -26.06
CA SER E 213 -6.62 19.01 -26.79
C SER E 213 -6.05 17.81 -26.06
N TYR E 214 -5.44 16.89 -26.82
CA TYR E 214 -4.81 15.72 -26.21
C TYR E 214 -4.01 14.99 -27.27
N ALA E 215 -2.99 14.29 -26.81
CA ALA E 215 -2.11 13.51 -27.66
C ALA E 215 -1.75 12.24 -26.90
N PHE E 216 -1.17 11.27 -27.61
CA PHE E 216 -0.71 10.07 -26.96
C PHE E 216 0.52 9.52 -27.67
N ALA E 217 1.43 8.96 -26.87
CA ALA E 217 2.64 8.34 -27.38
C ALA E 217 2.42 6.83 -27.48
N PRO E 218 2.58 6.18 -28.64
CA PRO E 218 2.43 4.72 -28.67
C PRO E 218 3.73 4.05 -28.23
N MET E 219 3.63 3.20 -27.21
CA MET E 219 4.75 2.42 -26.71
C MET E 219 4.57 0.97 -27.12
N TYR E 220 5.49 0.46 -27.94
CA TYR E 220 5.48 -0.93 -28.37
C TYR E 220 6.44 -1.74 -27.51
N LEU E 221 5.96 -2.88 -27.01
CA LEU E 221 6.71 -3.72 -26.08
C LEU E 221 6.71 -5.14 -26.60
N ARG E 222 7.89 -5.68 -26.89
CA ARG E 222 8.06 -7.05 -27.35
C ARG E 222 8.88 -7.80 -26.32
N ARG E 223 8.34 -8.91 -25.82
CA ARG E 223 9.08 -9.73 -24.87
C ARG E 223 10.32 -10.32 -25.53
N LYS E 224 11.46 -10.15 -24.89
CA LYS E 224 12.70 -10.68 -25.42
C LYS E 224 12.80 -12.15 -25.08
N LEU E 225 13.18 -12.97 -26.08
CA LEU E 225 13.24 -14.42 -25.90
C LEU E 225 14.49 -14.74 -25.10
N THR E 226 14.29 -15.05 -23.82
CA THR E 226 15.38 -15.43 -22.93
C THR E 226 15.47 -16.95 -22.82
N VAL E 227 16.70 -17.43 -22.61
CA VAL E 227 16.89 -18.86 -22.48
C VAL E 227 16.33 -19.37 -21.16
N GLY E 228 16.11 -18.50 -20.19
CA GLY E 228 15.32 -18.90 -19.04
C GLY E 228 13.89 -19.22 -19.43
N ILE E 229 13.33 -18.43 -20.34
CA ILE E 229 11.97 -18.70 -20.81
C ILE E 229 11.93 -19.97 -21.63
N ILE E 230 12.91 -20.17 -22.52
CA ILE E 230 12.88 -21.39 -23.34
C ILE E 230 13.04 -22.62 -22.45
N ALA E 231 13.91 -22.56 -21.45
CA ALA E 231 14.04 -23.68 -20.52
C ALA E 231 12.75 -23.92 -19.75
N MET E 232 12.08 -22.84 -19.33
CA MET E 232 10.80 -22.98 -18.66
C MET E 232 9.76 -23.62 -19.59
N LEU E 233 9.86 -23.36 -20.89
CA LEU E 233 8.96 -24.01 -21.85
C LEU E 233 9.24 -25.50 -21.98
N ILE E 234 10.54 -25.89 -21.95
CA ILE E 234 10.93 -27.30 -22.19
C ILE E 234 10.08 -28.33 -21.45
N PRO E 235 9.78 -28.17 -20.15
CA PRO E 235 8.90 -29.13 -19.49
C PRO E 235 7.57 -29.33 -20.19
N THR E 236 6.95 -28.27 -20.70
CA THR E 236 5.68 -28.43 -21.40
C THR E 236 5.84 -29.33 -22.61
N VAL E 237 6.91 -29.13 -23.39
CA VAL E 237 7.12 -29.91 -24.60
C VAL E 237 7.32 -31.38 -24.26
N MET E 238 8.16 -31.66 -23.25
CA MET E 238 8.41 -33.07 -22.94
C MET E 238 7.17 -33.73 -22.34
N MET E 239 6.34 -32.98 -21.61
CA MET E 239 5.07 -33.55 -21.16
C MET E 239 4.15 -33.84 -22.33
N THR E 240 4.15 -32.99 -23.36
CA THR E 240 3.33 -33.31 -24.53
C THR E 240 3.80 -34.59 -25.21
N ILE E 241 5.12 -34.73 -25.38
CA ILE E 241 5.66 -35.96 -25.97
C ILE E 241 5.28 -37.17 -25.12
N LEU E 242 5.41 -37.04 -23.80
CA LEU E 242 5.13 -38.17 -22.91
C LEU E 242 3.64 -38.54 -22.93
N THR E 243 2.77 -37.53 -22.98
CA THR E 243 1.33 -37.80 -23.09
C THR E 243 1.02 -38.53 -24.39
N ILE E 244 1.64 -38.11 -25.49
CA ILE E 244 1.44 -38.81 -26.76
C ILE E 244 1.89 -40.26 -26.62
N PHE E 245 3.04 -40.47 -25.98
CA PHE E 245 3.59 -41.81 -25.83
C PHE E 245 2.64 -42.70 -25.03
N VAL E 246 2.16 -42.21 -23.87
CA VAL E 246 1.28 -43.03 -23.05
C VAL E 246 -0.06 -43.26 -23.75
N PHE E 247 -0.54 -42.26 -24.49
CA PHE E 247 -1.77 -42.47 -25.26
C PHE E 247 -1.57 -43.53 -26.32
N LEU E 248 -0.36 -43.64 -26.87
CA LEU E 248 -0.07 -44.67 -27.85
C LEU E 248 0.28 -46.01 -27.20
N LEU E 249 0.50 -46.02 -25.89
CA LEU E 249 0.89 -47.24 -25.19
C LEU E 249 -0.18 -48.34 -25.38
N PRO E 250 0.22 -49.61 -25.43
CA PRO E 250 -0.78 -50.70 -25.56
C PRO E 250 -1.79 -50.69 -24.43
N PRO E 251 -3.10 -50.78 -24.73
CA PRO E 251 -4.09 -50.95 -23.66
C PRO E 251 -3.78 -52.05 -22.64
N GLU E 252 -3.10 -53.12 -23.06
CA GLU E 252 -2.80 -54.25 -22.19
C GLU E 252 -1.38 -54.21 -21.65
N SER E 253 -0.68 -53.08 -21.77
CA SER E 253 0.66 -52.97 -21.21
C SER E 253 0.63 -53.13 -19.70
N GLY E 254 -0.39 -52.56 -19.05
CA GLY E 254 -0.54 -52.59 -17.61
C GLY E 254 -0.23 -51.28 -16.91
N GLU E 255 0.49 -50.38 -17.57
CA GLU E 255 0.84 -49.08 -17.02
C GLU E 255 -0.09 -47.97 -17.49
N LYS E 256 -1.07 -48.30 -18.34
CA LYS E 256 -1.97 -47.31 -18.92
C LYS E 256 -2.66 -46.47 -17.84
N VAL E 257 -3.47 -47.11 -17.00
CA VAL E 257 -4.25 -46.37 -16.00
C VAL E 257 -3.33 -45.62 -15.05
N SER E 258 -2.22 -46.24 -14.65
CA SER E 258 -1.32 -45.61 -13.68
C SER E 258 -0.74 -44.32 -14.23
N LEU E 259 -0.18 -44.39 -15.45
CA LEU E 259 0.46 -43.20 -16.00
C LEU E 259 -0.58 -42.20 -16.45
N ALA E 260 -1.76 -42.65 -16.85
CA ALA E 260 -2.81 -41.71 -17.24
C ALA E 260 -3.27 -40.91 -16.03
N THR E 261 -3.43 -41.57 -14.89
CA THR E 261 -3.84 -40.88 -13.68
C THR E 261 -2.76 -39.90 -13.22
N THR E 262 -1.51 -40.37 -13.11
CA THR E 262 -0.45 -39.51 -12.60
C THR E 262 -0.21 -38.31 -13.50
N ILE E 263 -0.33 -38.50 -14.81
CA ILE E 263 -0.02 -37.42 -15.73
C ILE E 263 -1.24 -36.53 -15.96
N PHE E 264 -2.45 -37.02 -15.71
CA PHE E 264 -3.59 -36.13 -15.61
C PHE E 264 -3.45 -35.22 -14.40
N LEU E 265 -3.02 -35.79 -13.27
CA LEU E 265 -2.71 -34.97 -12.08
C LEU E 265 -1.72 -33.87 -12.42
N SER E 266 -0.56 -34.25 -12.95
CA SER E 266 0.47 -33.24 -13.24
C SER E 266 -0.02 -32.22 -14.28
N ASN E 267 -0.75 -32.68 -15.30
CA ASN E 267 -1.31 -31.79 -16.30
C ASN E 267 -2.21 -30.75 -15.66
N VAL E 268 -3.10 -31.20 -14.77
CA VAL E 268 -4.00 -30.29 -14.10
C VAL E 268 -3.23 -29.33 -13.20
N LEU E 269 -2.15 -29.81 -12.58
CA LEU E 269 -1.32 -28.93 -11.77
C LEU E 269 -0.77 -27.77 -12.62
N TYR E 270 -0.26 -28.09 -13.81
CA TYR E 270 0.27 -27.01 -14.64
C TYR E 270 -0.85 -26.15 -15.22
N LEU E 271 -2.03 -26.74 -15.46
CA LEU E 271 -3.13 -25.97 -16.02
C LEU E 271 -3.63 -24.94 -15.02
N VAL E 272 -3.90 -25.38 -13.79
CA VAL E 272 -4.23 -24.46 -12.70
C VAL E 272 -3.15 -23.39 -12.56
N GLN E 273 -1.88 -23.81 -12.51
CA GLN E 273 -0.77 -22.87 -12.34
C GLN E 273 -0.81 -21.76 -13.39
N ILE E 274 -0.84 -22.14 -14.67
CA ILE E 274 -0.81 -21.13 -15.72
C ILE E 274 -2.09 -20.28 -15.70
N ASP E 275 -3.25 -20.91 -15.47
CA ASP E 275 -4.51 -20.17 -15.53
C ASP E 275 -4.57 -19.11 -14.43
N LYS E 276 -3.97 -19.38 -13.27
CA LYS E 276 -3.97 -18.39 -12.21
C LYS E 276 -3.04 -17.22 -12.50
N THR E 277 -2.12 -17.36 -13.47
CA THR E 277 -1.18 -16.30 -13.82
C THR E 277 -1.49 -15.60 -15.14
N THR E 278 -2.28 -16.22 -16.01
CA THR E 278 -2.61 -15.60 -17.28
C THR E 278 -3.58 -14.44 -17.08
N PRO E 279 -3.48 -13.36 -17.85
CA PRO E 279 -4.47 -12.29 -17.71
C PRO E 279 -5.86 -12.78 -18.10
N THR E 280 -6.85 -12.36 -17.32
CA THR E 280 -8.24 -12.69 -17.60
C THR E 280 -8.90 -11.71 -18.54
N ASN E 281 -8.27 -10.56 -18.82
CA ASN E 281 -8.81 -9.49 -19.65
C ASN E 281 -7.98 -9.40 -20.93
N THR E 282 -8.34 -10.21 -21.91
CA THR E 282 -7.62 -10.27 -23.18
C THR E 282 -8.63 -10.34 -24.32
N LYS E 283 -8.26 -9.77 -25.46
CA LYS E 283 -9.11 -9.87 -26.64
C LYS E 283 -9.32 -11.32 -27.04
N TYR E 284 -8.25 -12.12 -26.98
CA TYR E 284 -8.31 -13.56 -27.19
C TYR E 284 -7.53 -14.25 -26.07
N PRO E 285 -7.84 -15.51 -25.75
CA PRO E 285 -7.08 -16.22 -24.72
C PRO E 285 -5.69 -16.58 -25.21
N SER E 286 -4.88 -17.06 -24.26
CA SER E 286 -3.52 -17.47 -24.56
C SER E 286 -3.50 -18.78 -25.34
N LEU E 287 -2.84 -18.76 -26.51
CA LEU E 287 -2.73 -19.97 -27.33
C LEU E 287 -2.07 -21.10 -26.56
N LEU E 288 -0.98 -20.81 -25.84
CA LEU E 288 -0.30 -21.86 -25.09
C LEU E 288 -1.22 -22.44 -24.03
N MET E 289 -1.95 -21.57 -23.31
CA MET E 289 -2.89 -22.05 -22.31
C MET E 289 -3.93 -22.97 -22.96
N LEU E 290 -4.46 -22.59 -24.12
CA LEU E 290 -5.47 -23.43 -24.75
C LEU E 290 -4.87 -24.72 -25.26
N TYR E 291 -3.60 -24.70 -25.65
CA TYR E 291 -2.92 -25.91 -26.09
C TYR E 291 -2.71 -26.86 -24.92
N LEU E 292 -2.50 -26.31 -23.72
CA LEU E 292 -2.40 -27.17 -22.55
C LEU E 292 -3.77 -27.63 -22.07
N MET E 293 -4.81 -26.83 -22.31
CA MET E 293 -6.17 -27.33 -22.07
C MET E 293 -6.46 -28.53 -22.97
N LEU E 294 -6.06 -28.43 -24.24
CA LEU E 294 -6.20 -29.56 -25.16
C LEU E 294 -5.40 -30.75 -24.69
N LEU E 295 -4.20 -30.50 -24.14
CA LEU E 295 -3.39 -31.60 -23.60
C LEU E 295 -4.13 -32.29 -22.46
N SER E 296 -4.71 -31.51 -21.55
CA SER E 296 -5.46 -32.09 -20.45
C SER E 296 -6.66 -32.88 -20.94
N MET E 297 -7.34 -32.35 -21.97
CA MET E 297 -8.47 -33.06 -22.55
C MET E 297 -8.04 -34.39 -23.16
N LEU E 298 -6.88 -34.41 -23.83
CA LEU E 298 -6.39 -35.64 -24.40
C LEU E 298 -6.00 -36.63 -23.32
N SER E 299 -5.43 -36.15 -22.21
CA SER E 299 -5.15 -37.03 -21.08
C SER E 299 -6.43 -37.61 -20.51
N GLY E 300 -7.47 -36.80 -20.40
CA GLY E 300 -8.77 -37.30 -19.95
C GLY E 300 -9.35 -38.34 -20.89
N ILE E 301 -9.20 -38.13 -22.19
CA ILE E 301 -9.69 -39.10 -23.16
C ILE E 301 -8.90 -40.39 -23.06
N ALA E 302 -7.59 -40.30 -22.81
CA ALA E 302 -6.80 -41.50 -22.58
C ALA E 302 -7.27 -42.25 -21.35
N THR E 303 -7.57 -41.53 -20.27
CA THR E 303 -8.10 -42.17 -19.07
C THR E 303 -9.45 -42.82 -19.35
N LEU E 304 -10.30 -42.15 -20.15
CA LEU E 304 -11.59 -42.72 -20.53
C LEU E 304 -11.41 -44.02 -21.29
N GLY E 305 -10.49 -44.03 -22.26
CA GLY E 305 -10.24 -45.25 -23.01
C GLY E 305 -9.70 -46.35 -22.12
N SER E 306 -8.81 -46.00 -21.20
CA SER E 306 -8.22 -47.00 -20.31
C SER E 306 -9.29 -47.63 -19.42
N VAL E 307 -10.15 -46.82 -18.81
CA VAL E 307 -11.19 -47.38 -17.94
C VAL E 307 -12.19 -48.19 -18.76
N VAL E 308 -12.55 -47.72 -19.95
CA VAL E 308 -13.49 -48.45 -20.79
C VAL E 308 -12.93 -49.82 -21.14
N ILE E 309 -11.66 -49.86 -21.55
CA ILE E 309 -11.03 -51.13 -21.88
C ILE E 309 -10.93 -52.02 -20.66
N SER E 310 -10.61 -51.43 -19.50
CA SER E 310 -10.45 -52.21 -18.28
C SER E 310 -11.76 -52.88 -17.88
N LYS E 311 -12.88 -52.16 -17.96
CA LYS E 311 -14.16 -52.80 -17.63
C LYS E 311 -14.55 -53.82 -18.70
N LEU E 312 -14.40 -53.46 -19.97
CA LEU E 312 -14.67 -54.40 -21.06
C LEU E 312 -13.46 -55.28 -21.32
C1 NAG F . -18.24 39.05 -28.41
C2 NAG F . -18.69 39.64 -29.74
C3 NAG F . -19.72 38.72 -30.40
C4 NAG F . -19.17 37.32 -30.53
C5 NAG F . -18.69 36.81 -29.17
C6 NAG F . -18.02 35.46 -29.24
C7 NAG F . -18.50 42.08 -29.57
C8 NAG F . -19.23 43.37 -29.36
N2 NAG F . -19.24 40.97 -29.55
O3 NAG F . -20.05 39.24 -31.69
O4 NAG F . -20.18 36.44 -31.03
O5 NAG F . -17.73 37.72 -28.62
O6 NAG F . -18.59 34.65 -30.26
O7 NAG F . -17.28 42.05 -29.75
H2 NAG F . -17.92 39.70 -30.33
H3 NAG F . -20.53 38.71 -29.85
H4 NAG F . -18.41 37.32 -31.15
H5 NAG F . -19.45 36.75 -28.56
H61 NAG F . -17.07 35.59 -29.43
H62 NAG F . -18.11 35.01 -28.38
H81 NAG F . -18.61 44.12 -29.41
H82 NAG F . -19.92 43.47 -30.06
H83 NAG F . -19.65 43.37 -28.48
HN2 NAG F . -20.14 41.06 -29.42
HO3 NAG F . -20.70 38.74 -32.04
HO4 NAG F . -19.80 35.72 -31.38
HO6 NAG F . -18.08 33.94 -30.38
C1 NAG G . -34.45 38.68 -2.87
C2 NAG G . -34.52 38.70 -4.39
C3 NAG G . -35.15 39.99 -4.88
C4 NAG G . -36.50 40.20 -4.21
C5 NAG G . -36.35 40.15 -2.69
C6 NAG G . -37.67 40.24 -1.97
C7 NAG G . -33.02 38.04 -6.21
C8 NAG G . -31.59 37.91 -6.66
N2 NAG G . -33.20 38.51 -4.97
O3 NAG G . -35.33 39.93 -6.30
O4 NAG G . -37.04 41.47 -4.58
O5 NAG G . -35.75 38.90 -2.32
O6 NAG G . -38.62 40.97 -2.71
O7 NAG G . -33.95 37.72 -6.94
H2 NAG G . -35.09 37.95 -4.67
H3 NAG G . -34.57 40.74 -4.66
H4 NAG G . -37.12 39.50 -4.50
H5 NAG G . -35.77 40.88 -2.41
H61 NAG G . -38.01 39.33 -1.81
H62 NAG G . -37.52 40.67 -1.10
H81 NAG G . -31.56 37.62 -7.59
H82 NAG G . -31.15 38.77 -6.56
H83 NAG G . -31.14 37.25 -6.09
HN2 NAG G . -32.48 38.73 -4.48
HO3 NAG G . -35.29 40.75 -6.63
HO4 NAG G . -37.90 41.51 -4.35
HO6 NAG G . -39.42 40.62 -2.60
C1 NAG H . -29.26 -0.58 -19.52
C2 NAG H . -29.79 -1.12 -20.84
C3 NAG H . -31.17 -0.53 -21.11
C4 NAG H . -32.09 -0.78 -19.93
C5 NAG H . -31.46 -0.28 -18.63
C6 NAG H . -32.26 -0.65 -17.40
C7 NAG H . -27.95 -1.68 -22.35
C8 NAG H . -27.10 -1.21 -23.50
N2 NAG H . -28.89 -0.83 -21.93
O3 NAG H . -31.71 -1.12 -22.28
O4 NAG H . -33.33 -0.11 -20.12
O5 NAG H . -30.16 -0.88 -18.46
O6 NAG H . -32.00 -1.99 -17.00
O7 NAG H . -27.78 -2.78 -21.83
H2 NAG H . -29.89 -2.09 -20.75
H3 NAG H . -31.09 0.43 -21.25
H4 NAG H . -32.27 -1.75 -19.84
H5 NAG H . -31.36 0.68 -18.67
H61 NAG H . -32.02 -0.05 -16.67
H62 NAG H . -33.21 -0.55 -17.59
H81 NAG H . -26.46 -1.91 -23.73
H82 NAG H . -27.68 -1.03 -24.27
H83 NAG H . -26.63 -0.40 -23.24
HN2 NAG H . -28.96 -0.03 -22.35
HO3 NAG H . -32.49 -0.73 -22.49
HO4 NAG H . -33.98 -0.55 -19.70
HO6 NAG H . -31.75 -2.00 -16.15
C1 NAG I . -37.39 15.60 -11.63
C2 NAG I . -38.85 15.15 -11.66
C3 NAG I . -39.58 15.86 -12.80
C4 NAG I . -39.40 17.37 -12.66
C5 NAG I . -37.92 17.73 -12.57
C6 NAG I . -37.67 19.20 -12.33
C7 NAG I . -38.42 13.02 -12.80
C8 NAG I . -38.65 11.53 -12.78
N2 NAG I . -38.96 13.72 -11.80
O3 NAG I . -40.96 15.53 -12.74
O4 NAG I . -39.97 18.03 -13.79
O5 NAG I . -37.31 17.01 -11.49
O6 NAG I . -38.52 19.70 -11.32
O7 NAG I . -37.77 13.55 -13.70
H2 NAG I . -39.27 15.42 -10.83
H3 NAG I . -39.21 15.59 -13.66
H4 NAG I . -39.85 17.67 -11.86
H5 NAG I . -37.48 17.46 -13.41
H61 NAG I . -36.74 19.32 -12.05
H62 NAG I . -37.82 19.69 -13.16
H81 NAG I . -38.24 11.13 -13.55
H82 NAG I . -38.25 11.17 -11.96
H83 NAG I . -39.61 11.36 -12.78
HN2 NAG I . -39.43 13.26 -11.16
HO3 NAG I . -41.37 15.87 -13.45
HO4 NAG I . -40.09 18.89 -13.60
HO6 NAG I . -38.45 20.59 -11.29
C1 NAG J . -17.21 45.87 -0.23
C2 NAG J . -17.89 47.04 -0.91
C3 NAG J . -17.43 48.35 -0.27
C4 NAG J . -17.64 48.32 1.23
C5 NAG J . -16.97 47.08 1.82
C6 NAG J . -17.24 46.93 3.30
C7 NAG J . -18.38 46.41 -3.23
C8 NAG J . -17.96 46.53 -4.66
N2 NAG J . -17.63 47.05 -2.33
O3 NAG J . -18.16 49.44 -0.85
O4 NAG J . -17.09 49.48 1.83
O5 NAG J . -17.47 45.91 1.18
O6 NAG J . -16.30 46.05 3.91
O7 NAG J . -19.38 45.77 -2.89
H2 NAG J . -18.85 46.97 -0.77
H3 NAG J . -16.48 48.48 -0.46
H4 NAG J . -18.60 48.29 1.42
H5 NAG J . -16.01 47.15 1.68
H61 NAG J . -17.20 47.80 3.74
H62 NAG J . -18.14 46.55 3.42
H81 NAG J . -18.58 46.03 -5.23
H82 NAG J . -17.96 47.47 -4.93
H83 NAG J . -17.07 46.15 -4.76
HN2 NAG J . -16.90 47.51 -2.65
HO3 NAG J . -18.13 50.13 -0.30
HO4 NAG J . -17.55 49.71 2.55
HO6 NAG J . -16.22 46.25 4.77
C1 NAG K . -32.91 24.15 7.36
C2 NAG K . -33.43 25.21 8.35
C3 NAG K . -32.73 25.05 9.69
C4 NAG K . -32.88 23.63 10.21
C5 NAG K . -32.39 22.64 9.16
C6 NAG K . -32.63 21.20 9.54
C7 NAG K . -34.20 27.25 7.22
C8 NAG K . -33.82 28.62 6.74
N2 NAG K . -33.23 26.54 7.83
O3 NAG K . -33.29 25.96 10.62
O4 NAG K . -32.11 23.46 11.39
O5 NAG K . -33.09 22.85 7.92
O6 NAG K . -33.44 20.54 8.59
O7 NAG K . -35.33 26.80 7.06
H2 NAG K . -34.38 25.04 8.50
H3 NAG K . -31.78 25.25 9.58
H4 NAG K . -33.81 23.45 10.41
H5 NAG K . -31.44 22.78 9.01
H61 NAG K . -31.77 20.74 9.61
H62 NAG K . -33.06 21.17 10.41
H81 NAG K . -34.58 29.02 6.28
H82 NAG K . -33.56 29.17 7.51
H83 NAG K . -33.07 28.55 6.12
HN2 NAG K . -32.41 26.93 7.92
HO3 NAG K . -32.87 25.90 11.40
HO4 NAG K . -32.55 22.94 11.96
HO6 NAG K . -33.93 19.91 9.00
C5 NRH L . -26.67 9.92 6.76
C6 NRH L . -27.33 8.92 7.44
N1 NRH L . -27.29 8.77 8.77
C2 NRH L . -26.58 9.65 9.49
C4 NRH L . -25.93 10.84 7.49
C9 NRH L . -25.12 12.00 7.18
C10 NRH L . -24.77 12.66 6.02
C11 NRH L . -23.96 13.78 6.08
C3 NRH L . -25.89 10.68 8.90
N7 NRH L . -25.11 11.69 9.43
C8 NRH L . -24.64 12.48 8.42
C13 NRH L . -23.81 13.61 8.48
C12 NRH L . -23.49 14.26 7.30
H1 NRH L . -26.73 9.99 5.78
H2 NRH L . -27.85 8.26 6.96
H3 NRH L . -26.59 9.51 10.47
H4 NRH L . -25.09 12.34 5.15
H5 NRH L . -23.71 14.25 5.26
H6 NRH L . -24.83 11.72 10.28
H7 NRH L . -23.48 13.95 9.34
H8 NRH L . -22.91 15.05 7.32
C1 NAG M . -37.08 33.99 11.60
C2 NAG M . -38.54 34.40 11.67
C3 NAG M . -39.37 33.32 12.35
C4 NAG M . -39.16 31.98 11.66
C5 NAG M . -37.67 31.65 11.59
C6 NAG M . -37.37 30.40 10.81
C7 NAG M . -38.62 36.86 11.76
C8 NAG M . -38.80 38.05 12.64
N2 NAG M . -38.69 35.67 12.37
O3 NAG M . -40.74 33.67 12.30
O4 NAG M . -39.83 30.94 12.37
O5 NAG M . -36.97 32.72 10.94
O6 NAG M . -38.41 29.44 10.96
O7 NAG M . -38.41 36.96 10.56
H2 NAG M . -38.87 34.50 10.76
H3 NAG M . -39.10 33.25 13.28
H4 NAG M . -39.51 32.02 10.75
H5 NAG M . -37.32 31.56 12.50
H61 NAG M . -37.27 30.62 9.87
H62 NAG M . -36.53 30.01 11.15
H81 NAG M . -38.75 38.86 12.09
H82 NAG M . -39.67 38.01 13.07
H83 NAG M . -38.10 38.07 13.32
HN2 NAG M . -38.86 35.65 13.27
HO3 NAG M . -41.23 33.07 12.74
HO4 NAG M . -39.98 30.26 11.83
HO6 NAG M . -38.29 28.79 10.36
C1 NAG N . -17.94 33.76 35.06
C2 NAG N . -19.40 33.63 34.64
C3 NAG N . -20.21 34.79 35.19
C4 NAG N . -20.02 34.90 36.69
C5 NAG N . -18.53 34.99 37.03
C6 NAG N . -18.26 34.98 38.51
C7 NAG N . -20.57 33.01 32.57
C8 NAG N . -20.53 33.02 31.08
N2 NAG N . -19.52 33.56 33.19
O3 NAG N . -21.58 34.61 34.88
O4 NAG N . -20.68 36.06 37.19
O5 NAG N . -17.85 33.86 36.48
O6 NAG N . -19.35 35.54 39.24
O7 NAG N . -21.52 32.54 33.20
H2 NAG N . -19.76 32.81 35.02
H3 NAG N . -19.90 35.62 34.77
H4 NAG N . -20.40 34.12 37.12
H5 NAG N . -18.17 35.80 36.64
H61 NAG N . -18.12 34.06 38.81
H62 NAG N . -17.46 35.51 38.70
H81 NAG N . -21.38 32.68 30.73
H82 NAG N . -20.40 33.94 30.76
H83 NAG N . -19.80 32.47 30.77
HN2 NAG N . -18.84 33.90 32.68
HO3 NAG N . -21.99 35.40 34.84
HO4 NAG N . -20.77 36.00 38.07
HO6 NAG N . -19.48 35.09 40.00
C1 NAG O . -27.38 -5.80 21.26
C2 NAG O . -28.73 -6.51 21.30
C3 NAG O . -29.49 -6.12 22.57
C4 NAG O . -28.62 -6.39 23.80
C5 NAG O . -27.27 -5.71 23.65
C6 NAG O . -26.32 -6.06 24.77
C7 NAG O . -29.52 -6.97 19.02
C8 NAG O . -30.40 -6.50 17.90
N2 NAG O . -29.52 -6.20 20.12
O3 NAG O . -30.69 -6.88 22.64
O4 NAG O . -29.28 -5.89 24.96
O5 NAG O . -26.64 -6.12 22.43
O6 NAG O . -25.71 -7.33 24.55
O7 NAG O . -28.85 -7.99 18.93
H2 NAG O . -28.57 -7.47 21.34
H3 NAG O . -29.71 -5.18 22.53
H4 NAG O . -28.49 -7.35 23.89
H5 NAG O . -27.40 -4.74 23.63
H61 NAG O . -25.62 -5.38 24.82
H62 NAG O . -26.81 -6.09 25.61
H81 NAG O . -30.34 -7.13 17.15
H82 NAG O . -31.32 -6.46 18.20
H83 NAG O . -30.12 -5.62 17.61
HN2 NAG O . -30.04 -5.46 20.13
HO3 NAG O . -31.17 -6.60 23.34
HO4 NAG O . -29.04 -6.38 25.66
HO6 NAG O . -24.82 -7.24 24.55
C1 NAG P . -24.37 9.85 32.92
C2 NAG P . -24.80 9.23 34.24
C3 NAG P . -26.19 9.75 34.62
C4 NAG P . -26.19 11.27 34.64
C5 NAG P . -25.69 11.81 33.30
C6 NAG P . -25.56 13.31 33.27
C7 NAG P . -25.50 7.07 33.29
C8 NAG P . -25.36 5.59 33.38
N2 NAG P . -24.80 7.78 34.18
O3 NAG P . -26.53 9.26 35.91
O4 NAG P . -27.51 11.75 34.87
O5 NAG P . -24.39 11.27 33.01
O6 NAG P . -24.91 13.80 34.44
O7 NAG P . -26.20 7.61 32.43
H2 NAG P . -24.17 9.52 34.93
H3 NAG P . -26.85 9.45 33.98
H4 NAG P . -25.61 11.58 35.35
H5 NAG P . -26.31 11.53 32.59
H61 NAG P . -25.03 13.57 32.50
H62 NAG P . -26.45 13.71 33.21
H81 NAG P . -25.92 5.16 32.71
H82 NAG P . -24.43 5.33 33.23
H83 NAG P . -25.64 5.29 34.27
HN2 NAG P . -24.29 7.33 34.79
HO3 NAG P . -27.38 9.47 36.10
HO4 NAG P . -27.47 12.60 35.14
HO6 NAG P . -25.01 14.68 34.49
C1 NAG Q . -10.99 43.23 20.29
C2 NAG Q . -11.98 44.25 20.83
C3 NAG Q . -11.40 45.66 20.72
C4 NAG Q . -10.04 45.72 21.41
C5 NAG Q . -9.12 44.63 20.85
C6 NAG Q . -7.80 44.56 21.57
C7 NAG Q . -14.25 43.37 20.50
C8 NAG Q . -15.48 43.42 19.65
N2 NAG Q . -13.25 44.17 20.12
O3 NAG Q . -12.29 46.58 21.33
O4 NAG Q . -9.45 46.99 21.18
O5 NAG Q . -9.75 43.35 21.00
O6 NAG Q . -6.83 43.87 20.80
O7 NAG Q . -14.16 42.64 21.48
H2 NAG Q . -12.14 44.06 21.77
H3 NAG Q . -11.29 45.89 19.78
H4 NAG Q . -10.16 45.58 22.36
H5 NAG Q . -8.96 44.82 19.91
H61 NAG Q . -7.48 45.46 21.74
H62 NAG Q . -7.91 44.10 22.42
H81 NAG Q . -16.15 42.80 20.01
H82 NAG Q . -15.83 44.32 19.64
H83 NAG Q . -15.25 43.15 18.73
HN2 NAG Q . -13.36 44.69 19.38
HO3 NAG Q . -11.85 47.32 21.54
HO4 NAG Q . -8.93 47.20 21.88
HO6 NAG Q . -6.02 44.15 21.02
C1 NAG R . -6.12 20.46 35.58
C2 NAG R . -5.47 21.51 36.47
C3 NAG R . -3.97 21.57 36.22
C4 NAG R . -3.36 20.19 36.40
C5 NAG R . -4.09 19.17 35.52
C6 NAG R . -3.63 17.75 35.73
C7 NAG R . -7.00 23.35 37.04
C8 NAG R . -7.50 24.71 36.65
N2 NAG R . -6.06 22.82 36.25
O3 NAG R . -3.37 22.48 37.13
O4 NAG R . -1.98 20.21 36.04
O5 NAG R . -5.50 19.20 35.80
O6 NAG R . -4.70 16.92 36.14
O7 NAG R . -7.45 22.76 38.02
H2 NAG R . -5.60 21.25 37.41
H3 NAG R . -3.80 21.88 35.32
H4 NAG R . -3.45 19.90 37.34
H5 NAG R . -3.95 19.42 34.58
H61 NAG R . -3.25 17.41 34.90
H62 NAG R . -2.93 17.74 36.41
H81 NAG R . -8.21 24.99 37.26
H82 NAG R . -6.76 25.35 36.69
H83 NAG R . -7.85 24.68 35.74
HN2 NAG R . -5.78 23.31 35.53
HO3 NAG R . -2.50 22.52 36.99
HO4 NAG R . -1.53 19.69 36.59
HO6 NAG R . -4.39 16.28 36.67
C5 NRH S . -3.04 7.11 28.22
C6 NRH S . -2.48 6.08 28.96
N1 NRH S . -1.19 6.05 29.34
C2 NRH S . -0.40 7.07 28.98
C4 NRH S . -2.23 8.16 27.83
C9 NRH S . -2.41 9.38 27.07
C10 NRH S . -3.49 9.98 26.43
C11 NRH S . -3.30 11.19 25.77
C3 NRH S . -0.87 8.14 28.23
N7 NRH S . -0.24 9.26 27.75
C8 NRH S . -1.16 10.02 27.05
C13 NRH S . -0.97 11.24 26.40
C12 NRH S . -2.07 11.81 25.76
H1 NRH S . -4.00 7.07 27.97
H2 NRH S . -3.02 5.32 29.26
H3 NRH S . 0.53 7.01 29.27
H4 NRH S . -4.37 9.56 26.43
H5 NRH S . -4.07 11.61 25.32
H6 NRH S . 0.63 9.41 27.77
H7 NRH S . -0.11 11.69 26.38
H8 NRH S . -1.96 12.67 25.30
C1 NAG T . -4.53 30.02 41.75
C2 NAG T . -4.96 30.26 43.20
C3 NAG T . -4.44 29.14 44.09
C4 NAG T . -4.87 27.79 43.55
C5 NAG T . -4.44 27.65 42.09
C6 NAG T . -4.94 26.37 41.45
C7 NAG T . -5.19 32.68 43.52
C8 NAG T . -4.56 33.92 44.07
N2 NAG T . -4.49 31.55 43.67
O3 NAG T . -4.95 29.31 45.41
O4 NAG T . -4.27 26.74 44.31
O5 NAG T . -4.98 28.73 41.32
O6 NAG T . -5.00 25.30 42.39
O7 NAG T . -6.28 32.71 42.95
H2 NAG T . -5.94 30.24 43.23
H3 NAG T . -3.46 29.18 44.12
H4 NAG T . -5.84 27.71 43.61
H5 NAG T . -3.47 27.67 42.04
H61 NAG T . -5.84 26.52 41.08
H62 NAG T . -4.34 26.12 40.72
H81 NAG T . -5.15 34.69 43.92
H82 NAG T . -4.41 33.80 45.03
H83 NAG T . -3.70 34.07 43.62
HN2 NAG T . -3.69 31.59 44.10
HO3 NAG T . -4.61 28.69 45.95
HO4 NAG T . -4.75 26.00 44.23
HO6 NAG T . -5.44 24.62 42.03
C1 NAG U . 23.55 34.13 31.18
C2 NAG U . 22.72 33.79 32.42
C3 NAG U . 22.85 34.89 33.47
C4 NAG U . 24.31 35.14 33.79
C5 NAG U . 25.07 35.43 32.50
C6 NAG U . 26.56 35.58 32.72
C7 NAG U . 20.47 32.86 32.81
C8 NAG U . 19.07 32.76 32.29
N2 NAG U . 21.32 33.59 32.07
O3 NAG U . 22.16 34.51 34.65
O4 NAG U . 24.43 36.25 34.67
O5 NAG U . 24.90 34.35 31.57
O6 NAG U . 26.85 36.06 34.03
O7 NAG U . 20.82 32.32 33.85
H2 NAG U . 23.06 32.96 32.80
H3 NAG U . 22.44 35.71 33.12
H4 NAG U . 24.69 34.34 34.21
H5 NAG U . 24.73 36.25 32.10
H61 NAG U . 26.99 34.72 32.59
H62 NAG U . 26.92 36.22 32.07
H81 NAG U . 18.53 32.28 32.93
H82 NAG U . 18.70 33.65 32.15
H83 NAG U . 19.08 32.26 31.44
HN2 NAG U . 21.01 33.96 31.29
HO3 NAG U . 21.88 35.23 35.08
HO4 NAG U . 25.25 36.26 35.01
HO6 NAG U . 27.59 35.68 34.33
C1 NAG V . 12.30 -7.32 32.12
C2 NAG V . 12.01 -8.19 33.33
C3 NAG V . 12.93 -7.79 34.49
C4 NAG V . 14.37 -7.84 34.04
C5 NAG V . 14.58 -7.02 32.78
C6 NAG V . 15.97 -7.15 32.21
C7 NAG V . 9.67 -8.92 33.31
C8 NAG V . 8.29 -8.67 33.82
N2 NAG V . 10.61 -8.08 33.73
O3 NAG V . 12.71 -8.68 35.58
O4 NAG V . 15.22 -7.33 35.08
O5 NAG V . 13.68 -7.46 31.76
O6 NAG V . 16.10 -8.35 31.45
O7 NAG V . 9.91 -9.85 32.55
H2 NAG V . 12.20 -9.12 33.11
H3 NAG V . 12.71 -6.88 34.77
H4 NAG V . 14.62 -8.77 33.86
H5 NAG V . 14.41 -6.07 32.98
H61 NAG V . 16.15 -6.39 31.63
H62 NAG V . 16.62 -7.16 32.93
H81 NAG V . 7.67 -9.34 33.47
H82 NAG V . 8.28 -8.71 34.80
H83 NAG V . 7.99 -7.79 33.52
HN2 NAG V . 10.37 -7.41 34.29
HO3 NAG V . 13.18 -8.41 36.27
HO4 NAG V . 16.01 -7.71 35.02
HO6 NAG V . 16.38 -8.16 30.63
C1 NAG W . 22.39 9.49 34.42
C2 NAG W . 23.57 8.94 35.20
C3 NAG W . 23.46 9.32 36.67
C4 NAG W . 23.29 10.82 36.82
C5 NAG W . 22.11 11.30 35.96
C6 NAG W . 21.95 12.80 35.96
C7 NAG W . 22.72 6.65 35.35
C8 NAG W . 23.02 5.20 35.12
N2 NAG W . 23.69 7.51 35.04
O3 NAG W . 24.63 8.91 37.36
O4 NAG W . 23.05 11.17 38.17
O5 NAG W . 22.31 10.91 34.60
O6 NAG W . 23.20 13.47 35.80
O7 NAG W . 21.64 7.02 35.81
H2 NAG W . 24.39 9.36 34.84
H3 NAG W . 22.68 8.88 37.06
H4 NAG W . 24.11 11.26 36.52
H5 NAG W . 21.29 10.90 36.30
H61 NAG W . 21.36 13.06 35.23
H62 NAG W . 21.55 13.09 36.81
H81 NAG W . 22.26 4.66 35.40
H82 NAG W . 23.20 5.04 34.17
H83 NAG W . 23.81 4.94 35.64
HN2 NAG W . 24.47 7.17 34.71
HO3 NAG W . 24.53 9.04 38.24
HO4 NAG W . 23.18 12.04 38.30
HO6 NAG W . 23.10 14.34 35.93
C1 NAG X . 10.63 43.10 20.74
C2 NAG X . 10.70 44.03 21.95
C3 NAG X . 10.61 45.48 21.50
C4 NAG X . 11.67 45.77 20.44
C5 NAG X . 11.56 44.77 19.29
C6 NAG X . 12.65 44.93 18.27
C7 NAG X . 9.79 42.85 23.90
C8 NAG X . 8.61 42.67 24.80
N2 NAG X . 9.66 43.73 22.91
O3 NAG X . 10.80 46.35 22.61
O4 NAG X . 11.48 47.09 19.93
O5 NAG X . 11.65 43.44 19.81
O6 NAG X . 12.30 44.29 17.05
O7 NAG X . 10.84 42.22 24.07
H2 NAG X . 11.57 43.91 22.38
H3 NAG X . 9.73 45.64 21.12
H4 NAG X . 12.55 45.71 20.84
H5 NAG X . 10.69 44.89 18.85
H61 NAG X . 12.80 45.88 18.10
H62 NAG X . 13.47 44.53 18.61
H81 NAG X . 8.82 42.00 25.48
H82 NAG X . 8.38 43.52 25.21
H83 NAG X . 7.84 42.37 24.26
HN2 NAG X . 8.85 44.17 22.83
HO3 NAG X . 11.04 47.15 22.33
HO4 NAG X . 12.28 47.42 19.69
HO6 NAG X . 12.72 44.69 16.37
C1 NAG Y . 29.26 22.47 18.99
C2 NAG Y . 30.17 23.66 18.77
C3 NAG Y . 30.41 23.87 17.27
C4 NAG Y . 30.91 22.59 16.63
C5 NAG Y . 29.98 21.44 16.93
C6 NAG Y . 30.48 20.11 16.44
C7 NAG Y . 30.02 25.33 20.56
C8 NAG Y . 29.34 26.58 21.02
N2 NAG Y . 29.63 24.87 19.37
O3 NAG Y . 31.35 24.92 17.08
O4 NAG Y . 31.00 22.76 15.21
O5 NAG Y . 29.80 21.31 18.36
O6 NAG Y . 30.63 19.19 17.51
O7 NAG Y . 30.87 24.78 21.24
H2 NAG Y . 31.04 23.46 19.17
H3 NAG Y . 29.56 24.13 16.86
H4 NAG Y . 31.81 22.39 16.98
H5 NAG Y . 29.11 21.62 16.53
H61 NAG Y . 29.86 19.75 15.79
H62 NAG Y . 31.35 20.24 16.01
H81 NAG Y . 29.66 26.83 21.92
H82 NAG Y . 29.53 27.32 20.40
H83 NAG Y . 28.37 26.44 21.06
HN2 NAG Y . 28.99 25.32 18.91
HO3 NAG Y . 31.46 25.07 16.21
HO4 NAG Y . 31.73 22.36 14.91
HO6 NAG Y . 31.32 18.64 17.34
C5 NRH Z . 24.83 9.03 12.58
C6 NRH Z . 25.84 8.16 12.19
N1 NRH Z . 26.59 8.30 11.09
C2 NRH Z . 26.38 9.36 10.31
C4 NRH Z . 24.61 10.13 11.77
C9 NRH Z . 23.68 11.26 11.79
C10 NRH Z . 22.67 11.67 12.65
C11 NRH Z . 21.97 12.83 12.39
C3 NRH Z . 25.39 10.30 10.61
N7 NRH Z . 24.99 11.45 9.95
C8 NRH Z . 23.97 12.04 10.65
C13 NRH Z . 23.26 13.21 10.38
C12 NRH Z . 22.26 13.59 11.26
H1 NRH Z . 24.32 8.87 13.38
H2 NRH Z . 26.04 7.36 12.72
H3 NRH Z . 26.94 9.44 9.51
H4 NRH Z . 22.46 11.14 13.45
H5 NRH Z . 21.26 13.12 12.99
H6 NRH Z . 25.32 11.74 9.19
H7 NRH Z . 23.46 13.74 9.59
H8 NRH Z . 21.76 14.41 11.08
C1 NAG AA . 34.43 32.64 20.34
C2 NAG AA . 35.63 32.96 21.23
C3 NAG AA . 36.77 31.99 20.94
C4 NAG AA . 36.29 30.55 21.04
C5 NAG AA . 35.07 30.34 20.15
C6 NAG AA . 34.46 28.97 20.31
C7 NAG AA . 35.57 35.35 21.77
C8 NAG AA . 36.14 36.70 21.46
N2 NAG AA . 36.07 34.33 21.07
O3 NAG AA . 37.83 32.21 21.86
O4 NAG AA . 37.33 29.66 20.65
O5 NAG AA . 34.05 31.28 20.50
O6 NAG AA . 35.46 27.98 20.57
O7 NAG AA . 34.69 35.19 22.61
H2 NAG AA . 35.36 32.82 22.16
H3 NAG AA . 37.10 32.15 20.04
H4 NAG AA . 36.05 30.36 21.97
H5 NAG AA . 35.33 30.47 19.23
H61 NAG AA . 33.82 28.98 21.04
H62 NAG AA . 34.00 28.73 19.47
H81 NAG AA . 35.72 37.37 22.04
H82 NAG AA . 37.10 36.69 21.62
H83 NAG AA . 35.97 36.92 20.53
HN2 NAG AA . 36.72 34.51 20.45
HO3 NAG AA . 38.53 31.72 21.64
HO4 NAG AA . 37.16 28.85 20.98
HO6 NAG AA . 35.07 27.22 20.79
C1 NAG BA . 32.64 39.33 -9.15
C2 NAG BA . 33.60 38.96 -8.01
C3 NAG BA . 34.52 40.13 -7.69
C4 NAG BA . 35.23 40.59 -8.95
C5 NAG BA . 34.22 40.90 -10.05
C6 NAG BA . 34.88 41.26 -11.36
C7 NAG BA . 33.38 37.78 -5.87
C8 NAG BA . 32.47 37.46 -4.72
N2 NAG BA . 32.86 38.55 -6.83
O3 NAG BA . 35.47 39.73 -6.71
O4 NAG BA . 36.01 41.76 -8.67
O5 NAG BA . 33.40 39.76 -10.29
O6 NAG BA . 36.16 41.84 -11.16
O7 NAG BA . 34.54 37.37 -5.92
H2 NAG BA . 34.15 38.21 -8.31
H3 NAG BA . 33.99 40.86 -7.34
H4 NAG BA . 35.83 39.88 -9.26
H5 NAG BA . 33.66 41.64 -9.75
H61 NAG BA . 34.96 40.45 -11.90
H62 NAG BA . 34.30 41.90 -11.84
H81 NAG BA . 32.97 36.96 -4.05
H82 NAG BA . 32.12 38.28 -4.33
H83 NAG BA . 31.73 36.91 -5.05
HN2 NAG BA . 31.99 38.83 -6.75
HO3 NAG BA . 35.69 40.43 -6.21
HO4 NAG BA . 36.54 41.93 -9.36
HO6 NAG BA . 36.70 41.59 -11.82
C1 NAG CA . 34.97 -3.04 -1.99
C2 NAG CA . 36.13 -3.82 -1.40
C3 NAG CA . 37.46 -3.22 -1.86
C4 NAG CA . 37.49 -3.13 -3.38
C5 NAG CA . 36.27 -2.40 -3.90
C6 NAG CA . 36.17 -2.41 -5.41
C7 NAG CA . 35.48 -4.84 0.75
C8 NAG CA . 35.51 -4.71 2.23
N2 NAG CA . 36.07 -3.84 0.05
O3 NAG CA . 38.53 -4.02 -1.39
O4 NAG CA . 38.66 -2.43 -3.80
O5 NAG CA . 35.07 -3.04 -3.41
O6 NAG CA . 35.61 -3.64 -5.88
O7 NAG CA . 34.96 -5.80 0.18
H2 NAG CA . 36.10 -4.74 -1.74
H3 NAG CA . 37.54 -2.32 -1.49
H4 NAG CA . 37.51 -4.04 -3.75
H5 NAG CA . 36.29 -1.47 -3.59
H61 NAG CA . 35.60 -1.68 -5.69
H62 NAG CA . 37.06 -2.31 -5.79
H81 NAG CA . 35.07 -5.48 2.63
H82 NAG CA . 36.43 -4.66 2.54
H83 NAG CA . 35.03 -3.89 2.49
HN2 NAG CA . 36.44 -3.16 0.53
HO3 NAG CA . 39.30 -3.63 -1.59
HO4 NAG CA . 38.91 -2.73 -4.59
HO6 NAG CA . 34.91 -3.46 -6.39
C1 NAG DA . 38.26 15.04 -9.24
C2 NAG DA . 39.43 14.71 -10.16
C3 NAG DA . 40.74 15.18 -9.54
C4 NAG DA . 40.64 16.67 -9.20
C5 NAG DA . 39.43 16.92 -8.32
C6 NAG DA . 39.20 18.39 -8.04
C7 NAG DA . 39.58 12.33 -9.50
C8 NAG DA . 39.62 10.93 -10.00
N2 NAG DA . 39.49 13.28 -10.44
O3 NAG DA . 41.80 14.96 -10.46
O4 NAG DA . 41.82 17.08 -8.51
O5 NAG DA . 38.24 16.44 -8.98
O6 NAG DA . 39.36 19.18 -9.21
O7 NAG DA . 39.62 12.61 -8.31
H2 NAG DA . 39.30 15.19 -10.99
H3 NAG DA . 40.92 14.68 -8.72
H4 NAG DA . 40.56 17.17 -10.02
H5 NAG DA . 39.53 16.45 -7.48
H61 NAG DA . 38.29 18.51 -7.69
H62 NAG DA . 39.83 18.68 -7.36
H81 NAG DA . 39.72 10.31 -9.23
H82 NAG DA . 38.81 10.72 -10.49
H83 NAG DA . 40.39 10.81 -10.60
HN2 NAG DA . 39.46 13.01 -11.32
HO3 NAG DA . 42.58 15.18 -10.07
HO4 NAG DA . 41.88 17.97 -8.52
HO6 NAG DA . 39.31 20.04 -8.99
C1 NAG EA . 17.74 45.65 0.49
C2 NAG EA . 18.78 46.69 0.89
C3 NAG EA . 18.14 48.07 0.95
C4 NAG EA . 17.43 48.39 -0.36
C5 NAG EA . 16.44 47.29 -0.70
C6 NAG EA . 15.79 47.48 -2.05
C7 NAG EA . 20.47 45.58 2.27
C8 NAG EA . 20.97 45.34 3.66
N2 NAG EA . 19.39 46.35 2.16
O3 NAG EA . 19.15 49.04 1.22
O4 NAG EA . 16.72 49.63 -0.23
O5 NAG EA . 17.12 46.02 -0.74
O6 NAG EA . 14.60 46.71 -2.16
O7 NAG EA . 21.03 45.10 1.28
H2 NAG EA . 19.47 46.71 0.19
H3 NAG EA . 17.49 48.08 1.68
H4 NAG EA . 18.10 48.47 -1.07
H5 NAG EA . 15.75 47.25 -0.01
H61 NAG EA . 15.57 48.42 -2.17
H62 NAG EA . 16.41 47.21 -2.75
H81 NAG EA . 21.77 44.76 3.63
H82 NAG EA . 21.20 46.18 4.07
H83 NAG EA . 20.28 44.89 4.18
HN2 NAG EA . 19.02 46.69 2.92
HO3 NAG EA . 18.86 49.84 0.98
HO4 NAG EA . 16.69 50.02 -1.03
HO6 NAG EA . 14.04 47.11 -2.73
C1 NAG FA . 24.27 27.38 -19.51
C2 NAG FA . 24.19 28.65 -20.33
C3 NAG FA . 22.82 28.77 -21.00
C4 NAG FA . 22.52 27.52 -21.81
C5 NAG FA . 22.67 26.29 -20.93
C6 NAG FA . 22.52 24.99 -21.70
C7 NAG FA . 25.64 30.44 -19.46
C8 NAG FA . 25.71 31.64 -18.55
N2 NAG FA . 24.45 29.83 -19.51
O3 NAG FA . 22.81 29.91 -21.85
O4 NAG FA . 21.20 27.58 -22.31
O5 NAG FA . 23.98 26.25 -20.34
O6 NAG FA . 23.68 24.19 -21.60
O7 NAG FA . 26.60 30.06 -20.11
H2 NAG FA . 24.86 28.60 -21.05
H3 NAG FA . 22.15 28.88 -20.31
H4 NAG FA . 23.16 27.46 -22.56
H5 NAG FA . 22.00 26.32 -20.22
H61 NAG FA . 21.76 24.50 -21.34
H62 NAG FA . 22.35 25.20 -22.64
H81 NAG FA . 26.62 31.99 -18.56
H82 NAG FA . 25.09 32.32 -18.85
H83 NAG FA . 25.48 31.37 -17.64
HN2 NAG FA . 23.77 30.16 -18.99
HO3 NAG FA . 22.00 30.00 -22.21
HO4 NAG FA . 21.18 27.23 -23.13
HO6 NAG FA . 23.78 23.70 -22.34
C5 NRH GA . 18.44 13.02 -18.59
C6 NRH GA . 18.49 12.25 -19.75
N1 NRH GA . 17.66 12.40 -20.79
C2 NRH GA . 16.73 13.37 -20.73
C4 NRH GA . 17.48 14.01 -18.53
C9 NRH GA . 17.10 15.01 -17.54
C10 NRH GA . 17.55 15.36 -16.28
C11 NRH GA . 16.94 16.41 -15.59
C3 NRH GA . 16.61 14.18 -19.62
N7 NRH GA . 15.74 15.22 -19.35
C8 NRH GA . 16.02 15.73 -18.10
C13 NRH GA . 15.41 16.78 -17.42
C12 NRH GA . 15.89 17.10 -16.16
H1 NRH GA . 19.06 12.85 -17.85
H2 NRH GA . 19.14 11.53 -19.83
H3 NRH GA . 16.16 13.45 -21.52
H4 NRH GA . 18.29 14.88 -15.87
H5 NRH GA . 17.26 16.65 -14.70
H6 NRH GA . 15.12 15.52 -19.91
H7 NRH GA . 14.67 17.28 -17.81
H8 NRH GA . 15.47 17.83 -15.67
C5 NRH HA . -13.38 13.56 -22.15
C6 NRH HA . -14.36 12.71 -22.65
N1 NRH HA . -15.64 12.70 -22.22
C2 NRH HA . -16.00 13.56 -21.25
C4 NRH HA . -13.75 14.45 -21.15
C9 NRH HA . -13.05 15.47 -20.38
C10 NRH HA . -11.76 15.96 -20.35
C11 NRH HA . -11.43 16.97 -19.47
C3 NRH HA . -15.08 14.44 -20.69
N7 NRH HA . -15.22 15.39 -19.70
C8 NRH HA . -14.01 16.02 -19.50
C13 NRH HA . -13.69 17.04 -18.61
C12 NRH HA . -12.38 17.51 -18.62
H1 NRH HA . -12.47 13.52 -22.51
H2 NRH HA . -14.17 12.07 -23.35
H3 NRH HA . -16.92 13.51 -20.96
H4 NRH HA . -11.08 15.59 -20.95
H5 NRH HA . -10.51 17.32 -19.45
H6 NRH HA . -15.91 15.42 -19.14
H7 NRH HA . -14.35 17.42 -18.01
H8 NRH HA . -12.13 18.23 -18.00
C1 NAG IA . 25.97 38.20 -23.03
C2 NAG IA . 27.14 38.72 -23.84
C3 NAG IA . 27.34 37.88 -25.10
C4 NAG IA . 27.45 36.41 -24.75
C5 NAG IA . 26.26 35.98 -23.90
C6 NAG IA . 26.37 34.55 -23.41
C7 NAG IA . 27.36 41.13 -23.40
C8 NAG IA . 27.08 42.51 -23.92
N2 NAG IA . 26.96 40.13 -24.19
O3 NAG IA . 28.51 38.32 -25.78
O4 NAG IA . 27.49 35.62 -25.93
O5 NAG IA . 26.16 36.82 -22.74
O6 NAG IA . 27.05 33.73 -24.34
O7 NAG IA . 27.89 40.93 -22.32
H2 NAG IA . 27.96 38.64 -23.31
H3 NAG IA . 26.56 38.01 -25.69
H4 NAG IA . 28.27 36.27 -24.24
H5 NAG IA . 25.45 36.07 -24.43
H61 NAG IA . 26.86 34.54 -22.56
H62 NAG IA . 25.48 34.19 -23.25
H81 NAG IA . 27.42 43.16 -23.28
H82 NAG IA . 27.53 42.63 -24.78
H83 NAG IA . 26.12 42.63 -24.03
HN2 NAG IA . 26.57 40.32 -24.99
HO3 NAG IA . 28.58 37.87 -26.55
HO4 NAG IA . 27.88 34.84 -25.76
HO6 NAG IA . 27.25 32.95 -23.97
C1 NAG JA . -3.18 42.09 -30.18
C2 NAG JA . -1.77 41.96 -30.73
C3 NAG JA . -1.34 43.27 -31.39
C4 NAG JA . -2.36 43.70 -32.43
C5 NAG JA . -3.75 43.77 -31.80
C6 NAG JA . -4.83 44.08 -32.80
C7 NAG JA . 0.33 40.97 -29.96
C8 NAG JA . 1.17 40.63 -28.76
N2 NAG JA . -0.83 41.57 -29.70
O3 NAG JA . -0.06 43.10 -32.00
O4 NAG JA . -2.02 44.99 -32.95
O5 NAG JA . -4.07 42.50 -31.22
O6 NAG JA . -4.33 44.85 -33.88
O7 NAG JA . 0.68 40.70 -31.10
H2 NAG JA . -1.78 41.27 -31.43
H3 NAG JA . -1.27 43.96 -30.70
H4 NAG JA . -2.37 43.06 -33.16
H5 NAG JA . -3.75 44.45 -31.10
H61 NAG JA . -5.20 43.25 -33.15
H62 NAG JA . -5.55 44.58 -32.36
H81 NAG JA . 2.03 40.25 -29.06
H82 NAG JA . 1.33 41.44 -28.24
H83 NAG JA . 0.70 39.97 -28.21
HN2 NAG JA . -1.05 41.74 -28.83
HO3 NAG JA . 0.37 43.88 -32.01
HO4 NAG JA . -2.49 45.14 -33.68
HO6 NAG JA . -4.74 44.62 -34.63
C1 NAG KA . 9.30 1.12 -33.91
C2 NAG KA . 10.30 0.54 -34.89
C3 NAG KA . 10.20 1.27 -36.24
C4 NAG KA . 8.77 1.23 -36.74
C5 NAG KA . 7.81 1.76 -35.68
C6 NAG KA . 6.36 1.60 -36.07
C7 NAG KA . 12.24 -0.37 -33.69
C8 NAG KA . 13.64 -0.12 -33.23
N2 NAG KA . 11.65 0.62 -34.37
O3 NAG KA . 11.06 0.65 -37.18
O4 NAG KA . 8.64 2.03 -37.91
O5 NAG KA . 7.98 1.02 -34.46
O6 NAG KA . 5.89 0.28 -35.82
O7 NAG KA . 11.65 -1.42 -33.45
H2 NAG KA . 10.07 -0.40 -35.06
H3 NAG KA . 10.48 2.20 -36.11
H4 NAG KA . 8.53 0.31 -36.96
H5 NAG KA . 8.00 2.69 -35.51
H61 NAG KA . 5.82 2.23 -35.55
H62 NAG KA . 6.26 1.80 -37.02
H81 NAG KA . 13.97 -0.89 -32.75
H82 NAG KA . 14.21 0.06 -33.99
H83 NAG KA . 13.64 0.66 -32.63
HN2 NAG KA . 12.13 1.38 -34.52
HO3 NAG KA . 11.07 1.11 -37.93
HO4 NAG KA . 8.00 1.71 -38.43
HO6 NAG KA . 5.17 0.32 -35.30
C1 NAG LA . 1.34 18.80 -37.69
C2 NAG LA . 0.88 18.53 -39.11
C3 NAG LA . 1.80 19.22 -40.11
C4 NAG LA . 1.93 20.70 -39.78
C5 NAG LA . 2.34 20.88 -38.32
C6 NAG LA . 2.36 22.32 -37.88
C7 NAG LA . 1.80 16.27 -39.26
C8 NAG LA . 1.52 14.83 -39.58
N2 NAG LA . 0.78 17.11 -39.40
O3 NAG LA . 1.30 19.06 -41.43
O4 NAG LA . 2.89 21.31 -40.62
O5 NAG LA . 1.41 20.21 -37.47
O6 NAG LA . 1.23 23.03 -38.35
O7 NAG LA . 2.91 16.63 -38.89
H2 NAG LA . -0.02 18.92 -39.22
H3 NAG LA . 2.69 18.82 -40.06
H4 NAG LA . 1.06 21.13 -39.93
H5 NAG LA . 3.23 20.50 -38.19
H61 NAG LA . 2.38 22.36 -36.91
H62 NAG LA . 3.18 22.75 -38.24
H81 NAG LA . 2.33 14.30 -39.48
H82 NAG LA . 0.83 14.50 -38.99
H83 NAG LA . 1.21 14.77 -40.51
HN2 NAG LA . -0.02 16.77 -39.67
HO3 NAG LA . 1.87 19.41 -42.01
HO4 NAG LA . 2.78 22.19 -40.62
HO6 NAG LA . 1.32 23.91 -38.16
C1 NAG MA . 0.56 47.38 -12.47
C2 NAG MA . 1.13 48.57 -13.23
C3 NAG MA . 0.84 49.87 -12.49
C4 NAG MA . -0.65 49.99 -12.21
C5 NAG MA . -1.16 48.75 -11.48
C6 NAG MA . -2.66 48.75 -11.29
C7 NAG MA . 3.09 47.79 -14.50
C8 NAG MA . 4.58 47.72 -14.54
N2 NAG MA . 2.56 48.41 -13.43
O3 NAG MA . 1.29 50.97 -13.27
O4 NAG MA . -0.90 51.14 -11.39
O5 NAG MA . -0.84 47.58 -12.26
O6 NAG MA . -3.05 47.83 -10.28
O7 NAG MA . 2.39 47.30 -15.38
H2 NAG MA . 0.69 48.63 -14.10
H3 NAG MA . 1.32 49.86 -11.64
H4 NAG MA . -1.13 50.09 -13.06
H5 NAG MA . -0.73 48.69 -10.62
H61 NAG MA . -2.95 49.66 -11.02
H62 NAG MA . -3.09 48.52 -12.13
H81 NAG MA . 4.86 47.26 -15.35
H82 NAG MA . 4.94 48.63 -14.55
H83 NAG MA . 4.91 47.24 -13.76
HN2 NAG MA . 3.13 48.76 -12.81
HO3 NAG MA . 0.87 51.71 -13.00
HO4 NAG MA . -1.70 51.47 -11.59
HO6 NAG MA . -3.80 48.10 -9.90
C1 NAG NA . -14.14 28.45 -26.67
C2 NAG NA . -15.08 29.64 -26.75
C3 NAG NA . -16.16 29.53 -25.68
C4 NAG NA . -16.87 28.18 -25.77
C5 NAG NA . -15.84 27.05 -25.73
C6 NAG NA . -16.46 25.69 -25.95
C7 NAG NA . -14.02 31.65 -27.67
C8 NAG NA . -13.28 32.92 -27.35
N2 NAG NA . -14.37 30.89 -26.62
O3 NAG NA . -17.10 30.59 -25.84
O4 NAG NA . -17.78 28.03 -24.68
O5 NAG NA . -14.87 27.23 -26.77
O6 NAG NA . -15.92 25.06 -27.10
O7 NAG NA . -14.29 31.34 -28.83
H2 NAG NA . -15.54 29.60 -27.62
H3 NAG NA . -15.74 29.61 -24.80
H4 NAG NA . -17.36 28.14 -26.61
H5 NAG NA . -15.40 27.06 -24.86
H61 NAG NA . -16.29 25.14 -25.17
H62 NAG NA . -17.42 25.80 -26.06
H81 NAG NA . -13.04 33.37 -28.18
H82 NAG NA . -13.85 33.49 -26.80
H83 NAG NA . -12.46 32.70 -26.85
HN2 NAG NA . -14.14 31.18 -25.79
HO3 NAG NA . -17.70 30.55 -25.20
HO4 NAG NA . -18.51 27.63 -24.97
HO6 NAG NA . -16.54 24.53 -27.46
#